data_4HKO
# 
_entry.id   4HKO 
# 
_audit_conform.dict_name       mmcif_pdbx.dic 
_audit_conform.dict_version    5.387 
_audit_conform.dict_location   http://mmcif.pdb.org/dictionaries/ascii/mmcif_pdbx.dic 
# 
loop_
_database_2.database_id 
_database_2.database_code 
_database_2.pdbx_database_accession 
_database_2.pdbx_DOI 
PDB   4HKO         pdb_00004hko 10.2210/pdb4hko/pdb 
RCSB  RCSB075585   ?            ?                   
WWPDB D_1000075585 ?            ?                   
# 
loop_
_pdbx_audit_revision_history.ordinal 
_pdbx_audit_revision_history.data_content_type 
_pdbx_audit_revision_history.major_revision 
_pdbx_audit_revision_history.minor_revision 
_pdbx_audit_revision_history.revision_date 
1 'Structure model' 1 0 2014-01-08 
2 'Structure model' 1 1 2014-02-12 
3 'Structure model' 1 2 2017-11-15 
4 'Structure model' 1 3 2024-02-28 
# 
_pdbx_audit_revision_details.ordinal             1 
_pdbx_audit_revision_details.revision_ordinal    1 
_pdbx_audit_revision_details.data_content_type   'Structure model' 
_pdbx_audit_revision_details.provider            repository 
_pdbx_audit_revision_details.type                'Initial release' 
_pdbx_audit_revision_details.description         ? 
_pdbx_audit_revision_details.details             ? 
# 
loop_
_pdbx_audit_revision_group.ordinal 
_pdbx_audit_revision_group.revision_ordinal 
_pdbx_audit_revision_group.data_content_type 
_pdbx_audit_revision_group.group 
1 2 'Structure model' 'Database references'    
2 3 'Structure model' 'Refinement description' 
3 4 'Structure model' 'Data collection'        
4 4 'Structure model' 'Database references'    
5 4 'Structure model' 'Derived calculations'   
# 
loop_
_pdbx_audit_revision_category.ordinal 
_pdbx_audit_revision_category.revision_ordinal 
_pdbx_audit_revision_category.data_content_type 
_pdbx_audit_revision_category.category 
1 3 'Structure model' software       
2 4 'Structure model' chem_comp_atom 
3 4 'Structure model' chem_comp_bond 
4 4 'Structure model' database_2     
5 4 'Structure model' struct_site    
# 
loop_
_pdbx_audit_revision_item.ordinal 
_pdbx_audit_revision_item.revision_ordinal 
_pdbx_audit_revision_item.data_content_type 
_pdbx_audit_revision_item.item 
1  3 'Structure model' '_software.classification'            
2  3 'Structure model' '_software.contact_author'            
3  3 'Structure model' '_software.contact_author_email'      
4  3 'Structure model' '_software.date'                      
5  3 'Structure model' '_software.language'                  
6  3 'Structure model' '_software.location'                  
7  3 'Structure model' '_software.name'                      
8  3 'Structure model' '_software.type'                      
9  3 'Structure model' '_software.version'                   
10 4 'Structure model' '_database_2.pdbx_DOI'                
11 4 'Structure model' '_database_2.pdbx_database_accession' 
12 4 'Structure model' '_struct_site.pdbx_auth_asym_id'      
13 4 'Structure model' '_struct_site.pdbx_auth_comp_id'      
14 4 'Structure model' '_struct_site.pdbx_auth_seq_id'       
# 
_pdbx_database_status.entry_id                        4HKO 
_pdbx_database_status.status_code                     REL 
_pdbx_database_status.deposit_site                    RCSB 
_pdbx_database_status.process_site                    RCSB 
_pdbx_database_status.recvd_initial_deposition_date   2012-10-15 
_pdbx_database_status.status_code_sf                  REL 
_pdbx_database_status.status_code_mr                  ? 
_pdbx_database_status.SG_entry                        ? 
_pdbx_database_status.status_code_cs                  ? 
_pdbx_database_status.methods_development_category    ? 
_pdbx_database_status.pdb_format_compatible           Y 
_pdbx_database_status.status_code_nmr_data            ? 
# 
loop_
_pdbx_database_related.db_name 
_pdbx_database_related.db_id 
_pdbx_database_related.details 
_pdbx_database_related.content_type 
PDB 2DFB . unspecified 
PDB 4HK8 . unspecified 
PDB 4HK9 . unspecified 
PDB 4HKL . unspecified 
# 
loop_
_audit_author.name 
_audit_author.pdbx_ordinal 
'Langan, P.'     1 
'Wan, Q.'        2 
'Coates, L.'     3 
'Kovalevsky, A.' 4 
# 
_citation.id                        primary 
_citation.title                     
'X-ray crystallographic studies of family 11 xylanase Michaelis and product complexes: implications for the catalytic mechanism.' 
_citation.journal_abbrev            'Acta Crystallogr.,Sect.D' 
_citation.journal_volume            70 
_citation.page_first                11 
_citation.page_last                 23 
_citation.year                      2014 
_citation.journal_id_ASTM           ABCRE6 
_citation.country                   DK 
_citation.journal_id_ISSN           0907-4449 
_citation.journal_id_CSD            0766 
_citation.book_publisher            ? 
_citation.pdbx_database_id_PubMed   24419374 
_citation.pdbx_database_id_DOI      10.1107/S1399004713023626 
# 
loop_
_citation_author.citation_id 
_citation_author.name 
_citation_author.ordinal 
_citation_author.identifier_ORCID 
primary 'Wan, Q.'            1 ? 
primary 'Zhang, Q.'          2 ? 
primary 'Hamilton-Brehm, S.' 3 ? 
primary 'Weiss, K.'          4 ? 
primary 'Mustyakimov, M.'    5 ? 
primary 'Coates, L.'         6 ? 
primary 'Langan, P.'         7 ? 
primary 'Graham, D.'         8 ? 
primary 'Kovalevsky, A.'     9 ? 
# 
loop_
_entity.id 
_entity.type 
_entity.src_method 
_entity.pdbx_description 
_entity.formula_weight 
_entity.pdbx_number_of_molecules 
_entity.pdbx_ec 
_entity.pdbx_mutation 
_entity.pdbx_fragment 
_entity.details 
1 polymer     man 'Endo-1,4-beta-xylanase 2' 20726.354 1   3.2.1.8 E209Q ? ? 
2 non-polymer syn 'IODIDE ION'               126.904   6   ?       ?     ? ? 
3 water       nat water                      18.015    223 ?       ?     ? ? 
# 
_entity_name_com.entity_id   1 
_entity_name_com.name        'Xylanase 2, 1,4-beta-D-xylan xylanohydrolase 2' 
# 
_entity_poly.entity_id                      1 
_entity_poly.type                           'polypeptide(L)' 
_entity_poly.nstd_linkage                   no 
_entity_poly.nstd_monomer                   no 
_entity_poly.pdbx_seq_one_letter_code       
;TIQPGTGYNNGYFYSYWNDGHGGVTYTNGPGGQFSVNWSNSGNFVGGKGWQPGTKNKVINFSGSYNPNGNSYLSVYGWSR
NPLIEYYIVENFGTYNPSTGATKLGEVTSDGSVYDIYRTQRVNQPSIIGTATFYQYWSVRRNHRSSGSVNTANHFNAWAQ
QGLTLGTMDYQIVAVQGYFSSGSASITVS
;
_entity_poly.pdbx_seq_one_letter_code_can   
;TIQPGTGYNNGYFYSYWNDGHGGVTYTNGPGGQFSVNWSNSGNFVGGKGWQPGTKNKVINFSGSYNPNGNSYLSVYGWSR
NPLIEYYIVENFGTYNPSTGATKLGEVTSDGSVYDIYRTQRVNQPSIIGTATFYQYWSVRRNHRSSGSVNTANHFNAWAQ
QGLTLGTMDYQIVAVQGYFSSGSASITVS
;
_entity_poly.pdbx_strand_id                 A 
_entity_poly.pdbx_target_identifier         ? 
# 
loop_
_pdbx_entity_nonpoly.entity_id 
_pdbx_entity_nonpoly.name 
_pdbx_entity_nonpoly.comp_id 
2 'IODIDE ION' IOD 
3 water        HOH 
# 
loop_
_entity_poly_seq.entity_id 
_entity_poly_seq.num 
_entity_poly_seq.mon_id 
_entity_poly_seq.hetero 
1 1   THR n 
1 2   ILE n 
1 3   GLN n 
1 4   PRO n 
1 5   GLY n 
1 6   THR n 
1 7   GLY n 
1 8   TYR n 
1 9   ASN n 
1 10  ASN n 
1 11  GLY n 
1 12  TYR n 
1 13  PHE n 
1 14  TYR n 
1 15  SER n 
1 16  TYR n 
1 17  TRP n 
1 18  ASN n 
1 19  ASP n 
1 20  GLY n 
1 21  HIS n 
1 22  GLY n 
1 23  GLY n 
1 24  VAL n 
1 25  THR n 
1 26  TYR n 
1 27  THR n 
1 28  ASN n 
1 29  GLY n 
1 30  PRO n 
1 31  GLY n 
1 32  GLY n 
1 33  GLN n 
1 34  PHE n 
1 35  SER n 
1 36  VAL n 
1 37  ASN n 
1 38  TRP n 
1 39  SER n 
1 40  ASN n 
1 41  SER n 
1 42  GLY n 
1 43  ASN n 
1 44  PHE n 
1 45  VAL n 
1 46  GLY n 
1 47  GLY n 
1 48  LYS n 
1 49  GLY n 
1 50  TRP n 
1 51  GLN n 
1 52  PRO n 
1 53  GLY n 
1 54  THR n 
1 55  LYS n 
1 56  ASN n 
1 57  LYS n 
1 58  VAL n 
1 59  ILE n 
1 60  ASN n 
1 61  PHE n 
1 62  SER n 
1 63  GLY n 
1 64  SER n 
1 65  TYR n 
1 66  ASN n 
1 67  PRO n 
1 68  ASN n 
1 69  GLY n 
1 70  ASN n 
1 71  SER n 
1 72  TYR n 
1 73  LEU n 
1 74  SER n 
1 75  VAL n 
1 76  TYR n 
1 77  GLY n 
1 78  TRP n 
1 79  SER n 
1 80  ARG n 
1 81  ASN n 
1 82  PRO n 
1 83  LEU n 
1 84  ILE n 
1 85  GLU n 
1 86  TYR n 
1 87  TYR n 
1 88  ILE n 
1 89  VAL n 
1 90  GLU n 
1 91  ASN n 
1 92  PHE n 
1 93  GLY n 
1 94  THR n 
1 95  TYR n 
1 96  ASN n 
1 97  PRO n 
1 98  SER n 
1 99  THR n 
1 100 GLY n 
1 101 ALA n 
1 102 THR n 
1 103 LYS n 
1 104 LEU n 
1 105 GLY n 
1 106 GLU n 
1 107 VAL n 
1 108 THR n 
1 109 SER n 
1 110 ASP n 
1 111 GLY n 
1 112 SER n 
1 113 VAL n 
1 114 TYR n 
1 115 ASP n 
1 116 ILE n 
1 117 TYR n 
1 118 ARG n 
1 119 THR n 
1 120 GLN n 
1 121 ARG n 
1 122 VAL n 
1 123 ASN n 
1 124 GLN n 
1 125 PRO n 
1 126 SER n 
1 127 ILE n 
1 128 ILE n 
1 129 GLY n 
1 130 THR n 
1 131 ALA n 
1 132 THR n 
1 133 PHE n 
1 134 TYR n 
1 135 GLN n 
1 136 TYR n 
1 137 TRP n 
1 138 SER n 
1 139 VAL n 
1 140 ARG n 
1 141 ARG n 
1 142 ASN n 
1 143 HIS n 
1 144 ARG n 
1 145 SER n 
1 146 SER n 
1 147 GLY n 
1 148 SER n 
1 149 VAL n 
1 150 ASN n 
1 151 THR n 
1 152 ALA n 
1 153 ASN n 
1 154 HIS n 
1 155 PHE n 
1 156 ASN n 
1 157 ALA n 
1 158 TRP n 
1 159 ALA n 
1 160 GLN n 
1 161 GLN n 
1 162 GLY n 
1 163 LEU n 
1 164 THR n 
1 165 LEU n 
1 166 GLY n 
1 167 THR n 
1 168 MET n 
1 169 ASP n 
1 170 TYR n 
1 171 GLN n 
1 172 ILE n 
1 173 VAL n 
1 174 ALA n 
1 175 VAL n 
1 176 GLN n 
1 177 GLY n 
1 178 TYR n 
1 179 PHE n 
1 180 SER n 
1 181 SER n 
1 182 GLY n 
1 183 SER n 
1 184 ALA n 
1 185 SER n 
1 186 ILE n 
1 187 THR n 
1 188 VAL n 
1 189 SER n 
# 
_entity_src_gen.entity_id                          1 
_entity_src_gen.pdbx_src_id                        1 
_entity_src_gen.pdbx_alt_source_flag               sample 
_entity_src_gen.pdbx_seq_type                      ? 
_entity_src_gen.pdbx_beg_seq_num                   ? 
_entity_src_gen.pdbx_end_seq_num                   ? 
_entity_src_gen.gene_src_common_name               ? 
_entity_src_gen.gene_src_genus                     ? 
_entity_src_gen.pdbx_gene_src_gene                 xyn2 
_entity_src_gen.gene_src_species                   ? 
_entity_src_gen.gene_src_strain                    ? 
_entity_src_gen.gene_src_tissue                    ? 
_entity_src_gen.gene_src_tissue_fraction           ? 
_entity_src_gen.gene_src_details                   ? 
_entity_src_gen.pdbx_gene_src_fragment             ? 
_entity_src_gen.pdbx_gene_src_scientific_name      'Trichoderma reesei' 
_entity_src_gen.pdbx_gene_src_ncbi_taxonomy_id     51453 
_entity_src_gen.pdbx_gene_src_variant              ? 
_entity_src_gen.pdbx_gene_src_cell_line            ? 
_entity_src_gen.pdbx_gene_src_atcc                 ? 
_entity_src_gen.pdbx_gene_src_organ                ? 
_entity_src_gen.pdbx_gene_src_organelle            ? 
_entity_src_gen.pdbx_gene_src_cell                 ? 
_entity_src_gen.pdbx_gene_src_cellular_location    ? 
_entity_src_gen.host_org_common_name               ? 
_entity_src_gen.pdbx_host_org_scientific_name      'Escherichia coli' 
_entity_src_gen.pdbx_host_org_ncbi_taxonomy_id     469008 
_entity_src_gen.host_org_genus                     ? 
_entity_src_gen.pdbx_host_org_gene                 ? 
_entity_src_gen.pdbx_host_org_organ                ? 
_entity_src_gen.host_org_species                   ? 
_entity_src_gen.pdbx_host_org_tissue               ? 
_entity_src_gen.pdbx_host_org_tissue_fraction      ? 
_entity_src_gen.pdbx_host_org_strain               'BL21(DE3)' 
_entity_src_gen.pdbx_host_org_variant              ? 
_entity_src_gen.pdbx_host_org_cell_line            ? 
_entity_src_gen.pdbx_host_org_atcc                 ? 
_entity_src_gen.pdbx_host_org_culture_collection   ? 
_entity_src_gen.pdbx_host_org_cell                 ? 
_entity_src_gen.pdbx_host_org_organelle            ? 
_entity_src_gen.pdbx_host_org_cellular_location    ? 
_entity_src_gen.pdbx_host_org_vector_type          plasmid 
_entity_src_gen.pdbx_host_org_vector               ? 
_entity_src_gen.host_org_details                   ? 
_entity_src_gen.expression_system_id               ? 
_entity_src_gen.plasmid_name                       pJexpress401 
_entity_src_gen.plasmid_details                    ? 
_entity_src_gen.pdbx_description                   ? 
# 
loop_
_chem_comp.id 
_chem_comp.type 
_chem_comp.mon_nstd_flag 
_chem_comp.name 
_chem_comp.pdbx_synonyms 
_chem_comp.formula 
_chem_comp.formula_weight 
ALA 'L-peptide linking' y ALANINE         ? 'C3 H7 N O2'     89.093  
ARG 'L-peptide linking' y ARGININE        ? 'C6 H15 N4 O2 1' 175.209 
ASN 'L-peptide linking' y ASPARAGINE      ? 'C4 H8 N2 O3'    132.118 
ASP 'L-peptide linking' y 'ASPARTIC ACID' ? 'C4 H7 N O4'     133.103 
GLN 'L-peptide linking' y GLUTAMINE       ? 'C5 H10 N2 O3'   146.144 
GLU 'L-peptide linking' y 'GLUTAMIC ACID' ? 'C5 H9 N O4'     147.129 
GLY 'peptide linking'   y GLYCINE         ? 'C2 H5 N O2'     75.067  
HIS 'L-peptide linking' y HISTIDINE       ? 'C6 H10 N3 O2 1' 156.162 
HOH non-polymer         . WATER           ? 'H2 O'           18.015  
ILE 'L-peptide linking' y ISOLEUCINE      ? 'C6 H13 N O2'    131.173 
IOD non-polymer         . 'IODIDE ION'    ? 'I -1'           126.904 
LEU 'L-peptide linking' y LEUCINE         ? 'C6 H13 N O2'    131.173 
LYS 'L-peptide linking' y LYSINE          ? 'C6 H15 N2 O2 1' 147.195 
MET 'L-peptide linking' y METHIONINE      ? 'C5 H11 N O2 S'  149.211 
PHE 'L-peptide linking' y PHENYLALANINE   ? 'C9 H11 N O2'    165.189 
PRO 'L-peptide linking' y PROLINE         ? 'C5 H9 N O2'     115.130 
SER 'L-peptide linking' y SERINE          ? 'C3 H7 N O3'     105.093 
THR 'L-peptide linking' y THREONINE       ? 'C4 H9 N O3'     119.119 
TRP 'L-peptide linking' y TRYPTOPHAN      ? 'C11 H12 N2 O2'  204.225 
TYR 'L-peptide linking' y TYROSINE        ? 'C9 H11 N O3'    181.189 
VAL 'L-peptide linking' y VALINE          ? 'C5 H11 N O2'    117.146 
# 
loop_
_pdbx_poly_seq_scheme.asym_id 
_pdbx_poly_seq_scheme.entity_id 
_pdbx_poly_seq_scheme.seq_id 
_pdbx_poly_seq_scheme.mon_id 
_pdbx_poly_seq_scheme.ndb_seq_num 
_pdbx_poly_seq_scheme.pdb_seq_num 
_pdbx_poly_seq_scheme.auth_seq_num 
_pdbx_poly_seq_scheme.pdb_mon_id 
_pdbx_poly_seq_scheme.auth_mon_id 
_pdbx_poly_seq_scheme.pdb_strand_id 
_pdbx_poly_seq_scheme.pdb_ins_code 
_pdbx_poly_seq_scheme.hetero 
A 1 1   THR 1   2   2   THR THR A . n 
A 1 2   ILE 2   3   3   ILE ILE A . n 
A 1 3   GLN 3   4   4   GLN GLN A . n 
A 1 4   PRO 4   5   5   PRO PRO A . n 
A 1 5   GLY 5   6   6   GLY GLY A . n 
A 1 6   THR 6   7   7   THR THR A . n 
A 1 7   GLY 7   8   8   GLY GLY A . n 
A 1 8   TYR 8   9   9   TYR TYR A . n 
A 1 9   ASN 9   10  10  ASN ASN A . n 
A 1 10  ASN 10  11  11  ASN ASN A . n 
A 1 11  GLY 11  12  12  GLY GLY A . n 
A 1 12  TYR 12  13  13  TYR TYR A . n 
A 1 13  PHE 13  14  14  PHE PHE A . n 
A 1 14  TYR 14  15  15  TYR TYR A . n 
A 1 15  SER 15  16  16  SER SER A . n 
A 1 16  TYR 16  17  17  TYR TYR A . n 
A 1 17  TRP 17  18  18  TRP TRP A . n 
A 1 18  ASN 18  19  19  ASN ASN A . n 
A 1 19  ASP 19  20  20  ASP ASP A . n 
A 1 20  GLY 20  21  21  GLY GLY A . n 
A 1 21  HIS 21  22  22  HIS HIS A . n 
A 1 22  GLY 22  23  23  GLY GLY A . n 
A 1 23  GLY 23  24  24  GLY GLY A . n 
A 1 24  VAL 24  25  25  VAL VAL A . n 
A 1 25  THR 25  26  26  THR THR A . n 
A 1 26  TYR 26  27  27  TYR TYR A . n 
A 1 27  THR 27  28  28  THR THR A . n 
A 1 28  ASN 28  29  29  ASN ASN A . n 
A 1 29  GLY 29  30  30  GLY GLY A . n 
A 1 30  PRO 30  31  31  PRO PRO A . n 
A 1 31  GLY 31  32  32  GLY GLY A . n 
A 1 32  GLY 32  33  33  GLY GLY A . n 
A 1 33  GLN 33  34  34  GLN GLN A . n 
A 1 34  PHE 34  35  35  PHE PHE A . n 
A 1 35  SER 35  36  36  SER SER A . n 
A 1 36  VAL 36  37  37  VAL VAL A . n 
A 1 37  ASN 37  38  38  ASN ASN A . n 
A 1 38  TRP 38  39  39  TRP TRP A . n 
A 1 39  SER 39  40  40  SER SER A . n 
A 1 40  ASN 40  41  41  ASN ASN A . n 
A 1 41  SER 41  42  42  SER SER A . n 
A 1 42  GLY 42  43  43  GLY GLY A . n 
A 1 43  ASN 43  44  44  ASN ASN A . n 
A 1 44  PHE 44  45  45  PHE PHE A . n 
A 1 45  VAL 45  46  46  VAL VAL A . n 
A 1 46  GLY 46  47  47  GLY GLY A . n 
A 1 47  GLY 47  48  48  GLY GLY A . n 
A 1 48  LYS 48  49  49  LYS LYS A . n 
A 1 49  GLY 49  50  50  GLY GLY A . n 
A 1 50  TRP 50  51  51  TRP TRP A . n 
A 1 51  GLN 51  52  52  GLN GLN A . n 
A 1 52  PRO 52  53  53  PRO PRO A . n 
A 1 53  GLY 53  54  54  GLY GLY A . n 
A 1 54  THR 54  55  55  THR THR A . n 
A 1 55  LYS 55  56  56  LYS LYS A . n 
A 1 56  ASN 56  57  57  ASN ASN A . n 
A 1 57  LYS 57  58  58  LYS LYS A . n 
A 1 58  VAL 58  59  59  VAL VAL A . n 
A 1 59  ILE 59  60  60  ILE ILE A . n 
A 1 60  ASN 60  61  61  ASN ASN A . n 
A 1 61  PHE 61  62  62  PHE PHE A . n 
A 1 62  SER 62  63  63  SER SER A . n 
A 1 63  GLY 63  64  64  GLY GLY A . n 
A 1 64  SER 64  65  65  SER SER A . n 
A 1 65  TYR 65  66  66  TYR TYR A . n 
A 1 66  ASN 66  67  67  ASN ASN A . n 
A 1 67  PRO 67  68  68  PRO PRO A . n 
A 1 68  ASN 68  69  69  ASN ASN A . n 
A 1 69  GLY 69  70  70  GLY GLY A . n 
A 1 70  ASN 70  71  71  ASN ASN A . n 
A 1 71  SER 71  72  72  SER SER A . n 
A 1 72  TYR 72  73  73  TYR TYR A . n 
A 1 73  LEU 73  74  74  LEU LEU A . n 
A 1 74  SER 74  75  75  SER SER A . n 
A 1 75  VAL 75  76  76  VAL VAL A . n 
A 1 76  TYR 76  77  77  TYR TYR A . n 
A 1 77  GLY 77  78  78  GLY GLY A . n 
A 1 78  TRP 78  79  79  TRP TRP A . n 
A 1 79  SER 79  80  80  SER SER A . n 
A 1 80  ARG 80  81  81  ARG ARG A . n 
A 1 81  ASN 81  82  82  ASN ASN A . n 
A 1 82  PRO 82  83  83  PRO PRO A . n 
A 1 83  LEU 83  84  84  LEU LEU A . n 
A 1 84  ILE 84  85  85  ILE ILE A . n 
A 1 85  GLU 85  86  86  GLU GLU A . n 
A 1 86  TYR 86  87  87  TYR TYR A . n 
A 1 87  TYR 87  88  88  TYR TYR A . n 
A 1 88  ILE 88  89  89  ILE ILE A . n 
A 1 89  VAL 89  90  90  VAL VAL A . n 
A 1 90  GLU 90  91  91  GLU GLU A . n 
A 1 91  ASN 91  92  92  ASN ASN A . n 
A 1 92  PHE 92  93  93  PHE PHE A . n 
A 1 93  GLY 93  94  94  GLY GLY A . n 
A 1 94  THR 94  95  95  THR THR A . n 
A 1 95  TYR 95  96  96  TYR TYR A . n 
A 1 96  ASN 96  97  97  ASN ASN A . n 
A 1 97  PRO 97  98  98  PRO PRO A . n 
A 1 98  SER 98  99  99  SER SER A . n 
A 1 99  THR 99  100 100 THR THR A . n 
A 1 100 GLY 100 101 101 GLY GLY A . n 
A 1 101 ALA 101 102 102 ALA ALA A . n 
A 1 102 THR 102 103 103 THR THR A . n 
A 1 103 LYS 103 104 104 LYS LYS A . n 
A 1 104 LEU 104 105 105 LEU LEU A . n 
A 1 105 GLY 105 106 106 GLY GLY A . n 
A 1 106 GLU 106 107 107 GLU GLU A . n 
A 1 107 VAL 107 108 108 VAL VAL A . n 
A 1 108 THR 108 109 109 THR THR A . n 
A 1 109 SER 109 110 110 SER SER A . n 
A 1 110 ASP 110 111 111 ASP ASP A . n 
A 1 111 GLY 111 112 112 GLY GLY A . n 
A 1 112 SER 112 113 113 SER SER A . n 
A 1 113 VAL 113 114 114 VAL VAL A . n 
A 1 114 TYR 114 115 115 TYR TYR A . n 
A 1 115 ASP 115 116 116 ASP ASP A . n 
A 1 116 ILE 116 117 117 ILE ILE A . n 
A 1 117 TYR 117 118 118 TYR TYR A . n 
A 1 118 ARG 118 119 119 ARG ARG A . n 
A 1 119 THR 119 120 120 THR THR A . n 
A 1 120 GLN 120 121 121 GLN GLN A . n 
A 1 121 ARG 121 122 122 ARG ARG A . n 
A 1 122 VAL 122 123 123 VAL VAL A . n 
A 1 123 ASN 123 124 124 ASN ASN A . n 
A 1 124 GLN 124 125 125 GLN GLN A . n 
A 1 125 PRO 125 126 126 PRO PRO A . n 
A 1 126 SER 126 127 127 SER SER A . n 
A 1 127 ILE 127 128 128 ILE ILE A . n 
A 1 128 ILE 128 129 129 ILE ILE A . n 
A 1 129 GLY 129 130 130 GLY GLY A . n 
A 1 130 THR 130 131 131 THR THR A . n 
A 1 131 ALA 131 132 132 ALA ALA A . n 
A 1 132 THR 132 133 133 THR THR A . n 
A 1 133 PHE 133 134 134 PHE PHE A . n 
A 1 134 TYR 134 135 135 TYR TYR A . n 
A 1 135 GLN 135 136 136 GLN GLN A . n 
A 1 136 TYR 136 137 137 TYR TYR A . n 
A 1 137 TRP 137 138 138 TRP TRP A . n 
A 1 138 SER 138 139 139 SER SER A . n 
A 1 139 VAL 139 140 140 VAL VAL A . n 
A 1 140 ARG 140 141 141 ARG ARG A . n 
A 1 141 ARG 141 142 142 ARG ARG A . n 
A 1 142 ASN 142 143 143 ASN ASN A . n 
A 1 143 HIS 143 144 144 HIS HIS A . n 
A 1 144 ARG 144 145 145 ARG ARG A . n 
A 1 145 SER 145 146 146 SER SER A . n 
A 1 146 SER 146 147 147 SER SER A . n 
A 1 147 GLY 147 148 148 GLY GLY A . n 
A 1 148 SER 148 149 149 SER SER A . n 
A 1 149 VAL 149 150 150 VAL VAL A . n 
A 1 150 ASN 150 151 151 ASN ASN A . n 
A 1 151 THR 151 152 152 THR THR A . n 
A 1 152 ALA 152 153 153 ALA ALA A . n 
A 1 153 ASN 153 154 154 ASN ASN A . n 
A 1 154 HIS 154 155 155 HIS HIS A . n 
A 1 155 PHE 155 156 156 PHE PHE A . n 
A 1 156 ASN 156 157 157 ASN ASN A . n 
A 1 157 ALA 157 158 158 ALA ALA A . n 
A 1 158 TRP 158 159 159 TRP TRP A . n 
A 1 159 ALA 159 160 160 ALA ALA A . n 
A 1 160 GLN 160 161 161 GLN GLN A . n 
A 1 161 GLN 161 162 162 GLN GLN A . n 
A 1 162 GLY 162 163 163 GLY GLY A . n 
A 1 163 LEU 163 164 164 LEU LEU A . n 
A 1 164 THR 164 165 165 THR THR A . n 
A 1 165 LEU 165 166 166 LEU LEU A . n 
A 1 166 GLY 166 167 167 GLY GLY A . n 
A 1 167 THR 167 168 168 THR THR A . n 
A 1 168 MET 168 169 169 MET MET A . n 
A 1 169 ASP 169 170 170 ASP ASP A . n 
A 1 170 TYR 170 171 171 TYR TYR A . n 
A 1 171 GLN 171 172 172 GLN GLN A . n 
A 1 172 ILE 172 173 173 ILE ILE A . n 
A 1 173 VAL 173 174 174 VAL VAL A . n 
A 1 174 ALA 174 175 175 ALA ALA A . n 
A 1 175 VAL 175 176 176 VAL VAL A . n 
A 1 176 GLN 176 177 177 GLN GLN A . n 
A 1 177 GLY 177 178 178 GLY GLY A . n 
A 1 178 TYR 178 179 179 TYR TYR A . n 
A 1 179 PHE 179 180 180 PHE PHE A . n 
A 1 180 SER 180 181 181 SER SER A . n 
A 1 181 SER 181 182 182 SER SER A . n 
A 1 182 GLY 182 183 183 GLY GLY A . n 
A 1 183 SER 183 184 184 SER SER A . n 
A 1 184 ALA 184 185 185 ALA ALA A . n 
A 1 185 SER 185 186 186 SER SER A . n 
A 1 186 ILE 186 187 187 ILE ILE A . n 
A 1 187 THR 187 188 188 THR THR A . n 
A 1 188 VAL 188 189 189 VAL VAL A . n 
A 1 189 SER 189 190 190 SER SER A . n 
# 
loop_
_pdbx_nonpoly_scheme.asym_id 
_pdbx_nonpoly_scheme.entity_id 
_pdbx_nonpoly_scheme.mon_id 
_pdbx_nonpoly_scheme.ndb_seq_num 
_pdbx_nonpoly_scheme.pdb_seq_num 
_pdbx_nonpoly_scheme.auth_seq_num 
_pdbx_nonpoly_scheme.pdb_mon_id 
_pdbx_nonpoly_scheme.auth_mon_id 
_pdbx_nonpoly_scheme.pdb_strand_id 
_pdbx_nonpoly_scheme.pdb_ins_code 
B 2 IOD 1   500 500 IOD IOD A . 
C 2 IOD 1   501 501 IOD IOD A . 
D 2 IOD 1   502 502 IOD IOD A . 
E 2 IOD 1   503 503 IOD IOD A . 
F 2 IOD 1   504 504 IOD IOD A . 
G 2 IOD 1   505 505 IOD IOD A . 
H 3 HOH 1   601 1   HOH HOH A . 
H 3 HOH 2   602 2   HOH HOH A . 
H 3 HOH 3   603 3   HOH HOH A . 
H 3 HOH 4   604 4   HOH HOH A . 
H 3 HOH 5   605 5   HOH HOH A . 
H 3 HOH 6   606 6   HOH HOH A . 
H 3 HOH 7   607 8   HOH HOH A . 
H 3 HOH 8   608 9   HOH HOH A . 
H 3 HOH 9   609 10  HOH HOH A . 
H 3 HOH 10  610 11  HOH HOH A . 
H 3 HOH 11  611 12  HOH HOH A . 
H 3 HOH 12  612 13  HOH HOH A . 
H 3 HOH 13  613 14  HOH HOH A . 
H 3 HOH 14  614 15  HOH HOH A . 
H 3 HOH 15  615 16  HOH HOH A . 
H 3 HOH 16  616 17  HOH HOH A . 
H 3 HOH 17  617 18  HOH HOH A . 
H 3 HOH 18  618 19  HOH HOH A . 
H 3 HOH 19  619 20  HOH HOH A . 
H 3 HOH 20  620 21  HOH HOH A . 
H 3 HOH 21  621 23  HOH HOH A . 
H 3 HOH 22  622 24  HOH HOH A . 
H 3 HOH 23  623 25  HOH HOH A . 
H 3 HOH 24  624 26  HOH HOH A . 
H 3 HOH 25  625 27  HOH HOH A . 
H 3 HOH 26  626 28  HOH HOH A . 
H 3 HOH 27  627 29  HOH HOH A . 
H 3 HOH 28  628 30  HOH HOH A . 
H 3 HOH 29  629 31  HOH HOH A . 
H 3 HOH 30  630 32  HOH HOH A . 
H 3 HOH 31  631 33  HOH HOH A . 
H 3 HOH 32  632 34  HOH HOH A . 
H 3 HOH 33  633 35  HOH HOH A . 
H 3 HOH 34  634 36  HOH HOH A . 
H 3 HOH 35  635 37  HOH HOH A . 
H 3 HOH 36  636 38  HOH HOH A . 
H 3 HOH 37  637 39  HOH HOH A . 
H 3 HOH 38  638 40  HOH HOH A . 
H 3 HOH 39  639 41  HOH HOH A . 
H 3 HOH 40  640 43  HOH HOH A . 
H 3 HOH 41  641 44  HOH HOH A . 
H 3 HOH 42  642 45  HOH HOH A . 
H 3 HOH 43  643 46  HOH HOH A . 
H 3 HOH 44  644 47  HOH HOH A . 
H 3 HOH 45  645 48  HOH HOH A . 
H 3 HOH 46  646 49  HOH HOH A . 
H 3 HOH 47  647 50  HOH HOH A . 
H 3 HOH 48  648 51  HOH HOH A . 
H 3 HOH 49  649 53  HOH HOH A . 
H 3 HOH 50  650 54  HOH HOH A . 
H 3 HOH 51  651 55  HOH HOH A . 
H 3 HOH 52  652 56  HOH HOH A . 
H 3 HOH 53  653 57  HOH HOH A . 
H 3 HOH 54  654 58  HOH HOH A . 
H 3 HOH 55  655 59  HOH HOH A . 
H 3 HOH 56  656 60  HOH HOH A . 
H 3 HOH 57  657 61  HOH HOH A . 
H 3 HOH 58  658 62  HOH HOH A . 
H 3 HOH 59  659 63  HOH HOH A . 
H 3 HOH 60  660 64  HOH HOH A . 
H 3 HOH 61  661 65  HOH HOH A . 
H 3 HOH 62  662 66  HOH HOH A . 
H 3 HOH 63  663 67  HOH HOH A . 
H 3 HOH 64  664 68  HOH HOH A . 
H 3 HOH 65  665 70  HOH HOH A . 
H 3 HOH 66  666 71  HOH HOH A . 
H 3 HOH 67  667 72  HOH HOH A . 
H 3 HOH 68  668 73  HOH HOH A . 
H 3 HOH 69  669 74  HOH HOH A . 
H 3 HOH 70  670 75  HOH HOH A . 
H 3 HOH 71  671 76  HOH HOH A . 
H 3 HOH 72  672 78  HOH HOH A . 
H 3 HOH 73  673 79  HOH HOH A . 
H 3 HOH 74  674 80  HOH HOH A . 
H 3 HOH 75  675 81  HOH HOH A . 
H 3 HOH 76  676 82  HOH HOH A . 
H 3 HOH 77  677 84  HOH HOH A . 
H 3 HOH 78  678 85  HOH HOH A . 
H 3 HOH 79  679 86  HOH HOH A . 
H 3 HOH 80  680 87  HOH HOH A . 
H 3 HOH 81  681 88  HOH HOH A . 
H 3 HOH 82  682 89  HOH HOH A . 
H 3 HOH 83  683 90  HOH HOH A . 
H 3 HOH 84  684 91  HOH HOH A . 
H 3 HOH 85  685 92  HOH HOH A . 
H 3 HOH 86  686 93  HOH HOH A . 
H 3 HOH 87  687 94  HOH HOH A . 
H 3 HOH 88  688 95  HOH HOH A . 
H 3 HOH 89  689 96  HOH HOH A . 
H 3 HOH 90  690 97  HOH HOH A . 
H 3 HOH 91  691 98  HOH HOH A . 
H 3 HOH 92  692 99  HOH HOH A . 
H 3 HOH 93  693 101 HOH HOH A . 
H 3 HOH 94  694 102 HOH HOH A . 
H 3 HOH 95  695 103 HOH HOH A . 
H 3 HOH 96  696 104 HOH HOH A . 
H 3 HOH 97  697 105 HOH HOH A . 
H 3 HOH 98  698 106 HOH HOH A . 
H 3 HOH 99  699 107 HOH HOH A . 
H 3 HOH 100 700 110 HOH HOH A . 
H 3 HOH 101 701 111 HOH HOH A . 
H 3 HOH 102 702 112 HOH HOH A . 
H 3 HOH 103 703 114 HOH HOH A . 
H 3 HOH 104 704 115 HOH HOH A . 
H 3 HOH 105 705 116 HOH HOH A . 
H 3 HOH 106 706 117 HOH HOH A . 
H 3 HOH 107 707 118 HOH HOH A . 
H 3 HOH 108 708 119 HOH HOH A . 
H 3 HOH 109 709 120 HOH HOH A . 
H 3 HOH 110 710 122 HOH HOH A . 
H 3 HOH 111 711 123 HOH HOH A . 
H 3 HOH 112 712 124 HOH HOH A . 
H 3 HOH 113 713 125 HOH HOH A . 
H 3 HOH 114 714 127 HOH HOH A . 
H 3 HOH 115 715 128 HOH HOH A . 
H 3 HOH 116 716 130 HOH HOH A . 
H 3 HOH 117 717 132 HOH HOH A . 
H 3 HOH 118 718 133 HOH HOH A . 
H 3 HOH 119 719 134 HOH HOH A . 
H 3 HOH 120 720 136 HOH HOH A . 
H 3 HOH 121 721 137 HOH HOH A . 
H 3 HOH 122 722 139 HOH HOH A . 
H 3 HOH 123 723 140 HOH HOH A . 
H 3 HOH 124 724 141 HOH HOH A . 
H 3 HOH 125 725 142 HOH HOH A . 
H 3 HOH 126 726 143 HOH HOH A . 
H 3 HOH 127 727 144 HOH HOH A . 
H 3 HOH 128 728 145 HOH HOH A . 
H 3 HOH 129 729 146 HOH HOH A . 
H 3 HOH 130 730 147 HOH HOH A . 
H 3 HOH 131 731 148 HOH HOH A . 
H 3 HOH 132 732 149 HOH HOH A . 
H 3 HOH 133 733 150 HOH HOH A . 
H 3 HOH 134 734 152 HOH HOH A . 
H 3 HOH 135 735 155 HOH HOH A . 
H 3 HOH 136 736 156 HOH HOH A . 
H 3 HOH 137 737 158 HOH HOH A . 
H 3 HOH 138 738 160 HOH HOH A . 
H 3 HOH 139 739 161 HOH HOH A . 
H 3 HOH 140 740 162 HOH HOH A . 
H 3 HOH 141 741 163 HOH HOH A . 
H 3 HOH 142 742 164 HOH HOH A . 
H 3 HOH 143 743 165 HOH HOH A . 
H 3 HOH 144 744 166 HOH HOH A . 
H 3 HOH 145 745 167 HOH HOH A . 
H 3 HOH 146 746 168 HOH HOH A . 
H 3 HOH 147 747 169 HOH HOH A . 
H 3 HOH 148 748 170 HOH HOH A . 
H 3 HOH 149 749 171 HOH HOH A . 
H 3 HOH 150 750 172 HOH HOH A . 
H 3 HOH 151 751 173 HOH HOH A . 
H 3 HOH 152 752 174 HOH HOH A . 
H 3 HOH 153 753 177 HOH HOH A . 
H 3 HOH 154 754 178 HOH HOH A . 
H 3 HOH 155 755 179 HOH HOH A . 
H 3 HOH 156 756 180 HOH HOH A . 
H 3 HOH 157 757 181 HOH HOH A . 
H 3 HOH 158 758 182 HOH HOH A . 
H 3 HOH 159 759 185 HOH HOH A . 
H 3 HOH 160 760 186 HOH HOH A . 
H 3 HOH 161 761 187 HOH HOH A . 
H 3 HOH 162 762 188 HOH HOH A . 
H 3 HOH 163 763 189 HOH HOH A . 
H 3 HOH 164 764 190 HOH HOH A . 
H 3 HOH 165 765 192 HOH HOH A . 
H 3 HOH 166 766 194 HOH HOH A . 
H 3 HOH 167 767 195 HOH HOH A . 
H 3 HOH 168 768 196 HOH HOH A . 
H 3 HOH 169 769 198 HOH HOH A . 
H 3 HOH 170 770 200 HOH HOH A . 
H 3 HOH 171 771 201 HOH HOH A . 
H 3 HOH 172 772 202 HOH HOH A . 
H 3 HOH 173 773 204 HOH HOH A . 
H 3 HOH 174 774 205 HOH HOH A . 
H 3 HOH 175 775 207 HOH HOH A . 
H 3 HOH 176 776 210 HOH HOH A . 
H 3 HOH 177 777 212 HOH HOH A . 
H 3 HOH 178 778 213 HOH HOH A . 
H 3 HOH 179 779 218 HOH HOH A . 
H 3 HOH 180 780 219 HOH HOH A . 
H 3 HOH 181 781 221 HOH HOH A . 
H 3 HOH 182 782 224 HOH HOH A . 
H 3 HOH 183 783 226 HOH HOH A . 
H 3 HOH 184 784 227 HOH HOH A . 
H 3 HOH 185 785 228 HOH HOH A . 
H 3 HOH 186 786 229 HOH HOH A . 
H 3 HOH 187 787 230 HOH HOH A . 
H 3 HOH 188 788 232 HOH HOH A . 
H 3 HOH 189 789 233 HOH HOH A . 
H 3 HOH 190 790 238 HOH HOH A . 
H 3 HOH 191 791 239 HOH HOH A . 
H 3 HOH 192 792 240 HOH HOH A . 
H 3 HOH 193 793 241 HOH HOH A . 
H 3 HOH 194 794 242 HOH HOH A . 
H 3 HOH 195 795 243 HOH HOH A . 
H 3 HOH 196 796 244 HOH HOH A . 
H 3 HOH 197 797 245 HOH HOH A . 
H 3 HOH 198 798 246 HOH HOH A . 
H 3 HOH 199 799 248 HOH HOH A . 
H 3 HOH 200 800 250 HOH HOH A . 
H 3 HOH 201 801 251 HOH HOH A . 
H 3 HOH 202 802 253 HOH HOH A . 
H 3 HOH 203 803 254 HOH HOH A . 
H 3 HOH 204 804 255 HOH HOH A . 
H 3 HOH 205 805 256 HOH HOH A . 
H 3 HOH 206 806 260 HOH HOH A . 
H 3 HOH 207 807 261 HOH HOH A . 
H 3 HOH 208 808 263 HOH HOH A . 
H 3 HOH 209 809 264 HOH HOH A . 
H 3 HOH 210 810 266 HOH HOH A . 
H 3 HOH 211 811 267 HOH HOH A . 
H 3 HOH 212 812 268 HOH HOH A . 
H 3 HOH 213 813 269 HOH HOH A . 
H 3 HOH 214 814 270 HOH HOH A . 
H 3 HOH 215 815 271 HOH HOH A . 
H 3 HOH 216 816 272 HOH HOH A . 
H 3 HOH 217 817 273 HOH HOH A . 
H 3 HOH 218 818 274 HOH HOH A . 
H 3 HOH 219 819 275 HOH HOH A . 
H 3 HOH 220 820 276 HOH HOH A . 
H 3 HOH 221 821 277 HOH HOH A . 
H 3 HOH 222 822 278 HOH HOH A . 
H 3 HOH 223 823 279 HOH HOH A . 
# 
loop_
_software.pdbx_ordinal 
_software.name 
_software.version 
_software.date 
_software.type 
_software.contact_author 
_software.contact_author_email 
_software.classification 
_software.location 
_software.language 
_software.citation_id 
1 DENZO       .        ?                package 'Zbyszek Otwinowski' hkl@hkl-xray.com         'data reduction'  
http://www.hkl-xray.com/                  ?   ? 
2 SCALEPACK   .        ?                package 'Zbyszek Otwinowski' hkl@hkl-xray.com         'data scaling'    
http://www.hkl-xray.com/                  ?   ? 
3 PHENIX      1.8_1069 ?                package 'Paul D. Adams'      PDAdams@lbl.gov          refinement        
http://www.phenix-online.org/             C++ ? 
4 PDB_EXTRACT 3.11     'April 22, 2011' package PDB                  deposit@deposit.rcsb.org 'data extraction' 
http://sw-tools.pdb.org/apps/PDB_EXTRACT/ C++ ? 
5 HKL-2000    .        ?                ?       ?                    ?                        'data collection' ? ?   ? 
6 HKL-2000    .        ?                ?       ?                    ?                        'data reduction'  ? ?   ? 
7 PHASER      .        ?                ?       ?                    ?                        phasing           ? ?   ? 
# 
_cell.length_a           48.216 
_cell.length_b           59.209 
_cell.length_c           69.718 
_cell.angle_alpha        90.000 
_cell.angle_beta         90.000 
_cell.angle_gamma        90.000 
_cell.entry_id           4HKO 
_cell.pdbx_unique_axis   ? 
_cell.Z_PDB              4 
_cell.length_a_esd       ? 
_cell.length_b_esd       ? 
_cell.length_c_esd       ? 
_cell.angle_alpha_esd    ? 
_cell.angle_beta_esd     ? 
_cell.angle_gamma_esd    ? 
# 
_symmetry.space_group_name_H-M             'P 21 21 21' 
_symmetry.entry_id                         4HKO 
_symmetry.Int_Tables_number                19 
_symmetry.pdbx_full_space_group_name_H-M   ? 
_symmetry.cell_setting                     ? 
_symmetry.space_group_name_Hall            ? 
# 
_exptl.crystals_number   1 
_exptl.entry_id          4HKO 
_exptl.method            'X-RAY DIFFRACTION' 
# 
_exptl_crystal.id                    1 
_exptl_crystal.density_Matthews      2.40 
_exptl_crystal.density_meas          ? 
_exptl_crystal.density_percent_sol   48.76 
_exptl_crystal.description           ? 
_exptl_crystal.F_000                 ? 
_exptl_crystal.preparation           ? 
# 
_exptl_crystal_grow.crystal_id      1 
_exptl_crystal_grow.method          'VAPOR DIFFUSION' 
_exptl_crystal_grow.pH              6.0 
_exptl_crystal_grow.temp            298 
_exptl_crystal_grow.pdbx_details    '15-20 % PEG 8,000, 0.2 M NaI, 0.1 M MES, pH6.0 , VAPOR DIFFUSION, temperature 298K' 
_exptl_crystal_grow.temp_details    ? 
_exptl_crystal_grow.pdbx_pH_range   ? 
# 
_diffrn.id                     1 
_diffrn.ambient_temp           100 
_diffrn.ambient_temp_details   ? 
_diffrn.crystal_id             1 
# 
_diffrn_detector.diffrn_id              1 
_diffrn_detector.detector               'IMAGE PLATE' 
_diffrn_detector.details                ? 
_diffrn_detector.type                   'RIGAKU RAXIS IV++' 
_diffrn_detector.pdbx_collection_date   2012-10-13 
# 
_diffrn_radiation.diffrn_id                        1 
_diffrn_radiation.pdbx_diffrn_protocol             'SINGLE WAVELENGTH' 
_diffrn_radiation.monochromator                    ? 
_diffrn_radiation.wavelength_id                    1 
_diffrn_radiation.pdbx_monochromatic_or_laue_m_l   ? 
_diffrn_radiation.pdbx_scattering_type             x-ray 
# 
_diffrn_radiation_wavelength.id           1 
_diffrn_radiation_wavelength.wavelength   1.54 
_diffrn_radiation_wavelength.wt           1.0 
# 
_diffrn_source.diffrn_id                   1 
_diffrn_source.source                      'ROTATING ANODE' 
_diffrn_source.type                        'RIGAKU FR-E SUPERBRIGHT' 
_diffrn_source.pdbx_wavelength_list        1.54 
_diffrn_source.pdbx_wavelength             ? 
_diffrn_source.pdbx_synchrotron_site       ? 
_diffrn_source.pdbx_synchrotron_beamline   ? 
# 
_reflns.entry_id                     4HKO 
_reflns.d_resolution_high            1.500 
_reflns.d_resolution_low             20.000 
_reflns.number_obs                   32599 
_reflns.pdbx_Rmerge_I_obs            0.069 
_reflns.pdbx_netI_over_sigmaI        13.200 
_reflns.pdbx_chi_squared             1.075 
_reflns.pdbx_redundancy              3.700 
_reflns.percent_possible_obs         99.600 
_reflns.observed_criterion_sigma_F   ? 
_reflns.observed_criterion_sigma_I   ? 
_reflns.number_all                   ? 
_reflns.pdbx_Rsym_value              ? 
_reflns.B_iso_Wilson_estimate        ? 
_reflns.R_free_details               ? 
_reflns.limit_h_max                  ? 
_reflns.limit_h_min                  ? 
_reflns.limit_k_max                  ? 
_reflns.limit_k_min                  ? 
_reflns.limit_l_max                  ? 
_reflns.limit_l_min                  ? 
_reflns.observed_criterion_F_max     ? 
_reflns.observed_criterion_F_min     ? 
_reflns.pdbx_scaling_rejects         ? 
_reflns.pdbx_ordinal                 1 
_reflns.pdbx_diffrn_id               1 
# 
loop_
_reflns_shell.d_res_high 
_reflns_shell.d_res_low 
_reflns_shell.number_measured_obs 
_reflns_shell.number_measured_all 
_reflns_shell.number_unique_obs 
_reflns_shell.Rmerge_I_obs 
_reflns_shell.meanI_over_sigI_obs 
_reflns_shell.pdbx_Rsym_value 
_reflns_shell.pdbx_chi_squared 
_reflns_shell.pdbx_redundancy 
_reflns_shell.percent_possible_obs 
_reflns_shell.number_unique_all 
_reflns_shell.percent_possible_all 
_reflns_shell.pdbx_ordinal 
_reflns_shell.pdbx_diffrn_id 
1.500 1.530  ? ? ? 0.408 ? ? 1.008 3.400 ? 2066 97.500  1  1 
1.530 1.570  ? ? ? 0.332 ? ? 1.104 3.500 ? 2131 99.000  2  1 
1.570 1.620  ? ? ? 0.250 ? ? 1.056 3.500 ? 2134 99.100  3  1 
1.620 1.660  ? ? ? 0.199 ? ? 0.989 3.500 ? 2167 99.500  4  1 
1.660 1.720  ? ? ? 0.167 ? ? 1.023 3.700 ? 2113 100.000 5  1 
1.720 1.780  ? ? ? 0.146 ? ? 1.082 3.700 ? 2177 100.000 6  1 
1.780 1.850  ? ? ? 0.128 ? ? 1.184 3.800 ? 2153 100.000 7  1 
1.850 1.930  ? ? ? 0.113 ? ? 1.295 3.800 ? 2153 100.000 8  1 
1.930 2.040  ? ? ? 0.097 ? ? 1.032 3.800 ? 2169 100.000 9  1 
2.040 2.160  ? ? ? 0.090 ? ? 1.073 3.800 ? 2164 100.000 10 1 
2.160 2.330  ? ? ? 0.082 ? ? 1.143 3.800 ? 2201 100.000 11 1 
2.330 2.560  ? ? ? 0.077 ? ? 0.964 3.900 ? 2190 99.900  12 1 
2.560 2.930  ? ? ? 0.070 ? ? 1.050 3.900 ? 2202 100.000 13 1 
2.930 3.690  ? ? ? 0.056 ? ? 1.044 3.900 ? 2245 99.700  14 1 
3.690 20.000 ? ? ? 0.055 ? ? 1.076 3.700 ? 2334 99.300  15 1 
# 
_refine.ls_percent_reflns_R_free                 5.0900 
_refine.overall_SU_B                             ? 
_refine.pdbx_solvent_vdw_probe_radii             1.1100 
_refine.pdbx_R_Free_selection_details            ? 
_refine.overall_FOM_free_R_set                   ? 
_refine.pdbx_data_cutoff_low_absF                ? 
_refine.entry_id                                 4HKO 
_refine.aniso_B[2][3]                            ? 
_refine.overall_SU_R_Cruickshank_DPI             ? 
_refine.overall_SU_ML                            0.1700 
_refine.pdbx_ls_sigma_I                          ? 
_refine.aniso_B[1][3]                            ? 
_refine.pdbx_stereochemistry_target_values       ML 
_refine.aniso_B[3][3]                            ? 
_refine.occupancy_max                            1.000 
_refine.ls_number_restraints                     ? 
_refine.aniso_B[1][1]                            ? 
_refine.pdbx_overall_ESU_R                       ? 
_refine.ls_R_factor_obs                          0.1722 
_refine.pdbx_ls_cross_valid_method               ? 
_refine.pdbx_solvent_ion_probe_radii             ? 
_refine.pdbx_starting_model                      ? 
_refine.ls_wR_factor_R_free                      ? 
_refine.ls_wR_factor_R_work                      ? 
_refine.pdbx_isotropic_thermal_model             ? 
_refine.pdbx_method_to_determine_struct          'MOLECULAR REPLACEMENT' 
_refine.solvent_model_param_ksol                 ? 
_refine.pdbx_solvent_shrinkage_radii             0.9000 
_refine.correlation_coeff_Fo_to_Fc               ? 
_refine.ls_number_reflns_R_free                  1657 
_refine.correlation_coeff_Fo_to_Fc_free          ? 
_refine.pdbx_ls_sigma_F                          1.360 
_refine.ls_percent_reflns_obs                    99.5800 
_refine.ls_R_factor_R_work                       0.1714 
_refine.overall_SU_R_free                        ? 
_refine.ls_d_res_high                            1.50 
_refine.pdbx_overall_ESU_R_Free                  ? 
_refine.B_iso_min                                1.950 
_refine.occupancy_min                            0.320 
_refine.B_iso_mean                               11.1452 
_refine.pdbx_stereochem_target_val_spec_case     ? 
_refine.ls_R_factor_all                          ? 
_refine.aniso_B[2][2]                            ? 
_refine.B_iso_max                                39.240 
_refine.ls_d_res_low                             19.8280 
_refine.pdbx_overall_phase_error                 18.1900 
_refine.solvent_model_details                    'FLAT BULK SOLVENT MODEL' 
_refine.aniso_B[1][2]                            ? 
_refine.ls_R_factor_R_free                       0.1861 
_refine.ls_R_factor_R_free_error                 ? 
_refine.ls_number_reflns_obs                     32539 
_refine.overall_FOM_work_R_set                   0.8830 
_refine.ls_number_parameters                     ? 
_refine.details                                  ? 
_refine.ls_number_reflns_all                     ? 
_refine.ls_redundancy_reflns_obs                 ? 
_refine.pdbx_data_cutoff_high_absF               ? 
_refine.solvent_model_param_bsol                 ? 
_refine.ls_R_factor_R_free_error_details         ? 
_refine.pdbx_data_cutoff_high_rms_absF           ? 
_refine.pdbx_diffrn_id                           1 
_refine.pdbx_refine_id                           'X-RAY DIFFRACTION' 
_refine.pdbx_TLS_residual_ADP_flag               ? 
_refine.pdbx_overall_SU_R_free_Cruickshank_DPI   ? 
_refine.pdbx_overall_SU_R_Blow_DPI               ? 
_refine.pdbx_overall_SU_R_free_Blow_DPI          ? 
# 
_refine_hist.pdbx_refine_id                   'X-RAY DIFFRACTION' 
_refine_hist.cycle_id                         LAST 
_refine_hist.pdbx_number_atoms_protein        1472 
_refine_hist.pdbx_number_atoms_nucleic_acid   0 
_refine_hist.pdbx_number_atoms_ligand         6 
_refine_hist.number_atoms_solvent             223 
_refine_hist.number_atoms_total               1701 
_refine_hist.d_res_high                       1.50 
_refine_hist.d_res_low                        19.8280 
# 
loop_
_refine_ls_restr.type 
_refine_ls_restr.number 
_refine_ls_restr.dev_ideal 
_refine_ls_restr.dev_ideal_target 
_refine_ls_restr.weight 
_refine_ls_restr.pdbx_restraint_function 
_refine_ls_restr.pdbx_refine_id 
f_bond_d           1533 0.006  ? ? ? 'X-RAY DIFFRACTION' 
f_angle_d          2096 1.144  ? ? ? 'X-RAY DIFFRACTION' 
f_chiral_restr     209  0.085  ? ? ? 'X-RAY DIFFRACTION' 
f_plane_restr      277  0.005  ? ? ? 'X-RAY DIFFRACTION' 
f_dihedral_angle_d 517  12.528 ? ? ? 'X-RAY DIFFRACTION' 
# 
loop_
_refine_ls_shell.d_res_high 
_refine_ls_shell.d_res_low 
_refine_ls_shell.pdbx_total_number_of_bins_used 
_refine_ls_shell.percent_reflns_obs 
_refine_ls_shell.number_reflns_R_work 
_refine_ls_shell.R_factor_all 
_refine_ls_shell.R_factor_R_work 
_refine_ls_shell.R_factor_R_free 
_refine_ls_shell.percent_reflns_R_free 
_refine_ls_shell.number_reflns_R_free 
_refine_ls_shell.R_factor_R_free_error 
_refine_ls_shell.number_reflns_all 
_refine_ls_shell.number_reflns_obs 
_refine_ls_shell.redundancy_reflns_obs 
_refine_ls_shell.pdbx_refine_id 
1.4991 1.5432  12 98.0000  2478 . 0.3205 0.3718 . 130 . 2608 . . 'X-RAY DIFFRACTION' 
1.5432 1.5930  12 99.0000  2499 . 0.2415 0.2428 . 144 . 2643 . . 'X-RAY DIFFRACTION' 
1.5930 1.6499  12 100.0000 2508 . 0.1956 0.2562 . 144 . 2652 . . 'X-RAY DIFFRACTION' 
1.6499 1.7159  12 100.0000 2542 . 0.1825 0.2287 . 150 . 2692 . . 'X-RAY DIFFRACTION' 
1.7159 1.7939  12 100.0000 2575 . 0.1783 0.2234 . 137 . 2712 . . 'X-RAY DIFFRACTION' 
1.7939 1.8884  12 100.0000 2568 . 0.1603 0.1771 . 130 . 2698 . . 'X-RAY DIFFRACTION' 
1.8884 2.0067  12 100.0000 2576 . 0.1545 0.1750 . 121 . 2697 . . 'X-RAY DIFFRACTION' 
2.0067 2.1614  12 100.0000 2556 . 0.1549 0.1809 . 146 . 2702 . . 'X-RAY DIFFRACTION' 
2.1614 2.3786  12 100.0000 2601 . 0.1633 0.1685 . 141 . 2742 . . 'X-RAY DIFFRACTION' 
2.3786 2.7220  12 100.0000 2600 . 0.1698 0.2008 . 141 . 2741 . . 'X-RAY DIFFRACTION' 
2.7220 3.4266  12 100.0000 2639 . 0.1709 0.1749 . 133 . 2772 . . 'X-RAY DIFFRACTION' 
3.4266 19.8298 12 99.0000  2740 . 0.1678 0.1660 . 140 . 2880 . . 'X-RAY DIFFRACTION' 
# 
_struct.entry_id                  4HKO 
_struct.title                     'Crystal Structures of Mutant Endo-beta-1,4-xylanase II (E177Q) in the apo form' 
_struct.pdbx_model_details        ? 
_struct.pdbx_CASP_flag            ? 
_struct.pdbx_model_type_details   ? 
# 
_struct_keywords.pdbx_keywords   HYDROLASE 
_struct_keywords.text            'xylanase II, xylohexaose, xylotriose, induced fit mechanism, oxocarbenium ion, HYDROLASE' 
_struct_keywords.entry_id        4HKO 
# 
loop_
_struct_asym.id 
_struct_asym.pdbx_blank_PDB_chainid_flag 
_struct_asym.pdbx_modified 
_struct_asym.entity_id 
_struct_asym.details 
A N N 1 ? 
B N N 2 ? 
C N N 2 ? 
D N N 2 ? 
E N N 2 ? 
F N N 2 ? 
G N N 2 ? 
H N N 3 ? 
# 
_struct_ref.id                         1 
_struct_ref.db_name                    UNP 
_struct_ref.db_code                    XYN2_HYPJE 
_struct_ref.pdbx_db_accession          P36217 
_struct_ref.entity_id                  1 
_struct_ref.pdbx_seq_one_letter_code   
;TIQPGTGYNNGYFYSYWNDGHGGVTYTNGPGGQFSVNWSNSGNFVGGKGWQPGTKNKVINFSGSYNPNGNSYLSVYGWSR
NPLIEYYIVENFGTYNPSTGATKLGEVTSDGSVYDIYRTQRVNQPSIIGTATFYQYWSVRRNHRSSGSVNTANHFNAWAQ
QGLTLGTMDYQIVAVEGYFSSGSASITVS
;
_struct_ref.pdbx_align_begin           34 
_struct_ref.pdbx_db_isoform            ? 
# 
_struct_ref_seq.align_id                      1 
_struct_ref_seq.ref_id                        1 
_struct_ref_seq.pdbx_PDB_id_code              4HKO 
_struct_ref_seq.pdbx_strand_id                A 
_struct_ref_seq.seq_align_beg                 1 
_struct_ref_seq.pdbx_seq_align_beg_ins_code   ? 
_struct_ref_seq.seq_align_end                 189 
_struct_ref_seq.pdbx_seq_align_end_ins_code   ? 
_struct_ref_seq.pdbx_db_accession             P36217 
_struct_ref_seq.db_align_beg                  34 
_struct_ref_seq.pdbx_db_align_beg_ins_code    ? 
_struct_ref_seq.db_align_end                  222 
_struct_ref_seq.pdbx_db_align_end_ins_code    ? 
_struct_ref_seq.pdbx_auth_seq_align_beg       2 
_struct_ref_seq.pdbx_auth_seq_align_end       190 
# 
_struct_ref_seq_dif.align_id                     1 
_struct_ref_seq_dif.pdbx_pdb_id_code             4HKO 
_struct_ref_seq_dif.mon_id                       GLN 
_struct_ref_seq_dif.pdbx_pdb_strand_id           A 
_struct_ref_seq_dif.seq_num                      176 
_struct_ref_seq_dif.pdbx_pdb_ins_code            ? 
_struct_ref_seq_dif.pdbx_seq_db_name             UNP 
_struct_ref_seq_dif.pdbx_seq_db_accession_code   P36217 
_struct_ref_seq_dif.db_mon_id                    GLU 
_struct_ref_seq_dif.pdbx_seq_db_seq_num          209 
_struct_ref_seq_dif.details                      'engineered mutation' 
_struct_ref_seq_dif.pdbx_auth_seq_num            177 
_struct_ref_seq_dif.pdbx_ordinal                 1 
# 
_pdbx_struct_assembly.id                   1 
_pdbx_struct_assembly.details              author_and_software_defined_assembly 
_pdbx_struct_assembly.method_details       PISA 
_pdbx_struct_assembly.oligomeric_details   monomeric 
_pdbx_struct_assembly.oligomeric_count     1 
# 
_pdbx_struct_assembly_gen.assembly_id       1 
_pdbx_struct_assembly_gen.oper_expression   1 
_pdbx_struct_assembly_gen.asym_id_list      A,B,C,D,E,F,G,H 
# 
_pdbx_struct_oper_list.id                   1 
_pdbx_struct_oper_list.type                 'identity operation' 
_pdbx_struct_oper_list.name                 1_555 
_pdbx_struct_oper_list.symmetry_operation   x,y,z 
_pdbx_struct_oper_list.matrix[1][1]         1.0000000000 
_pdbx_struct_oper_list.matrix[1][2]         0.0000000000 
_pdbx_struct_oper_list.matrix[1][3]         0.0000000000 
_pdbx_struct_oper_list.vector[1]            0.0000000000 
_pdbx_struct_oper_list.matrix[2][1]         0.0000000000 
_pdbx_struct_oper_list.matrix[2][2]         1.0000000000 
_pdbx_struct_oper_list.matrix[2][3]         0.0000000000 
_pdbx_struct_oper_list.vector[2]            0.0000000000 
_pdbx_struct_oper_list.matrix[3][1]         0.0000000000 
_pdbx_struct_oper_list.matrix[3][2]         0.0000000000 
_pdbx_struct_oper_list.matrix[3][3]         1.0000000000 
_pdbx_struct_oper_list.vector[3]            0.0000000000 
# 
_struct_biol.id        1 
_struct_biol.details   'biological unit is the same as asym.' 
# 
_struct_conf.conf_type_id            HELX_P 
_struct_conf.id                      HELX_P1 
_struct_conf.pdbx_PDB_helix_id       1 
_struct_conf.beg_label_comp_id       THR 
_struct_conf.beg_label_asym_id       A 
_struct_conf.beg_label_seq_id        151 
_struct_conf.pdbx_beg_PDB_ins_code   ? 
_struct_conf.end_label_comp_id       GLN 
_struct_conf.end_label_asym_id       A 
_struct_conf.end_label_seq_id        161 
_struct_conf.pdbx_end_PDB_ins_code   ? 
_struct_conf.beg_auth_comp_id        THR 
_struct_conf.beg_auth_asym_id        A 
_struct_conf.beg_auth_seq_id         152 
_struct_conf.end_auth_comp_id        GLN 
_struct_conf.end_auth_asym_id        A 
_struct_conf.end_auth_seq_id         162 
_struct_conf.pdbx_PDB_helix_class    1 
_struct_conf.details                 ? 
_struct_conf.pdbx_PDB_helix_length   11 
# 
_struct_conf_type.id          HELX_P 
_struct_conf_type.criteria    ? 
_struct_conf_type.reference   ? 
# 
loop_
_struct_mon_prot_cis.pdbx_id 
_struct_mon_prot_cis.label_comp_id 
_struct_mon_prot_cis.label_seq_id 
_struct_mon_prot_cis.label_asym_id 
_struct_mon_prot_cis.label_alt_id 
_struct_mon_prot_cis.pdbx_PDB_ins_code 
_struct_mon_prot_cis.auth_comp_id 
_struct_mon_prot_cis.auth_seq_id 
_struct_mon_prot_cis.auth_asym_id 
_struct_mon_prot_cis.pdbx_label_comp_id_2 
_struct_mon_prot_cis.pdbx_label_seq_id_2 
_struct_mon_prot_cis.pdbx_label_asym_id_2 
_struct_mon_prot_cis.pdbx_PDB_ins_code_2 
_struct_mon_prot_cis.pdbx_auth_comp_id_2 
_struct_mon_prot_cis.pdbx_auth_seq_id_2 
_struct_mon_prot_cis.pdbx_auth_asym_id_2 
_struct_mon_prot_cis.pdbx_PDB_model_num 
_struct_mon_prot_cis.pdbx_omega_angle 
1 GLN 51 A . ? GLN 52 A PRO 52 A ? PRO 53 A 1 0.15 
2 ASN 81 A . ? ASN 82 A PRO 82 A ? PRO 83 A 1 8.09 
# 
loop_
_struct_sheet.id 
_struct_sheet.type 
_struct_sheet.number_strands 
_struct_sheet.details 
A ? 9 ? 
B ? 5 ? 
# 
loop_
_struct_sheet_order.sheet_id 
_struct_sheet_order.range_id_1 
_struct_sheet_order.range_id_2 
_struct_sheet_order.offset 
_struct_sheet_order.sense 
A 1 2 ? anti-parallel 
A 2 3 ? anti-parallel 
A 3 4 ? anti-parallel 
A 4 5 ? anti-parallel 
A 5 6 ? anti-parallel 
A 6 7 ? parallel      
A 7 8 ? anti-parallel 
A 8 9 ? anti-parallel 
B 1 2 ? anti-parallel 
B 2 3 ? anti-parallel 
B 3 4 ? anti-parallel 
B 4 5 ? anti-parallel 
# 
loop_
_struct_sheet_range.sheet_id 
_struct_sheet_range.id 
_struct_sheet_range.beg_label_comp_id 
_struct_sheet_range.beg_label_asym_id 
_struct_sheet_range.beg_label_seq_id 
_struct_sheet_range.pdbx_beg_PDB_ins_code 
_struct_sheet_range.end_label_comp_id 
_struct_sheet_range.end_label_asym_id 
_struct_sheet_range.end_label_seq_id 
_struct_sheet_range.pdbx_end_PDB_ins_code 
_struct_sheet_range.beg_auth_comp_id 
_struct_sheet_range.beg_auth_asym_id 
_struct_sheet_range.beg_auth_seq_id 
_struct_sheet_range.end_auth_comp_id 
_struct_sheet_range.end_auth_asym_id 
_struct_sheet_range.end_auth_seq_id 
A 1 GLY A 5   ? ASN A 9   ? GLY A 6   ASN A 10  
A 2 TYR A 12  ? ASN A 18  ? TYR A 13  ASN A 19  
A 3 ASN A 43  ? TRP A 50  ? ASN A 44  TRP A 51  
A 4 THR A 167 ? TYR A 178 ? THR A 168 TYR A 179 
A 5 SER A 71  ? ARG A 80  ? SER A 72  ARG A 81  
A 6 ILE A 84  ? PHE A 92  ? ILE A 85  PHE A 93  
A 7 ALA A 131 ? ARG A 140 ? ALA A 132 ARG A 141 
A 8 SER A 112 ? GLN A 124 ? SER A 113 GLN A 125 
A 9 THR A 102 ? SER A 109 ? THR A 103 SER A 110 
B 1 VAL A 24  ? ASN A 28  ? VAL A 25  ASN A 29  
B 2 GLN A 33  ? TRP A 38  ? GLN A 34  TRP A 39  
B 3 SER A 181 ? SER A 189 ? SER A 182 SER A 190 
B 4 VAL A 58  ? ASN A 68  ? VAL A 59  ASN A 69  
B 5 GLY A 147 ? ASN A 150 ? GLY A 148 ASN A 151 
# 
loop_
_pdbx_struct_sheet_hbond.sheet_id 
_pdbx_struct_sheet_hbond.range_id_1 
_pdbx_struct_sheet_hbond.range_id_2 
_pdbx_struct_sheet_hbond.range_1_label_atom_id 
_pdbx_struct_sheet_hbond.range_1_label_comp_id 
_pdbx_struct_sheet_hbond.range_1_label_asym_id 
_pdbx_struct_sheet_hbond.range_1_label_seq_id 
_pdbx_struct_sheet_hbond.range_1_PDB_ins_code 
_pdbx_struct_sheet_hbond.range_1_auth_atom_id 
_pdbx_struct_sheet_hbond.range_1_auth_comp_id 
_pdbx_struct_sheet_hbond.range_1_auth_asym_id 
_pdbx_struct_sheet_hbond.range_1_auth_seq_id 
_pdbx_struct_sheet_hbond.range_2_label_atom_id 
_pdbx_struct_sheet_hbond.range_2_label_comp_id 
_pdbx_struct_sheet_hbond.range_2_label_asym_id 
_pdbx_struct_sheet_hbond.range_2_label_seq_id 
_pdbx_struct_sheet_hbond.range_2_PDB_ins_code 
_pdbx_struct_sheet_hbond.range_2_auth_atom_id 
_pdbx_struct_sheet_hbond.range_2_auth_comp_id 
_pdbx_struct_sheet_hbond.range_2_auth_asym_id 
_pdbx_struct_sheet_hbond.range_2_auth_seq_id 
A 1 2 N ASN A 9   ? N ASN A 10  O TYR A 12  ? O TYR A 13  
A 2 3 N PHE A 13  ? N PHE A 14  O GLY A 49  ? O GLY A 50  
A 3 4 N TRP A 50  ? N TRP A 51  O GLN A 171 ? O GLN A 172 
A 4 5 O ILE A 172 ? O ILE A 173 N TYR A 76  ? N TYR A 77  
A 5 6 N GLY A 77  ? N GLY A 78  O TYR A 86  ? O TYR A 87  
A 6 7 N VAL A 89  ? N VAL A 90  O SER A 138 ? O SER A 139 
A 7 8 O PHE A 133 ? O PHE A 134 N ARG A 121 ? N ARG A 122 
A 8 9 O ILE A 116 ? O ILE A 117 N LEU A 104 ? N LEU A 105 
B 1 2 N THR A 25  ? N THR A 26  O ASN A 37  ? O ASN A 38  
B 2 3 N TRP A 38  ? N TRP A 39  O GLY A 182 ? O GLY A 183 
B 3 4 O SER A 183 ? O SER A 184 N ASN A 66  ? N ASN A 67  
B 4 5 N ILE A 59  ? N ILE A 60  O VAL A 149 ? O VAL A 150 
# 
loop_
_struct_site.id 
_struct_site.pdbx_evidence_code 
_struct_site.pdbx_auth_asym_id 
_struct_site.pdbx_auth_comp_id 
_struct_site.pdbx_auth_seq_id 
_struct_site.pdbx_auth_ins_code 
_struct_site.pdbx_num_residues 
_struct_site.details 
AC1 Software A IOD 500 ? 2 'BINDING SITE FOR RESIDUE IOD A 500' 
AC2 Software A IOD 502 ? 3 'BINDING SITE FOR RESIDUE IOD A 502' 
AC3 Software A IOD 503 ? 2 'BINDING SITE FOR RESIDUE IOD A 503' 
AC4 Software A IOD 504 ? 3 'BINDING SITE FOR RESIDUE IOD A 504' 
AC5 Software A IOD 505 ? 1 'BINDING SITE FOR RESIDUE IOD A 505' 
# 
loop_
_struct_site_gen.id 
_struct_site_gen.site_id 
_struct_site_gen.pdbx_num_res 
_struct_site_gen.label_comp_id 
_struct_site_gen.label_asym_id 
_struct_site_gen.label_seq_id 
_struct_site_gen.pdbx_auth_ins_code 
_struct_site_gen.auth_comp_id 
_struct_site_gen.auth_asym_id 
_struct_site_gen.auth_seq_id 
_struct_site_gen.label_atom_id 
_struct_site_gen.label_alt_id 
_struct_site_gen.symmetry 
_struct_site_gen.details 
1  AC1 2 ASN A 81  ? ASN A 82  . ? 2_555 ? 
2  AC1 2 SER A 145 ? SER A 146 . ? 1_555 ? 
3  AC2 3 THR A 1   ? THR A 2   . ? 3_554 ? 
4  AC2 3 MET A 168 ? MET A 169 . ? 1_555 ? 
5  AC2 3 HOH H .   ? HOH A 716 . ? 3_554 ? 
6  AC3 2 PRO A 67  ? PRO A 68  . ? 1_555 ? 
7  AC3 2 GLY A 69  ? GLY A 70  . ? 1_555 ? 
8  AC4 3 VAL A 122 ? VAL A 123 . ? 1_555 ? 
9  AC4 3 GLN A 124 ? GLN A 125 . ? 1_555 ? 
10 AC4 3 HOH H .   ? HOH A 784 . ? 1_555 ? 
11 AC5 1 THR A 130 ? THR A 131 . ? 2_555 ? 
# 
loop_
_pdbx_validate_close_contact.id 
_pdbx_validate_close_contact.PDB_model_num 
_pdbx_validate_close_contact.auth_atom_id_1 
_pdbx_validate_close_contact.auth_asym_id_1 
_pdbx_validate_close_contact.auth_comp_id_1 
_pdbx_validate_close_contact.auth_seq_id_1 
_pdbx_validate_close_contact.PDB_ins_code_1 
_pdbx_validate_close_contact.label_alt_id_1 
_pdbx_validate_close_contact.auth_atom_id_2 
_pdbx_validate_close_contact.auth_asym_id_2 
_pdbx_validate_close_contact.auth_comp_id_2 
_pdbx_validate_close_contact.auth_seq_id_2 
_pdbx_validate_close_contact.PDB_ins_code_2 
_pdbx_validate_close_contact.label_alt_id_2 
_pdbx_validate_close_contact.dist 
1 1 OE1 A GLN 34  ? ? O A HOH 722 ? ? 2.05 
2 1 O   A HOH 668 ? ? O A HOH 789 ? ? 2.05 
3 1 O   A HOH 755 ? ? O A HOH 802 ? ? 2.06 
# 
loop_
_pdbx_validate_torsion.id 
_pdbx_validate_torsion.PDB_model_num 
_pdbx_validate_torsion.auth_comp_id 
_pdbx_validate_torsion.auth_asym_id 
_pdbx_validate_torsion.auth_seq_id 
_pdbx_validate_torsion.PDB_ins_code 
_pdbx_validate_torsion.label_alt_id 
_pdbx_validate_torsion.phi 
_pdbx_validate_torsion.psi 
1 1 ASN A 57  ? ? -140.82 31.53   
2 1 ASP A 170 ? ? -100.67 -140.57 
# 
loop_
_chem_comp_atom.comp_id 
_chem_comp_atom.atom_id 
_chem_comp_atom.type_symbol 
_chem_comp_atom.pdbx_aromatic_flag 
_chem_comp_atom.pdbx_stereo_config 
_chem_comp_atom.pdbx_ordinal 
ALA N    N N N 1   
ALA CA   C N S 2   
ALA C    C N N 3   
ALA O    O N N 4   
ALA CB   C N N 5   
ALA OXT  O N N 6   
ALA H    H N N 7   
ALA H2   H N N 8   
ALA HA   H N N 9   
ALA HB1  H N N 10  
ALA HB2  H N N 11  
ALA HB3  H N N 12  
ALA HXT  H N N 13  
ARG N    N N N 14  
ARG CA   C N S 15  
ARG C    C N N 16  
ARG O    O N N 17  
ARG CB   C N N 18  
ARG CG   C N N 19  
ARG CD   C N N 20  
ARG NE   N N N 21  
ARG CZ   C N N 22  
ARG NH1  N N N 23  
ARG NH2  N N N 24  
ARG OXT  O N N 25  
ARG H    H N N 26  
ARG H2   H N N 27  
ARG HA   H N N 28  
ARG HB2  H N N 29  
ARG HB3  H N N 30  
ARG HG2  H N N 31  
ARG HG3  H N N 32  
ARG HD2  H N N 33  
ARG HD3  H N N 34  
ARG HE   H N N 35  
ARG HH11 H N N 36  
ARG HH12 H N N 37  
ARG HH21 H N N 38  
ARG HH22 H N N 39  
ARG HXT  H N N 40  
ASN N    N N N 41  
ASN CA   C N S 42  
ASN C    C N N 43  
ASN O    O N N 44  
ASN CB   C N N 45  
ASN CG   C N N 46  
ASN OD1  O N N 47  
ASN ND2  N N N 48  
ASN OXT  O N N 49  
ASN H    H N N 50  
ASN H2   H N N 51  
ASN HA   H N N 52  
ASN HB2  H N N 53  
ASN HB3  H N N 54  
ASN HD21 H N N 55  
ASN HD22 H N N 56  
ASN HXT  H N N 57  
ASP N    N N N 58  
ASP CA   C N S 59  
ASP C    C N N 60  
ASP O    O N N 61  
ASP CB   C N N 62  
ASP CG   C N N 63  
ASP OD1  O N N 64  
ASP OD2  O N N 65  
ASP OXT  O N N 66  
ASP H    H N N 67  
ASP H2   H N N 68  
ASP HA   H N N 69  
ASP HB2  H N N 70  
ASP HB3  H N N 71  
ASP HD2  H N N 72  
ASP HXT  H N N 73  
GLN N    N N N 74  
GLN CA   C N S 75  
GLN C    C N N 76  
GLN O    O N N 77  
GLN CB   C N N 78  
GLN CG   C N N 79  
GLN CD   C N N 80  
GLN OE1  O N N 81  
GLN NE2  N N N 82  
GLN OXT  O N N 83  
GLN H    H N N 84  
GLN H2   H N N 85  
GLN HA   H N N 86  
GLN HB2  H N N 87  
GLN HB3  H N N 88  
GLN HG2  H N N 89  
GLN HG3  H N N 90  
GLN HE21 H N N 91  
GLN HE22 H N N 92  
GLN HXT  H N N 93  
GLU N    N N N 94  
GLU CA   C N S 95  
GLU C    C N N 96  
GLU O    O N N 97  
GLU CB   C N N 98  
GLU CG   C N N 99  
GLU CD   C N N 100 
GLU OE1  O N N 101 
GLU OE2  O N N 102 
GLU OXT  O N N 103 
GLU H    H N N 104 
GLU H2   H N N 105 
GLU HA   H N N 106 
GLU HB2  H N N 107 
GLU HB3  H N N 108 
GLU HG2  H N N 109 
GLU HG3  H N N 110 
GLU HE2  H N N 111 
GLU HXT  H N N 112 
GLY N    N N N 113 
GLY CA   C N N 114 
GLY C    C N N 115 
GLY O    O N N 116 
GLY OXT  O N N 117 
GLY H    H N N 118 
GLY H2   H N N 119 
GLY HA2  H N N 120 
GLY HA3  H N N 121 
GLY HXT  H N N 122 
HIS N    N N N 123 
HIS CA   C N S 124 
HIS C    C N N 125 
HIS O    O N N 126 
HIS CB   C N N 127 
HIS CG   C Y N 128 
HIS ND1  N Y N 129 
HIS CD2  C Y N 130 
HIS CE1  C Y N 131 
HIS NE2  N Y N 132 
HIS OXT  O N N 133 
HIS H    H N N 134 
HIS H2   H N N 135 
HIS HA   H N N 136 
HIS HB2  H N N 137 
HIS HB3  H N N 138 
HIS HD1  H N N 139 
HIS HD2  H N N 140 
HIS HE1  H N N 141 
HIS HE2  H N N 142 
HIS HXT  H N N 143 
HOH O    O N N 144 
HOH H1   H N N 145 
HOH H2   H N N 146 
ILE N    N N N 147 
ILE CA   C N S 148 
ILE C    C N N 149 
ILE O    O N N 150 
ILE CB   C N S 151 
ILE CG1  C N N 152 
ILE CG2  C N N 153 
ILE CD1  C N N 154 
ILE OXT  O N N 155 
ILE H    H N N 156 
ILE H2   H N N 157 
ILE HA   H N N 158 
ILE HB   H N N 159 
ILE HG12 H N N 160 
ILE HG13 H N N 161 
ILE HG21 H N N 162 
ILE HG22 H N N 163 
ILE HG23 H N N 164 
ILE HD11 H N N 165 
ILE HD12 H N N 166 
ILE HD13 H N N 167 
ILE HXT  H N N 168 
IOD I    I N N 169 
LEU N    N N N 170 
LEU CA   C N S 171 
LEU C    C N N 172 
LEU O    O N N 173 
LEU CB   C N N 174 
LEU CG   C N N 175 
LEU CD1  C N N 176 
LEU CD2  C N N 177 
LEU OXT  O N N 178 
LEU H    H N N 179 
LEU H2   H N N 180 
LEU HA   H N N 181 
LEU HB2  H N N 182 
LEU HB3  H N N 183 
LEU HG   H N N 184 
LEU HD11 H N N 185 
LEU HD12 H N N 186 
LEU HD13 H N N 187 
LEU HD21 H N N 188 
LEU HD22 H N N 189 
LEU HD23 H N N 190 
LEU HXT  H N N 191 
LYS N    N N N 192 
LYS CA   C N S 193 
LYS C    C N N 194 
LYS O    O N N 195 
LYS CB   C N N 196 
LYS CG   C N N 197 
LYS CD   C N N 198 
LYS CE   C N N 199 
LYS NZ   N N N 200 
LYS OXT  O N N 201 
LYS H    H N N 202 
LYS H2   H N N 203 
LYS HA   H N N 204 
LYS HB2  H N N 205 
LYS HB3  H N N 206 
LYS HG2  H N N 207 
LYS HG3  H N N 208 
LYS HD2  H N N 209 
LYS HD3  H N N 210 
LYS HE2  H N N 211 
LYS HE3  H N N 212 
LYS HZ1  H N N 213 
LYS HZ2  H N N 214 
LYS HZ3  H N N 215 
LYS HXT  H N N 216 
MET N    N N N 217 
MET CA   C N S 218 
MET C    C N N 219 
MET O    O N N 220 
MET CB   C N N 221 
MET CG   C N N 222 
MET SD   S N N 223 
MET CE   C N N 224 
MET OXT  O N N 225 
MET H    H N N 226 
MET H2   H N N 227 
MET HA   H N N 228 
MET HB2  H N N 229 
MET HB3  H N N 230 
MET HG2  H N N 231 
MET HG3  H N N 232 
MET HE1  H N N 233 
MET HE2  H N N 234 
MET HE3  H N N 235 
MET HXT  H N N 236 
PHE N    N N N 237 
PHE CA   C N S 238 
PHE C    C N N 239 
PHE O    O N N 240 
PHE CB   C N N 241 
PHE CG   C Y N 242 
PHE CD1  C Y N 243 
PHE CD2  C Y N 244 
PHE CE1  C Y N 245 
PHE CE2  C Y N 246 
PHE CZ   C Y N 247 
PHE OXT  O N N 248 
PHE H    H N N 249 
PHE H2   H N N 250 
PHE HA   H N N 251 
PHE HB2  H N N 252 
PHE HB3  H N N 253 
PHE HD1  H N N 254 
PHE HD2  H N N 255 
PHE HE1  H N N 256 
PHE HE2  H N N 257 
PHE HZ   H N N 258 
PHE HXT  H N N 259 
PRO N    N N N 260 
PRO CA   C N S 261 
PRO C    C N N 262 
PRO O    O N N 263 
PRO CB   C N N 264 
PRO CG   C N N 265 
PRO CD   C N N 266 
PRO OXT  O N N 267 
PRO H    H N N 268 
PRO HA   H N N 269 
PRO HB2  H N N 270 
PRO HB3  H N N 271 
PRO HG2  H N N 272 
PRO HG3  H N N 273 
PRO HD2  H N N 274 
PRO HD3  H N N 275 
PRO HXT  H N N 276 
SER N    N N N 277 
SER CA   C N S 278 
SER C    C N N 279 
SER O    O N N 280 
SER CB   C N N 281 
SER OG   O N N 282 
SER OXT  O N N 283 
SER H    H N N 284 
SER H2   H N N 285 
SER HA   H N N 286 
SER HB2  H N N 287 
SER HB3  H N N 288 
SER HG   H N N 289 
SER HXT  H N N 290 
THR N    N N N 291 
THR CA   C N S 292 
THR C    C N N 293 
THR O    O N N 294 
THR CB   C N R 295 
THR OG1  O N N 296 
THR CG2  C N N 297 
THR OXT  O N N 298 
THR H    H N N 299 
THR H2   H N N 300 
THR HA   H N N 301 
THR HB   H N N 302 
THR HG1  H N N 303 
THR HG21 H N N 304 
THR HG22 H N N 305 
THR HG23 H N N 306 
THR HXT  H N N 307 
TRP N    N N N 308 
TRP CA   C N S 309 
TRP C    C N N 310 
TRP O    O N N 311 
TRP CB   C N N 312 
TRP CG   C Y N 313 
TRP CD1  C Y N 314 
TRP CD2  C Y N 315 
TRP NE1  N Y N 316 
TRP CE2  C Y N 317 
TRP CE3  C Y N 318 
TRP CZ2  C Y N 319 
TRP CZ3  C Y N 320 
TRP CH2  C Y N 321 
TRP OXT  O N N 322 
TRP H    H N N 323 
TRP H2   H N N 324 
TRP HA   H N N 325 
TRP HB2  H N N 326 
TRP HB3  H N N 327 
TRP HD1  H N N 328 
TRP HE1  H N N 329 
TRP HE3  H N N 330 
TRP HZ2  H N N 331 
TRP HZ3  H N N 332 
TRP HH2  H N N 333 
TRP HXT  H N N 334 
TYR N    N N N 335 
TYR CA   C N S 336 
TYR C    C N N 337 
TYR O    O N N 338 
TYR CB   C N N 339 
TYR CG   C Y N 340 
TYR CD1  C Y N 341 
TYR CD2  C Y N 342 
TYR CE1  C Y N 343 
TYR CE2  C Y N 344 
TYR CZ   C Y N 345 
TYR OH   O N N 346 
TYR OXT  O N N 347 
TYR H    H N N 348 
TYR H2   H N N 349 
TYR HA   H N N 350 
TYR HB2  H N N 351 
TYR HB3  H N N 352 
TYR HD1  H N N 353 
TYR HD2  H N N 354 
TYR HE1  H N N 355 
TYR HE2  H N N 356 
TYR HH   H N N 357 
TYR HXT  H N N 358 
VAL N    N N N 359 
VAL CA   C N S 360 
VAL C    C N N 361 
VAL O    O N N 362 
VAL CB   C N N 363 
VAL CG1  C N N 364 
VAL CG2  C N N 365 
VAL OXT  O N N 366 
VAL H    H N N 367 
VAL H2   H N N 368 
VAL HA   H N N 369 
VAL HB   H N N 370 
VAL HG11 H N N 371 
VAL HG12 H N N 372 
VAL HG13 H N N 373 
VAL HG21 H N N 374 
VAL HG22 H N N 375 
VAL HG23 H N N 376 
VAL HXT  H N N 377 
# 
loop_
_chem_comp_bond.comp_id 
_chem_comp_bond.atom_id_1 
_chem_comp_bond.atom_id_2 
_chem_comp_bond.value_order 
_chem_comp_bond.pdbx_aromatic_flag 
_chem_comp_bond.pdbx_stereo_config 
_chem_comp_bond.pdbx_ordinal 
ALA N   CA   sing N N 1   
ALA N   H    sing N N 2   
ALA N   H2   sing N N 3   
ALA CA  C    sing N N 4   
ALA CA  CB   sing N N 5   
ALA CA  HA   sing N N 6   
ALA C   O    doub N N 7   
ALA C   OXT  sing N N 8   
ALA CB  HB1  sing N N 9   
ALA CB  HB2  sing N N 10  
ALA CB  HB3  sing N N 11  
ALA OXT HXT  sing N N 12  
ARG N   CA   sing N N 13  
ARG N   H    sing N N 14  
ARG N   H2   sing N N 15  
ARG CA  C    sing N N 16  
ARG CA  CB   sing N N 17  
ARG CA  HA   sing N N 18  
ARG C   O    doub N N 19  
ARG C   OXT  sing N N 20  
ARG CB  CG   sing N N 21  
ARG CB  HB2  sing N N 22  
ARG CB  HB3  sing N N 23  
ARG CG  CD   sing N N 24  
ARG CG  HG2  sing N N 25  
ARG CG  HG3  sing N N 26  
ARG CD  NE   sing N N 27  
ARG CD  HD2  sing N N 28  
ARG CD  HD3  sing N N 29  
ARG NE  CZ   sing N N 30  
ARG NE  HE   sing N N 31  
ARG CZ  NH1  sing N N 32  
ARG CZ  NH2  doub N N 33  
ARG NH1 HH11 sing N N 34  
ARG NH1 HH12 sing N N 35  
ARG NH2 HH21 sing N N 36  
ARG NH2 HH22 sing N N 37  
ARG OXT HXT  sing N N 38  
ASN N   CA   sing N N 39  
ASN N   H    sing N N 40  
ASN N   H2   sing N N 41  
ASN CA  C    sing N N 42  
ASN CA  CB   sing N N 43  
ASN CA  HA   sing N N 44  
ASN C   O    doub N N 45  
ASN C   OXT  sing N N 46  
ASN CB  CG   sing N N 47  
ASN CB  HB2  sing N N 48  
ASN CB  HB3  sing N N 49  
ASN CG  OD1  doub N N 50  
ASN CG  ND2  sing N N 51  
ASN ND2 HD21 sing N N 52  
ASN ND2 HD22 sing N N 53  
ASN OXT HXT  sing N N 54  
ASP N   CA   sing N N 55  
ASP N   H    sing N N 56  
ASP N   H2   sing N N 57  
ASP CA  C    sing N N 58  
ASP CA  CB   sing N N 59  
ASP CA  HA   sing N N 60  
ASP C   O    doub N N 61  
ASP C   OXT  sing N N 62  
ASP CB  CG   sing N N 63  
ASP CB  HB2  sing N N 64  
ASP CB  HB3  sing N N 65  
ASP CG  OD1  doub N N 66  
ASP CG  OD2  sing N N 67  
ASP OD2 HD2  sing N N 68  
ASP OXT HXT  sing N N 69  
GLN N   CA   sing N N 70  
GLN N   H    sing N N 71  
GLN N   H2   sing N N 72  
GLN CA  C    sing N N 73  
GLN CA  CB   sing N N 74  
GLN CA  HA   sing N N 75  
GLN C   O    doub N N 76  
GLN C   OXT  sing N N 77  
GLN CB  CG   sing N N 78  
GLN CB  HB2  sing N N 79  
GLN CB  HB3  sing N N 80  
GLN CG  CD   sing N N 81  
GLN CG  HG2  sing N N 82  
GLN CG  HG3  sing N N 83  
GLN CD  OE1  doub N N 84  
GLN CD  NE2  sing N N 85  
GLN NE2 HE21 sing N N 86  
GLN NE2 HE22 sing N N 87  
GLN OXT HXT  sing N N 88  
GLU N   CA   sing N N 89  
GLU N   H    sing N N 90  
GLU N   H2   sing N N 91  
GLU CA  C    sing N N 92  
GLU CA  CB   sing N N 93  
GLU CA  HA   sing N N 94  
GLU C   O    doub N N 95  
GLU C   OXT  sing N N 96  
GLU CB  CG   sing N N 97  
GLU CB  HB2  sing N N 98  
GLU CB  HB3  sing N N 99  
GLU CG  CD   sing N N 100 
GLU CG  HG2  sing N N 101 
GLU CG  HG3  sing N N 102 
GLU CD  OE1  doub N N 103 
GLU CD  OE2  sing N N 104 
GLU OE2 HE2  sing N N 105 
GLU OXT HXT  sing N N 106 
GLY N   CA   sing N N 107 
GLY N   H    sing N N 108 
GLY N   H2   sing N N 109 
GLY CA  C    sing N N 110 
GLY CA  HA2  sing N N 111 
GLY CA  HA3  sing N N 112 
GLY C   O    doub N N 113 
GLY C   OXT  sing N N 114 
GLY OXT HXT  sing N N 115 
HIS N   CA   sing N N 116 
HIS N   H    sing N N 117 
HIS N   H2   sing N N 118 
HIS CA  C    sing N N 119 
HIS CA  CB   sing N N 120 
HIS CA  HA   sing N N 121 
HIS C   O    doub N N 122 
HIS C   OXT  sing N N 123 
HIS CB  CG   sing N N 124 
HIS CB  HB2  sing N N 125 
HIS CB  HB3  sing N N 126 
HIS CG  ND1  sing Y N 127 
HIS CG  CD2  doub Y N 128 
HIS ND1 CE1  doub Y N 129 
HIS ND1 HD1  sing N N 130 
HIS CD2 NE2  sing Y N 131 
HIS CD2 HD2  sing N N 132 
HIS CE1 NE2  sing Y N 133 
HIS CE1 HE1  sing N N 134 
HIS NE2 HE2  sing N N 135 
HIS OXT HXT  sing N N 136 
HOH O   H1   sing N N 137 
HOH O   H2   sing N N 138 
ILE N   CA   sing N N 139 
ILE N   H    sing N N 140 
ILE N   H2   sing N N 141 
ILE CA  C    sing N N 142 
ILE CA  CB   sing N N 143 
ILE CA  HA   sing N N 144 
ILE C   O    doub N N 145 
ILE C   OXT  sing N N 146 
ILE CB  CG1  sing N N 147 
ILE CB  CG2  sing N N 148 
ILE CB  HB   sing N N 149 
ILE CG1 CD1  sing N N 150 
ILE CG1 HG12 sing N N 151 
ILE CG1 HG13 sing N N 152 
ILE CG2 HG21 sing N N 153 
ILE CG2 HG22 sing N N 154 
ILE CG2 HG23 sing N N 155 
ILE CD1 HD11 sing N N 156 
ILE CD1 HD12 sing N N 157 
ILE CD1 HD13 sing N N 158 
ILE OXT HXT  sing N N 159 
LEU N   CA   sing N N 160 
LEU N   H    sing N N 161 
LEU N   H2   sing N N 162 
LEU CA  C    sing N N 163 
LEU CA  CB   sing N N 164 
LEU CA  HA   sing N N 165 
LEU C   O    doub N N 166 
LEU C   OXT  sing N N 167 
LEU CB  CG   sing N N 168 
LEU CB  HB2  sing N N 169 
LEU CB  HB3  sing N N 170 
LEU CG  CD1  sing N N 171 
LEU CG  CD2  sing N N 172 
LEU CG  HG   sing N N 173 
LEU CD1 HD11 sing N N 174 
LEU CD1 HD12 sing N N 175 
LEU CD1 HD13 sing N N 176 
LEU CD2 HD21 sing N N 177 
LEU CD2 HD22 sing N N 178 
LEU CD2 HD23 sing N N 179 
LEU OXT HXT  sing N N 180 
LYS N   CA   sing N N 181 
LYS N   H    sing N N 182 
LYS N   H2   sing N N 183 
LYS CA  C    sing N N 184 
LYS CA  CB   sing N N 185 
LYS CA  HA   sing N N 186 
LYS C   O    doub N N 187 
LYS C   OXT  sing N N 188 
LYS CB  CG   sing N N 189 
LYS CB  HB2  sing N N 190 
LYS CB  HB3  sing N N 191 
LYS CG  CD   sing N N 192 
LYS CG  HG2  sing N N 193 
LYS CG  HG3  sing N N 194 
LYS CD  CE   sing N N 195 
LYS CD  HD2  sing N N 196 
LYS CD  HD3  sing N N 197 
LYS CE  NZ   sing N N 198 
LYS CE  HE2  sing N N 199 
LYS CE  HE3  sing N N 200 
LYS NZ  HZ1  sing N N 201 
LYS NZ  HZ2  sing N N 202 
LYS NZ  HZ3  sing N N 203 
LYS OXT HXT  sing N N 204 
MET N   CA   sing N N 205 
MET N   H    sing N N 206 
MET N   H2   sing N N 207 
MET CA  C    sing N N 208 
MET CA  CB   sing N N 209 
MET CA  HA   sing N N 210 
MET C   O    doub N N 211 
MET C   OXT  sing N N 212 
MET CB  CG   sing N N 213 
MET CB  HB2  sing N N 214 
MET CB  HB3  sing N N 215 
MET CG  SD   sing N N 216 
MET CG  HG2  sing N N 217 
MET CG  HG3  sing N N 218 
MET SD  CE   sing N N 219 
MET CE  HE1  sing N N 220 
MET CE  HE2  sing N N 221 
MET CE  HE3  sing N N 222 
MET OXT HXT  sing N N 223 
PHE N   CA   sing N N 224 
PHE N   H    sing N N 225 
PHE N   H2   sing N N 226 
PHE CA  C    sing N N 227 
PHE CA  CB   sing N N 228 
PHE CA  HA   sing N N 229 
PHE C   O    doub N N 230 
PHE C   OXT  sing N N 231 
PHE CB  CG   sing N N 232 
PHE CB  HB2  sing N N 233 
PHE CB  HB3  sing N N 234 
PHE CG  CD1  doub Y N 235 
PHE CG  CD2  sing Y N 236 
PHE CD1 CE1  sing Y N 237 
PHE CD1 HD1  sing N N 238 
PHE CD2 CE2  doub Y N 239 
PHE CD2 HD2  sing N N 240 
PHE CE1 CZ   doub Y N 241 
PHE CE1 HE1  sing N N 242 
PHE CE2 CZ   sing Y N 243 
PHE CE2 HE2  sing N N 244 
PHE CZ  HZ   sing N N 245 
PHE OXT HXT  sing N N 246 
PRO N   CA   sing N N 247 
PRO N   CD   sing N N 248 
PRO N   H    sing N N 249 
PRO CA  C    sing N N 250 
PRO CA  CB   sing N N 251 
PRO CA  HA   sing N N 252 
PRO C   O    doub N N 253 
PRO C   OXT  sing N N 254 
PRO CB  CG   sing N N 255 
PRO CB  HB2  sing N N 256 
PRO CB  HB3  sing N N 257 
PRO CG  CD   sing N N 258 
PRO CG  HG2  sing N N 259 
PRO CG  HG3  sing N N 260 
PRO CD  HD2  sing N N 261 
PRO CD  HD3  sing N N 262 
PRO OXT HXT  sing N N 263 
SER N   CA   sing N N 264 
SER N   H    sing N N 265 
SER N   H2   sing N N 266 
SER CA  C    sing N N 267 
SER CA  CB   sing N N 268 
SER CA  HA   sing N N 269 
SER C   O    doub N N 270 
SER C   OXT  sing N N 271 
SER CB  OG   sing N N 272 
SER CB  HB2  sing N N 273 
SER CB  HB3  sing N N 274 
SER OG  HG   sing N N 275 
SER OXT HXT  sing N N 276 
THR N   CA   sing N N 277 
THR N   H    sing N N 278 
THR N   H2   sing N N 279 
THR CA  C    sing N N 280 
THR CA  CB   sing N N 281 
THR CA  HA   sing N N 282 
THR C   O    doub N N 283 
THR C   OXT  sing N N 284 
THR CB  OG1  sing N N 285 
THR CB  CG2  sing N N 286 
THR CB  HB   sing N N 287 
THR OG1 HG1  sing N N 288 
THR CG2 HG21 sing N N 289 
THR CG2 HG22 sing N N 290 
THR CG2 HG23 sing N N 291 
THR OXT HXT  sing N N 292 
TRP N   CA   sing N N 293 
TRP N   H    sing N N 294 
TRP N   H2   sing N N 295 
TRP CA  C    sing N N 296 
TRP CA  CB   sing N N 297 
TRP CA  HA   sing N N 298 
TRP C   O    doub N N 299 
TRP C   OXT  sing N N 300 
TRP CB  CG   sing N N 301 
TRP CB  HB2  sing N N 302 
TRP CB  HB3  sing N N 303 
TRP CG  CD1  doub Y N 304 
TRP CG  CD2  sing Y N 305 
TRP CD1 NE1  sing Y N 306 
TRP CD1 HD1  sing N N 307 
TRP CD2 CE2  doub Y N 308 
TRP CD2 CE3  sing Y N 309 
TRP NE1 CE2  sing Y N 310 
TRP NE1 HE1  sing N N 311 
TRP CE2 CZ2  sing Y N 312 
TRP CE3 CZ3  doub Y N 313 
TRP CE3 HE3  sing N N 314 
TRP CZ2 CH2  doub Y N 315 
TRP CZ2 HZ2  sing N N 316 
TRP CZ3 CH2  sing Y N 317 
TRP CZ3 HZ3  sing N N 318 
TRP CH2 HH2  sing N N 319 
TRP OXT HXT  sing N N 320 
TYR N   CA   sing N N 321 
TYR N   H    sing N N 322 
TYR N   H2   sing N N 323 
TYR CA  C    sing N N 324 
TYR CA  CB   sing N N 325 
TYR CA  HA   sing N N 326 
TYR C   O    doub N N 327 
TYR C   OXT  sing N N 328 
TYR CB  CG   sing N N 329 
TYR CB  HB2  sing N N 330 
TYR CB  HB3  sing N N 331 
TYR CG  CD1  doub Y N 332 
TYR CG  CD2  sing Y N 333 
TYR CD1 CE1  sing Y N 334 
TYR CD1 HD1  sing N N 335 
TYR CD2 CE2  doub Y N 336 
TYR CD2 HD2  sing N N 337 
TYR CE1 CZ   doub Y N 338 
TYR CE1 HE1  sing N N 339 
TYR CE2 CZ   sing Y N 340 
TYR CE2 HE2  sing N N 341 
TYR CZ  OH   sing N N 342 
TYR OH  HH   sing N N 343 
TYR OXT HXT  sing N N 344 
VAL N   CA   sing N N 345 
VAL N   H    sing N N 346 
VAL N   H2   sing N N 347 
VAL CA  C    sing N N 348 
VAL CA  CB   sing N N 349 
VAL CA  HA   sing N N 350 
VAL C   O    doub N N 351 
VAL C   OXT  sing N N 352 
VAL CB  CG1  sing N N 353 
VAL CB  CG2  sing N N 354 
VAL CB  HB   sing N N 355 
VAL CG1 HG11 sing N N 356 
VAL CG1 HG12 sing N N 357 
VAL CG1 HG13 sing N N 358 
VAL CG2 HG21 sing N N 359 
VAL CG2 HG22 sing N N 360 
VAL CG2 HG23 sing N N 361 
VAL OXT HXT  sing N N 362 
# 
_atom_sites.entry_id                    4HKO 
_atom_sites.fract_transf_matrix[1][1]   0.01090773 
_atom_sites.fract_transf_matrix[1][2]   -0.01712125 
_atom_sites.fract_transf_matrix[1][3]   -0.00424638 
_atom_sites.fract_transf_matrix[2][1]   0.00886968 
_atom_sites.fract_transf_matrix[2][2]   0.00212532 
_atom_sites.fract_transf_matrix[2][3]   0.01421443 
_atom_sites.fract_transf_matrix[3][1]   -0.00959580 
_atom_sites.fract_transf_matrix[3][2]   -0.00789105 
_atom_sites.fract_transf_matrix[3][3]   0.00716755 
_atom_sites.fract_transf_vector[1]      0.249391 
_atom_sites.fract_transf_vector[2]      -0.050989 
_atom_sites.fract_transf_vector[3]      -0.219593 
# 
loop_
_atom_type.symbol 
C 
H 
I 
N 
O 
S 
# 
loop_
_atom_site.group_PDB 
_atom_site.id 
_atom_site.type_symbol 
_atom_site.label_atom_id 
_atom_site.label_alt_id 
_atom_site.label_comp_id 
_atom_site.label_asym_id 
_atom_site.label_entity_id 
_atom_site.label_seq_id 
_atom_site.pdbx_PDB_ins_code 
_atom_site.Cartn_x 
_atom_site.Cartn_y 
_atom_site.Cartn_z 
_atom_site.occupancy 
_atom_site.B_iso_or_equiv 
_atom_site.pdbx_formal_charge 
_atom_site.auth_seq_id 
_atom_site.auth_comp_id 
_atom_site.auth_asym_id 
_atom_site.auth_atom_id 
_atom_site.pdbx_PDB_model_num 
ATOM   1    N N    . THR A 1 1   ? -18.451 8.462   -6.839  1.00 34.05 ? 2   THR A N    1 
ATOM   2    C CA   . THR A 1 1   ? -17.074 8.053   -7.090  1.00 27.19 ? 2   THR A CA   1 
ATOM   3    C C    . THR A 1 1   ? -16.273 9.276   -7.494  1.00 23.62 ? 2   THR A C    1 
ATOM   4    O O    . THR A 1 1   ? -16.806 10.184  -8.134  1.00 26.60 ? 2   THR A O    1 
ATOM   5    C CB   . THR A 1 1   ? -16.997 6.971   -8.183  1.00 22.66 ? 2   THR A CB   1 
ATOM   6    O OG1  . THR A 1 1   ? -16.631 7.560   -9.440  1.00 29.31 ? 2   THR A OG1  1 
ATOM   7    C CG2  . THR A 1 1   ? -18.344 6.254   -8.301  1.00 26.69 ? 2   THR A CG2  1 
ATOM   8    N N    . ILE A 1 2   ? -15.000 9.316   -7.114  1.00 19.55 ? 3   ILE A N    1 
ATOM   9    C CA   . ILE A 1 2   ? -14.245 10.549  -7.262  1.00 19.80 ? 3   ILE A CA   1 
ATOM   10   C C    . ILE A 1 2   ? -13.213 10.542  -8.377  1.00 15.00 ? 3   ILE A C    1 
ATOM   11   O O    . ILE A 1 2   ? -12.833 9.501   -8.908  1.00 14.32 ? 3   ILE A O    1 
ATOM   12   C CB   . ILE A 1 2   ? -13.562 10.979  -5.951  1.00 23.59 ? 3   ILE A CB   1 
ATOM   13   C CG1  . ILE A 1 2   ? -12.276 10.178  -5.729  1.00 16.39 ? 3   ILE A CG1  1 
ATOM   14   C CG2  . ILE A 1 2   ? -14.535 10.846  -4.781  1.00 24.38 ? 3   ILE A CG2  1 
ATOM   15   C CD1  . ILE A 1 2   ? -11.383 10.749  -4.663  1.00 22.18 ? 3   ILE A CD1  1 
ATOM   16   N N    . GLN A 1 3   ? -12.791 11.748  -8.729  1.00 14.99 ? 4   GLN A N    1 
ATOM   17   C CA   . GLN A 1 3   ? -11.794 11.997  -9.744  1.00 13.20 ? 4   GLN A CA   1 
ATOM   18   C C    . GLN A 1 3   ? -10.428 11.534  -9.232  1.00 14.53 ? 4   GLN A C    1 
ATOM   19   O O    . GLN A 1 3   ? -10.093 11.752  -8.069  1.00 12.27 ? 4   GLN A O    1 
ATOM   20   C CB   . GLN A 1 3   ? -11.789 13.507  -10.018 1.00 20.07 ? 4   GLN A CB   1 
ATOM   21   C CG   . GLN A 1 3   ? -11.183 13.949  -11.316 1.00 20.05 ? 4   GLN A CG   1 
ATOM   22   C CD   . GLN A 1 3   ? -11.855 13.343  -12.531 1.00 13.53 ? 4   GLN A CD   1 
ATOM   23   O OE1  . GLN A 1 3   ? -13.080 13.135  -12.574 1.00 13.53 ? 4   GLN A OE1  1 
ATOM   24   N NE2  . GLN A 1 3   ? -11.048 13.049  -13.535 1.00 14.95 ? 4   GLN A NE2  1 
ATOM   25   N N    . PRO A 1 4   ? -9.643  10.868  -10.085 1.00 14.24 ? 5   PRO A N    1 
ATOM   26   C CA   . PRO A 1 4   ? -8.284  10.545  -9.654  1.00 13.71 ? 5   PRO A CA   1 
ATOM   27   C C    . PRO A 1 4   ? -7.544  11.803  -9.212  1.00 14.48 ? 5   PRO A C    1 
ATOM   28   O O    . PRO A 1 4   ? -7.713  12.876  -9.809  1.00 16.24 ? 5   PRO A O    1 
ATOM   29   C CB   . PRO A 1 4   ? -7.657  9.942   -10.914 1.00 13.63 ? 5   PRO A CB   1 
ATOM   30   C CG   . PRO A 1 4   ? -8.803  9.310   -11.600 1.00 14.77 ? 5   PRO A CG   1 
ATOM   31   C CD   . PRO A 1 4   ? -9.972  10.247  -11.378 1.00 15.53 ? 5   PRO A CD   1 
ATOM   32   N N    . GLY A 1 5   ? -6.752  11.679  -8.155  1.00 13.04 ? 6   GLY A N    1 
ATOM   33   C CA   . GLY A 1 5   ? -6.022  12.798  -7.599  1.00 13.40 ? 6   GLY A CA   1 
ATOM   34   C C    . GLY A 1 5   ? -5.763  12.544  -6.132  1.00 15.98 ? 6   GLY A C    1 
ATOM   35   O O    . GLY A 1 5   ? -5.973  11.429  -5.644  1.00 12.54 ? 6   GLY A O    1 
ATOM   36   N N    . THR A 1 6   ? -5.315  13.574  -5.426  1.00 11.66 ? 7   THR A N    1 
ATOM   37   C CA   . THR A 1 6   ? -5.094  13.483  -3.992  1.00 13.12 ? 7   THR A CA   1 
ATOM   38   C C    . THR A 1 6   ? -5.854  14.599  -3.298  1.00 20.34 ? 7   THR A C    1 
ATOM   39   O O    . THR A 1 6   ? -6.369  15.516  -3.941  1.00 21.76 ? 7   THR A O    1 
ATOM   40   C CB   . THR A 1 6   ? -3.597  13.583  -3.624  1.00 15.87 ? 7   THR A CB   1 
ATOM   41   O OG1  . THR A 1 6   ? -3.114  14.891  -3.944  1.00 18.72 ? 7   THR A OG1  1 
ATOM   42   C CG2  . THR A 1 6   ? -2.782  12.554  -4.392  1.00 14.24 ? 7   THR A CG2  1 
ATOM   43   N N    . GLY A 1 7   ? -5.929  14.521  -1.980  1.00 19.11 ? 8   GLY A N    1 
ATOM   44   C CA   . GLY A 1 7   ? -6.561  15.572  -1.219  1.00 18.50 ? 8   GLY A CA   1 
ATOM   45   C C    . GLY A 1 7   ? -6.886  15.102  0.172   1.00 20.81 ? 8   GLY A C    1 
ATOM   46   O O    . GLY A 1 7   ? -6.268  14.171  0.694   1.00 17.82 ? 8   GLY A O    1 
ATOM   47   N N    . TYR A 1 8   ? -7.866  15.756  0.778   1.00 19.76 ? 9   TYR A N    1 
ATOM   48   C CA   . TYR A 1 8   ? -8.257  15.424  2.131   1.00 17.35 ? 9   TYR A CA   1 
ATOM   49   C C    . TYR A 1 8   ? -9.745  15.166  2.204   1.00 21.55 ? 9   TYR A C    1 
ATOM   50   O O    . TYR A 1 8   ? -10.546 15.834  1.548   1.00 21.60 ? 9   TYR A O    1 
ATOM   51   C CB   . TYR A 1 8   ? -7.827  16.527  3.100   1.00 17.82 ? 9   TYR A CB   1 
ATOM   52   C CG   . TYR A 1 8   ? -6.356  16.450  3.424   1.00 19.06 ? 9   TYR A CG   1 
ATOM   53   C CD1  . TYR A 1 8   ? -5.917  15.773  4.549   1.00 22.36 ? 9   TYR A CD1  1 
ATOM   54   C CD2  . TYR A 1 8   ? -5.404  17.010  2.582   1.00 24.47 ? 9   TYR A CD2  1 
ATOM   55   C CE1  . TYR A 1 8   ? -4.579  15.679  4.846   1.00 21.94 ? 9   TYR A CE1  1 
ATOM   56   C CE2  . TYR A 1 8   ? -4.054  16.917  2.871   1.00 19.43 ? 9   TYR A CE2  1 
ATOM   57   C CZ   . TYR A 1 8   ? -3.653  16.244  4.008   1.00 20.84 ? 9   TYR A CZ   1 
ATOM   58   O OH   . TYR A 1 8   ? -2.315  16.142  4.319   1.00 28.37 ? 9   TYR A OH   1 
ATOM   59   N N    . ASN A 1 9   ? -10.107 14.167  2.993   1.00 14.50 ? 10  ASN A N    1 
ATOM   60   C CA   . ASN A 1 9   ? -11.495 13.820  3.197   1.00 16.40 ? 10  ASN A CA   1 
ATOM   61   C C    . ASN A 1 9   ? -11.717 13.367  4.623   1.00 20.56 ? 10  ASN A C    1 
ATOM   62   O O    . ASN A 1 9   ? -11.155 12.360  5.065   1.00 18.34 ? 10  ASN A O    1 
ATOM   63   C CB   . ASN A 1 9   ? -11.922 12.720  2.231   1.00 18.83 ? 10  ASN A CB   1 
ATOM   64   C CG   . ASN A 1 9   ? -13.370 12.334  2.408   1.00 17.20 ? 10  ASN A CG   1 
ATOM   65   O OD1  . ASN A 1 9   ? -13.682 11.281  2.961   1.00 15.70 ? 10  ASN A OD1  1 
ATOM   66   N ND2  . ASN A 1 9   ? -14.273 13.203  1.954   1.00 21.33 ? 10  ASN A ND2  1 
ATOM   67   N N    . ASN A 1 10  ? -12.536 14.124  5.344   1.00 19.02 ? 11  ASN A N    1 
ATOM   68   C CA   . ASN A 1 10  ? -12.881 13.784  6.713   1.00 20.34 ? 11  ASN A CA   1 
ATOM   69   C C    . ASN A 1 10  ? -11.653 13.541  7.585   1.00 20.02 ? 11  ASN A C    1 
ATOM   70   O O    . ASN A 1 10  ? -11.614 12.597  8.377   1.00 24.04 ? 11  ASN A O    1 
ATOM   71   C CB   . ASN A 1 10  ? -13.825 12.583  6.727   1.00 21.05 ? 11  ASN A CB   1 
ATOM   72   C CG   . ASN A 1 10  ? -15.155 12.889  6.061   1.00 22.13 ? 11  ASN A CG   1 
ATOM   73   O OD1  . ASN A 1 10  ? -15.733 13.961  6.274   1.00 23.59 ? 11  ASN A OD1  1 
ATOM   74   N ND2  . ASN A 1 10  ? -15.638 11.965  5.239   1.00 21.83 ? 11  ASN A ND2  1 
ATOM   75   N N    . GLY A 1 11  ? -10.655 14.405  7.427   1.00 20.44 ? 12  GLY A N    1 
ATOM   76   C CA   . GLY A 1 11  ? -9.460  14.380  8.255   1.00 19.59 ? 12  GLY A CA   1 
ATOM   77   C C    . GLY A 1 11  ? -8.278  13.681  7.608   1.00 20.73 ? 12  GLY A C    1 
ATOM   78   O O    . GLY A 1 11  ? -7.121  13.997  7.900   1.00 28.11 ? 12  GLY A O    1 
ATOM   79   N N    . TYR A 1 12  ? -8.566  12.744  6.711   1.00 18.59 ? 13  TYR A N    1 
ATOM   80   C CA   . TYR A 1 12  ? -7.530  11.887  6.146   1.00 15.71 ? 13  TYR A CA   1 
ATOM   81   C C    . TYR A 1 12  ? -7.052  12.299  4.762   1.00 15.53 ? 13  TYR A C    1 
ATOM   82   O O    . TYR A 1 12  ? -7.840  12.696  3.905   1.00 14.64 ? 13  TYR A O    1 
ATOM   83   C CB   . TYR A 1 12  ? -8.000  10.425  6.136   1.00 15.18 ? 13  TYR A CB   1 
ATOM   84   C CG   . TYR A 1 12  ? -8.166  9.892   7.531   1.00 14.00 ? 13  TYR A CG   1 
ATOM   85   C CD1  . TYR A 1 12  ? -9.375  10.012  8.201   1.00 16.78 ? 13  TYR A CD1  1 
ATOM   86   C CD2  . TYR A 1 12  ? -7.095  9.320   8.200   1.00 12.61 ? 13  TYR A CD2  1 
ATOM   87   C CE1  . TYR A 1 12  ? -9.519  9.548   9.491   1.00 14.80 ? 13  TYR A CE1  1 
ATOM   88   C CE2  . TYR A 1 12  ? -7.225  8.860   9.495   1.00 15.59 ? 13  TYR A CE2  1 
ATOM   89   C CZ   . TYR A 1 12  ? -8.441  8.974   10.135  1.00 19.05 ? 13  TYR A CZ   1 
ATOM   90   O OH   . TYR A 1 12  ? -8.582  8.515   11.424  1.00 19.52 ? 13  TYR A OH   1 
ATOM   91   N N    . PHE A 1 13  ? -5.743  12.205  4.558   1.00 12.27 ? 14  PHE A N    1 
ATOM   92   C CA   . PHE A 1 13  ? -5.182  12.293  3.224   1.00 12.92 ? 14  PHE A CA   1 
ATOM   93   C C    . PHE A 1 13  ? -5.692  11.113  2.422   1.00 13.64 ? 14  PHE A C    1 
ATOM   94   O O    . PHE A 1 13  ? -5.863  10.019  2.953   1.00 12.04 ? 14  PHE A O    1 
ATOM   95   C CB   . PHE A 1 13  ? -3.657  12.230  3.279   1.00 12.06 ? 14  PHE A CB   1 
ATOM   96   C CG   . PHE A 1 13  ? -2.997  12.252  1.929   1.00 13.47 ? 14  PHE A CG   1 
ATOM   97   C CD1  . PHE A 1 13  ? -2.905  13.429  1.212   1.00 12.34 ? 14  PHE A CD1  1 
ATOM   98   C CD2  . PHE A 1 13  ? -2.456  11.094  1.384   1.00 13.04 ? 14  PHE A CD2  1 
ATOM   99   C CE1  . PHE A 1 13  ? -2.293  13.455  -0.026  1.00 12.19 ? 14  PHE A CE1  1 
ATOM   100  C CE2  . PHE A 1 13  ? -1.841  11.112  0.146   1.00 11.48 ? 14  PHE A CE2  1 
ATOM   101  C CZ   . PHE A 1 13  ? -1.762  12.293  -0.565  1.00 10.81 ? 14  PHE A CZ   1 
ATOM   102  N N    . TYR A 1 14  ? -5.936  11.330  1.139   1.00 10.59 ? 15  TYR A N    1 
ATOM   103  C CA   . TYR A 1 14  ? -6.244  10.215  0.260   1.00 10.50 ? 15  TYR A CA   1 
ATOM   104  C C    . TYR A 1 14  ? -5.518  10.378  -1.063  1.00 13.38 ? 15  TYR A C    1 
ATOM   105  O O    . TYR A 1 14  ? -5.162  11.484  -1.467  1.00 13.13 ? 15  TYR A O    1 
ATOM   106  C CB   . TYR A 1 14  ? -7.750  10.082  0.034   1.00 13.27 ? 15  TYR A CB   1 
ATOM   107  C CG   . TYR A 1 14  ? -8.322  11.123  -0.892  1.00 15.76 ? 15  TYR A CG   1 
ATOM   108  C CD1  . TYR A 1 14  ? -8.384  10.903  -2.263  1.00 16.18 ? 15  TYR A CD1  1 
ATOM   109  C CD2  . TYR A 1 14  ? -8.802  12.327  -0.396  1.00 20.58 ? 15  TYR A CD2  1 
ATOM   110  C CE1  . TYR A 1 14  ? -8.910  11.857  -3.120  1.00 16.66 ? 15  TYR A CE1  1 
ATOM   111  C CE2  . TYR A 1 14  ? -9.331  13.287  -1.246  1.00 19.31 ? 15  TYR A CE2  1 
ATOM   112  C CZ   . TYR A 1 14  ? -9.382  13.043  -2.605  1.00 23.54 ? 15  TYR A CZ   1 
ATOM   113  O OH   . TYR A 1 14  ? -9.908  13.991  -3.459  1.00 26.86 ? 15  TYR A OH   1 
ATOM   114  N N    . SER A 1 15  ? -5.282  9.257   -1.729  1.00 11.59 ? 16  SER A N    1 
ATOM   115  C CA   . SER A 1 15  ? -4.687  9.260   -3.048  1.00 9.68  ? 16  SER A CA   1 
ATOM   116  C C    . SER A 1 15  ? -5.437  8.230   -3.868  1.00 11.58 ? 16  SER A C    1 
ATOM   117  O O    . SER A 1 15  ? -5.667  7.112   -3.409  1.00 10.62 ? 16  SER A O    1 
ATOM   118  C CB   . SER A 1 15  ? -3.197  8.924   -2.981  1.00 10.51 ? 16  SER A CB   1 
ATOM   119  O OG   . SER A 1 15  ? -2.633  8.872   -4.291  1.00 15.02 ? 16  SER A OG   1 
ATOM   120  N N    . TYR A 1 16  ? -5.857  8.619   -5.064  1.00 10.85 ? 17  TYR A N    1 
ATOM   121  C CA   . TYR A 1 16  ? -6.500  7.703   -5.995  1.00 9.95  ? 17  TYR A CA   1 
ATOM   122  C C    . TYR A 1 16  ? -5.871  7.905   -7.355  1.00 13.53 ? 17  TYR A C    1 
ATOM   123  O O    . TYR A 1 16  ? -5.940  8.989   -7.928  1.00 13.10 ? 17  TYR A O    1 
ATOM   124  C CB   . TYR A 1 16  ? -8.019  7.926   -6.060  1.00 9.84  ? 17  TYR A CB   1 
ATOM   125  C CG   . TYR A 1 16  ? -8.718  7.137   -7.151  1.00 12.99 ? 17  TYR A CG   1 
ATOM   126  C CD1  . TYR A 1 16  ? -8.348  5.828   -7.437  1.00 8.72  ? 17  TYR A CD1  1 
ATOM   127  C CD2  . TYR A 1 16  ? -9.761  7.696   -7.888  1.00 12.85 ? 17  TYR A CD2  1 
ATOM   128  C CE1  . TYR A 1 16  ? -8.983  5.108   -8.431  1.00 13.33 ? 17  TYR A CE1  1 
ATOM   129  C CE2  . TYR A 1 16  ? -10.406 6.982   -8.884  1.00 10.50 ? 17  TYR A CE2  1 
ATOM   130  C CZ   . TYR A 1 16  ? -10.015 5.686   -9.151  1.00 12.38 ? 17  TYR A CZ   1 
ATOM   131  O OH   . TYR A 1 16  ? -10.655 4.966   -10.136 1.00 15.14 ? 17  TYR A OH   1 
ATOM   132  N N    . TRP A 1 17  ? -5.220  6.866   -7.858  1.00 11.09 ? 18  TRP A N    1 
ATOM   133  C CA   . TRP A 1 17  ? -4.570  6.945   -9.154  1.00 13.21 ? 18  TRP A CA   1 
ATOM   134  C C    . TRP A 1 17  ? -4.980  5.773   -10.023 1.00 13.77 ? 18  TRP A C    1 
ATOM   135  O O    . TRP A 1 17  ? -5.175  4.671   -9.528  1.00 10.84 ? 18  TRP A O    1 
ATOM   136  C CB   . TRP A 1 17  ? -3.050  6.945   -8.985  1.00 15.14 ? 18  TRP A CB   1 
ATOM   137  C CG   . TRP A 1 17  ? -2.332  6.777   -10.283 1.00 18.02 ? 18  TRP A CG   1 
ATOM   138  C CD1  . TRP A 1 17  ? -1.976  7.766   -11.149 1.00 20.41 ? 18  TRP A CD1  1 
ATOM   139  C CD2  . TRP A 1 17  ? -1.904  5.545   -10.880 1.00 16.30 ? 18  TRP A CD2  1 
ATOM   140  N NE1  . TRP A 1 17  ? -1.343  7.231   -12.246 1.00 19.84 ? 18  TRP A NE1  1 
ATOM   141  C CE2  . TRP A 1 17  ? -1.285  5.870   -12.104 1.00 21.54 ? 18  TRP A CE2  1 
ATOM   142  C CE3  . TRP A 1 17  ? -1.969  4.202   -10.492 1.00 19.32 ? 18  TRP A CE3  1 
ATOM   143  C CZ2  . TRP A 1 17  ? -0.743  4.908   -12.947 1.00 22.36 ? 18  TRP A CZ2  1 
ATOM   144  C CZ3  . TRP A 1 17  ? -1.432  3.245   -11.335 1.00 18.52 ? 18  TRP A CZ3  1 
ATOM   145  C CH2  . TRP A 1 17  ? -0.825  3.604   -12.546 1.00 17.54 ? 18  TRP A CH2  1 
ATOM   146  N N    . ASN A 1 18  ? -5.121  6.002   -11.323 1.00 15.33 ? 19  ASN A N    1 
ATOM   147  C CA   . ASN A 1 18  ? -5.267  4.887   -12.252 1.00 14.37 ? 19  ASN A CA   1 
ATOM   148  C C    . ASN A 1 18  ? -4.624  5.205   -13.593 1.00 16.83 ? 19  ASN A C    1 
ATOM   149  O O    . ASN A 1 18  ? -4.210  6.339   -13.837 1.00 17.99 ? 19  ASN A O    1 
ATOM   150  C CB   . ASN A 1 18  ? -6.722  4.416   -12.384 1.00 14.09 ? 19  ASN A CB   1 
ATOM   151  C CG   . ASN A 1 18  ? -7.614  5.421   -13.084 1.00 18.03 ? 19  ASN A CG   1 
ATOM   152  O OD1  . ASN A 1 18  ? -7.288  5.924   -14.158 1.00 16.19 ? 19  ASN A OD1  1 
ATOM   153  N ND2  . ASN A 1 18  ? -8.760  5.708   -12.479 1.00 16.12 ? 19  ASN A ND2  1 
ATOM   154  N N    . ASP A 1 19  ? -4.504  4.188   -14.438 1.00 15.07 ? 20  ASP A N    1 
ATOM   155  C CA   . ASP A 1 19  ? -3.799  4.337   -15.705 1.00 18.67 ? 20  ASP A CA   1 
ATOM   156  C C    . ASP A 1 19  ? -4.741  4.716   -16.840 1.00 20.67 ? 20  ASP A C    1 
ATOM   157  O O    . ASP A 1 19  ? -4.333  4.752   -18.002 1.00 17.59 ? 20  ASP A O    1 
ATOM   158  C CB   . ASP A 1 19  ? -3.056  3.046   -16.051 1.00 15.54 ? 20  ASP A CB   1 
ATOM   159  C CG   . ASP A 1 19  ? -3.986  1.874   -16.219 1.00 15.21 ? 20  ASP A CG   1 
ATOM   160  O OD1  . ASP A 1 19  ? -5.219  2.063   -16.120 1.00 14.30 ? 20  ASP A OD1  1 
ATOM   161  O OD2  . ASP A 1 19  ? -3.495  0.750   -16.469 1.00 13.42 ? 20  ASP A OD2  1 
ATOM   162  N N    . GLY A 1 20  ? -6.000  4.985   -16.506 1.00 17.11 ? 21  GLY A N    1 
ATOM   163  C CA   . GLY A 1 20  ? -6.986  5.412   -17.486 1.00 18.09 ? 21  GLY A CA   1 
ATOM   164  C C    . GLY A 1 20  ? -7.703  4.305   -18.238 1.00 21.06 ? 21  GLY A C    1 
ATOM   165  O O    . GLY A 1 20  ? -8.525  4.581   -19.110 1.00 23.49 ? 21  GLY A O    1 
ATOM   166  N N    . HIS A 1 21  ? -7.419  3.049   -17.900 1.00 17.40 ? 22  HIS A N    1 
ATOM   167  C CA   . HIS A 1 21  ? -8.010  1.926   -18.620 1.00 15.76 ? 22  HIS A CA   1 
ATOM   168  C C    . HIS A 1 21  ? -9.527  1.860   -18.471 1.00 20.55 ? 22  HIS A C    1 
ATOM   169  O O    . HIS A 1 21  ? -10.224 1.338   -19.345 1.00 22.93 ? 22  HIS A O    1 
ATOM   170  C CB   . HIS A 1 21  ? -7.391  0.601   -18.160 1.00 14.56 ? 22  HIS A CB   1 
ATOM   171  C CG   . HIS A 1 21  ? -7.946  -0.597  -18.864 1.00 17.77 ? 22  HIS A CG   1 
ATOM   172  N ND1  . HIS A 1 21  ? -7.583  -0.936  -20.151 1.00 21.28 ? 22  HIS A ND1  1 
ATOM   173  C CD2  . HIS A 1 21  ? -8.844  -1.529  -18.468 1.00 17.95 ? 22  HIS A CD2  1 
ATOM   174  C CE1  . HIS A 1 21  ? -8.229  -2.031  -20.515 1.00 20.08 ? 22  HIS A CE1  1 
ATOM   175  N NE2  . HIS A 1 21  ? -8.997  -2.414  -19.510 1.00 19.78 ? 22  HIS A NE2  1 
ATOM   176  N N    . GLY A 1 22  ? -10.031 2.396   -17.365 1.00 18.84 ? 23  GLY A N    1 
ATOM   177  C CA   . GLY A 1 22  ? -11.424 2.230   -16.994 1.00 19.64 ? 23  GLY A CA   1 
ATOM   178  C C    . GLY A 1 22  ? -11.600 0.995   -16.131 1.00 19.60 ? 23  GLY A C    1 
ATOM   179  O O    . GLY A 1 22  ? -10.662 0.219   -15.944 1.00 16.11 ? 23  GLY A O    1 
ATOM   180  N N    . GLY A 1 23  ? -12.796 0.805   -15.590 1.00 14.12 ? 24  GLY A N    1 
ATOM   181  C CA   . GLY A 1 23  ? -13.093 -0.418  -14.870 1.00 11.47 ? 24  GLY A CA   1 
ATOM   182  C C    . GLY A 1 23  ? -12.813 -0.370  -13.379 1.00 11.67 ? 24  GLY A C    1 
ATOM   183  O O    . GLY A 1 23  ? -12.778 -1.406  -12.726 1.00 13.92 ? 24  GLY A O    1 
ATOM   184  N N    . VAL A 1 24  ? -12.628 0.820   -12.828 1.00 12.43 ? 25  VAL A N    1 
ATOM   185  C CA   . VAL A 1 24  ? -12.447 0.944   -11.382 1.00 14.00 ? 25  VAL A CA   1 
ATOM   186  C C    . VAL A 1 24  ? -13.057 2.240   -10.866 1.00 13.63 ? 25  VAL A C    1 
ATOM   187  O O    . VAL A 1 24  ? -12.939 3.289   -11.496 1.00 15.35 ? 25  VAL A O    1 
ATOM   188  C CB   . VAL A 1 24  ? -10.952 0.809   -10.954 1.00 14.88 ? 25  VAL A CB   1 
ATOM   189  C CG1  . VAL A 1 24  ? -10.048 1.659   -11.833 1.00 13.67 ? 25  VAL A CG1  1 
ATOM   190  C CG2  . VAL A 1 24  ? -10.760 1.175   -9.487  1.00 12.19 ? 25  VAL A CG2  1 
ATOM   191  N N    . THR A 1 25  ? -13.744 2.153   -9.731  1.00 11.75 ? 26  THR A N    1 
ATOM   192  C CA   . THR A 1 25  ? -14.247 3.345   -9.072  1.00 12.03 ? 26  THR A CA   1 
ATOM   193  C C    . THR A 1 25  ? -13.734 3.373   -7.645  1.00 12.60 ? 26  THR A C    1 
ATOM   194  O O    . THR A 1 25  ? -13.531 2.325   -7.033  1.00 15.05 ? 26  THR A O    1 
ATOM   195  C CB   . THR A 1 25  ? -15.785 3.407   -9.067  1.00 14.25 ? 26  THR A CB   1 
ATOM   196  O OG1  . THR A 1 25  ? -16.316 2.210   -8.490  1.00 20.36 ? 26  THR A OG1  1 
ATOM   197  C CG2  . THR A 1 25  ? -16.320 3.562   -10.489 1.00 18.03 ? 26  THR A CG2  1 
ATOM   198  N N    . TYR A 1 26  ? -13.521 4.580   -7.136  1.00 11.03 ? 27  TYR A N    1 
ATOM   199  C CA   . TYR A 1 26  ? -13.021 4.788   -5.782  1.00 13.20 ? 27  TYR A CA   1 
ATOM   200  C C    . TYR A 1 26  ? -13.926 5.811   -5.108  1.00 14.50 ? 27  TYR A C    1 
ATOM   201  O O    . TYR A 1 26  ? -14.243 6.840   -5.699  1.00 14.33 ? 27  TYR A O    1 
ATOM   202  C CB   . TYR A 1 26  ? -11.578 5.308   -5.826  1.00 12.79 ? 27  TYR A CB   1 
ATOM   203  C CG   . TYR A 1 26  ? -11.052 5.747   -4.473  1.00 12.20 ? 27  TYR A CG   1 
ATOM   204  C CD1  . TYR A 1 26  ? -11.320 7.017   -3.982  1.00 12.43 ? 27  TYR A CD1  1 
ATOM   205  C CD2  . TYR A 1 26  ? -10.296 4.885   -3.685  1.00 12.30 ? 27  TYR A CD2  1 
ATOM   206  C CE1  . TYR A 1 26  ? -10.849 7.421   -2.744  1.00 12.92 ? 27  TYR A CE1  1 
ATOM   207  C CE2  . TYR A 1 26  ? -9.826  5.279   -2.443  1.00 10.05 ? 27  TYR A CE2  1 
ATOM   208  C CZ   . TYR A 1 26  ? -10.108 6.548   -1.983  1.00 11.75 ? 27  TYR A CZ   1 
ATOM   209  O OH   . TYR A 1 26  ? -9.644  6.944   -0.753  1.00 11.57 ? 27  TYR A OH   1 
ATOM   210  N N    A THR A 1 27  ? -14.313 5.543   -3.866  0.46 12.84 ? 28  THR A N    1 
ATOM   211  N N    B THR A 1 27  ? -14.372 5.517   -3.890  0.54 12.83 ? 28  THR A N    1 
ATOM   212  C CA   A THR A 1 27  ? -15.212 6.429   -3.136  0.46 13.26 ? 28  THR A CA   1 
ATOM   213  C CA   B THR A 1 27  ? -15.211 6.462   -3.158  0.54 13.26 ? 28  THR A CA   1 
ATOM   214  C C    A THR A 1 27  ? -14.679 6.705   -1.742  0.46 12.85 ? 28  THR A C    1 
ATOM   215  C C    B THR A 1 27  ? -14.673 6.712   -1.759  0.54 12.85 ? 28  THR A C    1 
ATOM   216  O O    A THR A 1 27  ? -14.182 5.800   -1.073  0.46 12.29 ? 28  THR A O    1 
ATOM   217  O O    B THR A 1 27  ? -14.173 5.798   -1.107  0.54 12.27 ? 28  THR A O    1 
ATOM   218  C CB   A THR A 1 27  ? -16.611 5.803   -3.017  0.46 14.18 ? 28  THR A CB   1 
ATOM   219  C CB   B THR A 1 27  ? -16.688 5.995   -3.060  0.54 14.19 ? 28  THR A CB   1 
ATOM   220  O OG1  A THR A 1 27  ? -17.218 5.736   -4.312  0.46 16.50 ? 28  THR A OG1  1 
ATOM   221  O OG1  B THR A 1 27  ? -16.756 4.700   -2.454  0.54 12.93 ? 28  THR A OG1  1 
ATOM   222  C CG2  A THR A 1 27  ? -17.500 6.618   -2.099  0.46 14.77 ? 28  THR A CG2  1 
ATOM   223  C CG2  B THR A 1 27  ? -17.327 5.918   -4.429  0.54 16.81 ? 28  THR A CG2  1 
ATOM   224  N N    . ASN A 1 28  ? -14.777 7.958   -1.308  1.00 15.12 ? 29  ASN A N    1 
ATOM   225  C CA   . ASN A 1 28  ? -14.391 8.326   0.046   1.00 13.12 ? 29  ASN A CA   1 
ATOM   226  C C    . ASN A 1 28  ? -15.632 8.329   0.919   1.00 17.02 ? 29  ASN A C    1 
ATOM   227  O O    . ASN A 1 28  ? -16.682 8.830   0.512   1.00 20.04 ? 29  ASN A O    1 
ATOM   228  C CB   . ASN A 1 28  ? -13.727 9.708   0.071   1.00 13.57 ? 29  ASN A CB   1 
ATOM   229  C CG   . ASN A 1 28  ? -12.257 9.658   -0.290  1.00 15.51 ? 29  ASN A CG   1 
ATOM   230  O OD1  . ASN A 1 28  ? -11.560 8.693   0.036   1.00 14.95 ? 29  ASN A OD1  1 
ATOM   231  N ND2  . ASN A 1 28  ? -11.772 10.701  -0.960  1.00 16.31 ? 29  ASN A ND2  1 
ATOM   232  N N    . GLY A 1 29  ? -15.523 7.744   2.104   1.00 13.76 ? 30  GLY A N    1 
ATOM   233  C CA   . GLY A 1 29  ? -16.637 7.682   3.034   1.00 18.39 ? 30  GLY A CA   1 
ATOM   234  C C    . GLY A 1 29  ? -16.326 8.460   4.300   1.00 18.32 ? 30  GLY A C    1 
ATOM   235  O O    . GLY A 1 29  ? -15.319 9.152   4.380   1.00 17.40 ? 30  GLY A O    1 
ATOM   236  N N    . PRO A 1 30  ? -17.187 8.331   5.313   1.00 18.69 ? 31  PRO A N    1 
ATOM   237  C CA   . PRO A 1 30  ? -16.989 9.098   6.546   1.00 18.66 ? 31  PRO A CA   1 
ATOM   238  C C    . PRO A 1 30  ? -15.704 8.684   7.250   1.00 19.62 ? 31  PRO A C    1 
ATOM   239  O O    . PRO A 1 30  ? -15.253 7.547   7.089   1.00 16.69 ? 31  PRO A O    1 
ATOM   240  C CB   . PRO A 1 30  ? -18.181 8.689   7.417   1.00 20.13 ? 31  PRO A CB   1 
ATOM   241  C CG   . PRO A 1 30  ? -19.079 7.868   6.543   1.00 23.77 ? 31  PRO A CG   1 
ATOM   242  C CD   . PRO A 1 30  ? -18.235 7.313   5.451   1.00 22.09 ? 31  PRO A CD   1 
ATOM   243  N N    . GLY A 1 31  ? -15.136 9.592   8.033   1.00 18.21 ? 32  GLY A N    1 
ATOM   244  C CA   . GLY A 1 31  ? -13.929 9.294   8.780   1.00 17.83 ? 32  GLY A CA   1 
ATOM   245  C C    . GLY A 1 31  ? -12.849 8.727   7.878   1.00 14.64 ? 32  GLY A C    1 
ATOM   246  O O    . GLY A 1 31  ? -12.523 9.307   6.842   1.00 16.18 ? 32  GLY A O    1 
ATOM   247  N N    . GLY A 1 32  ? -12.292 7.587   8.269   1.00 15.74 ? 33  GLY A N    1 
ATOM   248  C CA   . GLY A 1 32  ? -11.197 6.997   7.520   1.00 12.84 ? 33  GLY A CA   1 
ATOM   249  C C    . GLY A 1 32  ? -11.637 5.957   6.511   1.00 13.14 ? 33  GLY A C    1 
ATOM   250  O O    . GLY A 1 32  ? -10.824 5.141   6.076   1.00 12.39 ? 33  GLY A O    1 
ATOM   251  N N    . GLN A 1 33  ? -12.907 5.973   6.114   1.00 11.76 ? 34  GLN A N    1 
ATOM   252  C CA   . GLN A 1 33  ? -13.420 4.918   5.238   1.00 10.21 ? 34  GLN A CA   1 
ATOM   253  C C    . GLN A 1 33  ? -13.247 5.259   3.762   1.00 10.17 ? 34  GLN A C    1 
ATOM   254  O O    . GLN A 1 33  ? -13.374 6.415   3.360   1.00 12.33 ? 34  GLN A O    1 
ATOM   255  C CB   . GLN A 1 33  ? -14.900 4.630   5.537   1.00 12.90 ? 34  GLN A CB   1 
ATOM   256  C CG   . GLN A 1 33  ? -15.431 3.333   4.942   1.00 12.82 ? 34  GLN A CG   1 
ATOM   257  C CD   . GLN A 1 33  ? -15.893 3.463   3.495   1.00 13.69 ? 34  GLN A CD   1 
ATOM   258  O OE1  . GLN A 1 33  ? -16.036 4.566   2.965   1.00 17.68 ? 34  GLN A OE1  1 
ATOM   259  N NE2  . GLN A 1 33  ? -16.144 2.326   2.855   1.00 14.61 ? 34  GLN A NE2  1 
ATOM   260  N N    . PHE A 1 34  ? -12.935 4.239   2.971   1.00 10.44 ? 35  PHE A N    1 
ATOM   261  C CA   . PHE A 1 34  ? -12.962 4.346   1.513   1.00 8.37  ? 35  PHE A CA   1 
ATOM   262  C C    . PHE A 1 34  ? -13.406 3.012   0.931   1.00 9.59  ? 35  PHE A C    1 
ATOM   263  O O    . PHE A 1 34  ? -13.233 1.965   1.557   1.00 9.50  ? 35  PHE A O    1 
ATOM   264  C CB   . PHE A 1 34  ? -11.599 4.775   0.939   1.00 9.27  ? 35  PHE A CB   1 
ATOM   265  C CG   . PHE A 1 34  ? -10.514 3.738   1.080   1.00 9.30  ? 35  PHE A CG   1 
ATOM   266  C CD1  . PHE A 1 34  ? -9.739  3.684   2.224   1.00 7.95  ? 35  PHE A CD1  1 
ATOM   267  C CD2  . PHE A 1 34  ? -10.258 2.838   0.058   1.00 9.93  ? 35  PHE A CD2  1 
ATOM   268  C CE1  . PHE A 1 34  ? -8.739  2.739   2.366   1.00 8.92  ? 35  PHE A CE1  1 
ATOM   269  C CE2  . PHE A 1 34  ? -9.252  1.897   0.186   1.00 9.44  ? 35  PHE A CE2  1 
ATOM   270  C CZ   . PHE A 1 34  ? -8.494  1.845   1.346   1.00 9.01  ? 35  PHE A CZ   1 
ATOM   271  N N    . SER A 1 35  ? -13.998 3.051   -0.258  1.00 9.47  ? 36  SER A N    1 
ATOM   272  C CA   . SER A 1 35  ? -14.417 1.843   -0.950  1.00 10.86 ? 36  SER A CA   1 
ATOM   273  C C    . SER A 1 35  ? -13.802 1.806   -2.340  1.00 8.93  ? 36  SER A C    1 
ATOM   274  O O    . SER A 1 35  ? -13.581 2.847   -2.952  1.00 10.98 ? 36  SER A O    1 
ATOM   275  C CB   . SER A 1 35  ? -15.941 1.793   -1.073  1.00 13.00 ? 36  SER A CB   1 
ATOM   276  O OG   . SER A 1 35  ? -16.548 1.592   0.196   1.00 16.67 ? 36  SER A OG   1 
ATOM   277  N N    . VAL A 1 36  ? -13.518 0.601   -2.823  1.00 9.24  ? 37  VAL A N    1 
ATOM   278  C CA   . VAL A 1 36  ? -13.031 0.408   -4.187  1.00 11.49 ? 37  VAL A CA   1 
ATOM   279  C C    . VAL A 1 36  ? -13.845 -0.698  -4.837  1.00 9.76  ? 37  VAL A C    1 
ATOM   280  O O    . VAL A 1 36  ? -14.041 -1.757  -4.253  1.00 10.70 ? 37  VAL A O    1 
ATOM   281  C CB   . VAL A 1 36  ? -11.525 0.037   -4.226  1.00 9.69  ? 37  VAL A CB   1 
ATOM   282  C CG1  . VAL A 1 36  ? -10.997 0.140   -5.659  1.00 11.40 ? 37  VAL A CG1  1 
ATOM   283  C CG2  . VAL A 1 36  ? -10.733 0.960   -3.322  1.00 10.04 ? 37  VAL A CG2  1 
ATOM   284  N N    . ASN A 1 37  ? -14.359 -0.437  -6.037  1.00 9.90  ? 38  ASN A N    1 
ATOM   285  C CA   . ASN A 1 37  ? -15.062 -1.464  -6.794  1.00 13.23 ? 38  ASN A CA   1 
ATOM   286  C C    . ASN A 1 37  ? -14.456 -1.533  -8.168  1.00 10.04 ? 38  ASN A C    1 
ATOM   287  O O    . ASN A 1 37  ? -14.317 -0.510  -8.832  1.00 11.36 ? 38  ASN A O    1 
ATOM   288  C CB   . ASN A 1 37  ? -16.549 -1.148  -6.908  1.00 14.80 ? 38  ASN A CB   1 
ATOM   289  C CG   . ASN A 1 37  ? -17.239 -1.174  -5.572  1.00 19.34 ? 38  ASN A CG   1 
ATOM   290  O OD1  . ASN A 1 37  ? -17.443 -0.131  -4.948  1.00 25.58 ? 38  ASN A OD1  1 
ATOM   291  N ND2  . ASN A 1 37  ? -17.572 -2.372  -5.103  1.00 21.11 ? 38  ASN A ND2  1 
ATOM   292  N N    . TRP A 1 38  ? -14.071 -2.723  -8.600  1.00 9.73  ? 39  TRP A N    1 
ATOM   293  C CA   . TRP A 1 38  ? -13.422 -2.812  -9.889  1.00 9.73  ? 39  TRP A CA   1 
ATOM   294  C C    . TRP A 1 38  ? -13.794 -4.060  -10.685 1.00 9.75  ? 39  TRP A C    1 
ATOM   295  O O    . TRP A 1 38  ? -14.115 -5.110  -10.127 1.00 10.22 ? 39  TRP A O    1 
ATOM   296  C CB   . TRP A 1 38  ? -11.911 -2.554  -9.759  1.00 10.97 ? 39  TRP A CB   1 
ATOM   297  C CG   . TRP A 1 38  ? -11.046 -3.596  -9.066  1.00 8.47  ? 39  TRP A CG   1 
ATOM   298  C CD1  . TRP A 1 38  ? -10.144 -4.419  -9.676  1.00 7.71  ? 39  TRP A CD1  1 
ATOM   299  C CD2  . TRP A 1 38  ? -10.916 -3.852  -7.651  1.00 6.73  ? 39  TRP A CD2  1 
ATOM   300  N NE1  . TRP A 1 38  ? -9.496  -5.195  -8.757  1.00 7.38  ? 39  TRP A NE1  1 
ATOM   301  C CE2  . TRP A 1 38  ? -9.952  -4.875  -7.504  1.00 7.98  ? 39  TRP A CE2  1 
ATOM   302  C CE3  . TRP A 1 38  ? -11.541 -3.343  -6.500  1.00 7.66  ? 39  TRP A CE3  1 
ATOM   303  C CZ2  . TRP A 1 38  ? -9.587  -5.394  -6.262  1.00 9.38  ? 39  TRP A CZ2  1 
ATOM   304  C CZ3  . TRP A 1 38  ? -11.174 -3.857  -5.262  1.00 8.76  ? 39  TRP A CZ3  1 
ATOM   305  C CH2  . TRP A 1 38  ? -10.209 -4.880  -5.156  1.00 7.84  ? 39  TRP A CH2  1 
ATOM   306  N N    . SER A 1 39  ? -13.806 -3.904  -12.004 1.00 13.13 ? 40  SER A N    1 
ATOM   307  C CA   . SER A 1 39  ? -14.211 -4.959  -12.912 1.00 13.65 ? 40  SER A CA   1 
ATOM   308  C C    . SER A 1 39  ? -13.392 -4.814  -14.182 1.00 13.51 ? 40  SER A C    1 
ATOM   309  O O    . SER A 1 39  ? -13.586 -3.866  -14.937 1.00 14.28 ? 40  SER A O    1 
ATOM   310  C CB   . SER A 1 39  ? -15.704 -4.832  -13.233 1.00 12.23 ? 40  SER A CB   1 
ATOM   311  O OG   . SER A 1 39  ? -16.142 -5.922  -14.029 1.00 17.80 ? 40  SER A OG   1 
ATOM   312  N N    . ASN A 1 40  ? -12.467 -5.746  -14.401 1.00 12.77 ? 41  ASN A N    1 
ATOM   313  C CA   . ASN A 1 40  ? -11.563 -5.661  -15.547 1.00 12.43 ? 41  ASN A CA   1 
ATOM   314  C C    . ASN A 1 40  ? -10.910 -4.290  -15.645 1.00 15.73 ? 41  ASN A C    1 
ATOM   315  O O    . ASN A 1 40  ? -10.996 -3.581  -16.657 1.00 15.54 ? 41  ASN A O    1 
ATOM   316  C CB   . ASN A 1 40  ? -12.299 -6.037  -16.825 1.00 16.93 ? 41  ASN A CB   1 
ATOM   317  C CG   . ASN A 1 40  ? -12.937 -7.393  -16.725 1.00 13.43 ? 41  ASN A CG   1 
ATOM   318  O OD1  . ASN A 1 40  ? -12.332 -8.350  -16.220 1.00 17.37 ? 41  ASN A OD1  1 
ATOM   319  N ND2  . ASN A 1 40  ? -14.181 -7.489  -17.182 1.00 20.24 ? 41  ASN A ND2  1 
ATOM   320  N N    . SER A 1 41  ? -10.250 -3.924  -14.554 1.00 11.13 ? 42  SER A N    1 
ATOM   321  C CA   . SER A 1 41  ? -9.585  -2.643  -14.435 1.00 8.78  ? 42  SER A CA   1 
ATOM   322  C C    . SER A 1 41  ? -8.281  -2.623  -15.224 1.00 8.70  ? 42  SER A C    1 
ATOM   323  O O    . SER A 1 41  ? -7.910  -3.605  -15.866 1.00 11.22 ? 42  SER A O    1 
ATOM   324  C CB   . SER A 1 41  ? -9.238  -2.392  -12.966 1.00 11.27 ? 42  SER A CB   1 
ATOM   325  O OG   . SER A 1 41  ? -8.206  -3.290  -12.567 1.00 8.59  ? 42  SER A OG   1 
ATOM   326  N N    . GLY A 1 42  ? -7.577  -1.503  -15.144 1.00 9.05  ? 43  GLY A N    1 
ATOM   327  C CA   . GLY A 1 42  ? -6.174  -1.447  -15.511 1.00 8.92  ? 43  GLY A CA   1 
ATOM   328  C C    . GLY A 1 42  ? -5.378  -1.446  -14.215 1.00 9.01  ? 43  GLY A C    1 
ATOM   329  O O    . GLY A 1 42  ? -5.759  -2.136  -13.257 1.00 7.88  ? 43  GLY A O    1 
ATOM   330  N N    . ASN A 1 43  ? -4.293  -0.682  -14.180 1.00 7.44  ? 44  ASN A N    1 
ATOM   331  C CA   . ASN A 1 43  ? -3.499  -0.495  -12.966 1.00 7.67  ? 44  ASN A CA   1 
ATOM   332  C C    . ASN A 1 43  ? -4.092  0.657   -12.170 1.00 8.36  ? 44  ASN A C    1 
ATOM   333  O O    . ASN A 1 43  ? -4.396  1.713   -12.731 1.00 10.06 ? 44  ASN A O    1 
ATOM   334  C CB   . ASN A 1 43  ? -2.050  -0.170  -13.350 1.00 10.90 ? 44  ASN A CB   1 
ATOM   335  C CG   . ASN A 1 43  ? -1.070  -0.383  -12.212 1.00 10.26 ? 44  ASN A CG   1 
ATOM   336  O OD1  . ASN A 1 43  ? -1.400  -0.955  -11.170 1.00 15.37 ? 44  ASN A OD1  1 
ATOM   337  N ND2  . ASN A 1 43  ? 0.164   0.083   -12.414 1.00 15.30 ? 44  ASN A ND2  1 
ATOM   338  N N    . PHE A 1 44  ? -4.270  0.471   -10.867 1.00 7.10  ? 45  PHE A N    1 
ATOM   339  C CA   . PHE A 1 44  ? -4.753  1.554   -10.018 1.00 7.86  ? 45  PHE A CA   1 
ATOM   340  C C    . PHE A 1 44  ? -4.248  1.387   -8.588  1.00 6.95  ? 45  PHE A C    1 
ATOM   341  O O    . PHE A 1 44  ? -3.811  0.296   -8.199  1.00 7.20  ? 45  PHE A O    1 
ATOM   342  C CB   . PHE A 1 44  ? -6.286  1.600   -10.015 1.00 7.92  ? 45  PHE A CB   1 
ATOM   343  C CG   . PHE A 1 44  ? -6.922  0.421   -9.334  1.00 5.50  ? 45  PHE A CG   1 
ATOM   344  C CD1  . PHE A 1 44  ? -7.261  -0.713  -10.058 1.00 6.97  ? 45  PHE A CD1  1 
ATOM   345  C CD2  . PHE A 1 44  ? -7.150  0.433   -7.968  1.00 7.28  ? 45  PHE A CD2  1 
ATOM   346  C CE1  . PHE A 1 44  ? -7.843  -1.809  -9.439  1.00 9.63  ? 45  PHE A CE1  1 
ATOM   347  C CE2  . PHE A 1 44  ? -7.726  -0.654  -7.345  1.00 6.59  ? 45  PHE A CE2  1 
ATOM   348  C CZ   . PHE A 1 44  ? -8.069  -1.780  -8.076  1.00 7.13  ? 45  PHE A CZ   1 
ATOM   349  N N    . VAL A 1 45  ? -4.300  2.473   -7.819  1.00 7.63  ? 46  VAL A N    1 
ATOM   350  C CA   . VAL A 1 45  ? -4.000  2.460   -6.389  1.00 8.89  ? 46  VAL A CA   1 
ATOM   351  C C    . VAL A 1 45  ? -4.906  3.486   -5.716  1.00 10.48 ? 46  VAL A C    1 
ATOM   352  O O    . VAL A 1 45  ? -4.979  4.624   -6.161  1.00 10.61 ? 46  VAL A O    1 
ATOM   353  C CB   . VAL A 1 45  ? -2.534  2.869   -6.092  1.00 10.49 ? 46  VAL A CB   1 
ATOM   354  C CG1  . VAL A 1 45  ? -2.268  2.898   -4.575  1.00 10.01 ? 46  VAL A CG1  1 
ATOM   355  C CG2  . VAL A 1 45  ? -1.554  1.934   -6.779  1.00 10.93 ? 46  VAL A CG2  1 
ATOM   356  N N    . GLY A 1 46  ? -5.582  3.105   -4.642  1.00 6.97  ? 47  GLY A N    1 
ATOM   357  C CA   . GLY A 1 46  ? -6.393  4.063   -3.911  1.00 8.67  ? 47  GLY A CA   1 
ATOM   358  C C    . GLY A 1 46  ? -6.436  3.770   -2.425  1.00 8.17  ? 47  GLY A C    1 
ATOM   359  O O    . GLY A 1 46  ? -6.494  2.607   -2.020  1.00 7.27  ? 47  GLY A O    1 
ATOM   360  N N    . GLY A 1 47  ? -6.403  4.817   -1.605  1.00 7.58  ? 48  GLY A N    1 
ATOM   361  C CA   . GLY A 1 47  ? -6.583  4.634   -0.175  1.00 8.45  ? 48  GLY A CA   1 
ATOM   362  C C    . GLY A 1 47  ? -6.462  5.894   0.650   1.00 7.39  ? 48  GLY A C    1 
ATOM   363  O O    . GLY A 1 47  ? -6.217  6.975   0.122   1.00 8.16  ? 48  GLY A O    1 
ATOM   364  N N    . LYS A 1 48  ? -6.627  5.743   1.960   1.00 7.42  ? 49  LYS A N    1 
ATOM   365  C CA   . LYS A 1 48  ? -6.587  6.858   2.904   1.00 8.70  ? 49  LYS A CA   1 
ATOM   366  C C    . LYS A 1 48  ? -5.453  6.755   3.919   1.00 6.63  ? 49  LYS A C    1 
ATOM   367  O O    . LYS A 1 48  ? -5.020  5.662   4.288   1.00 6.38  ? 49  LYS A O    1 
ATOM   368  C CB   . LYS A 1 48  ? -7.914  6.930   3.674   1.00 8.15  ? 49  LYS A CB   1 
ATOM   369  C CG   . LYS A 1 48  ? -8.953  7.820   3.025   1.00 9.07  ? 49  LYS A CG   1 
ATOM   370  C CD   . LYS A 1 48  ? -10.188 7.955   3.900   1.00 10.37 ? 49  LYS A CD   1 
ATOM   371  C CE   . LYS A 1 48  ? -11.125 8.998   3.314   1.00 11.21 ? 49  LYS A CE   1 
ATOM   372  N NZ   . LYS A 1 48  ? -12.462 8.978   4.006   1.00 12.29 ? 49  LYS A NZ   1 
ATOM   373  N N    . GLY A 1 49  ? -5.011  7.901   4.422   1.00 8.20  ? 50  GLY A N    1 
ATOM   374  C CA   . GLY A 1 49  ? -3.994  7.912   5.453   1.00 7.80  ? 50  GLY A CA   1 
ATOM   375  C C    . GLY A 1 49  ? -3.490  9.293   5.782   1.00 11.00 ? 50  GLY A C    1 
ATOM   376  O O    . GLY A 1 49  ? -4.265  10.169  6.176   1.00 11.23 ? 50  GLY A O    1 
ATOM   377  N N    . TRP A 1 50  ? -2.188  9.480   5.598   1.00 8.85  ? 51  TRP A N    1 
ATOM   378  C CA   . TRP A 1 50  ? -1.485  10.648  6.097   1.00 9.04  ? 51  TRP A CA   1 
ATOM   379  C C    . TRP A 1 50  ? -0.493  11.213  5.093   1.00 9.69  ? 51  TRP A C    1 
ATOM   380  O O    . TRP A 1 50  ? 0.116   10.479  4.309   1.00 8.62  ? 51  TRP A O    1 
ATOM   381  C CB   . TRP A 1 50  ? -0.753  10.286  7.386   1.00 8.05  ? 51  TRP A CB   1 
ATOM   382  C CG   . TRP A 1 50  ? -1.655  9.834   8.480   1.00 8.64  ? 51  TRP A CG   1 
ATOM   383  C CD1  . TRP A 1 50  ? -2.173  10.604  9.479   1.00 11.65 ? 51  TRP A CD1  1 
ATOM   384  C CD2  . TRP A 1 50  ? -2.158  8.511   8.692   1.00 8.43  ? 51  TRP A CD2  1 
ATOM   385  N NE1  . TRP A 1 50  ? -2.966  9.846   10.299  1.00 11.47 ? 51  TRP A NE1  1 
ATOM   386  C CE2  . TRP A 1 50  ? -2.972  8.555   9.843   1.00 9.28  ? 51  TRP A CE2  1 
ATOM   387  C CE3  . TRP A 1 50  ? -1.994  7.292   8.028   1.00 7.59  ? 51  TRP A CE3  1 
ATOM   388  C CZ2  . TRP A 1 50  ? -3.619  7.435   10.340  1.00 10.82 ? 51  TRP A CZ2  1 
ATOM   389  C CZ3  . TRP A 1 50  ? -2.641  6.182   8.524   1.00 9.02  ? 51  TRP A CZ3  1 
ATOM   390  C CH2  . TRP A 1 50  ? -3.444  6.257   9.666   1.00 9.47  ? 51  TRP A CH2  1 
ATOM   391  N N    . GLN A 1 51  ? -0.327  12.532  5.135   1.00 11.17 ? 52  GLN A N    1 
ATOM   392  C CA   . GLN A 1 51  ? 0.663   13.230  4.333   1.00 11.17 ? 52  GLN A CA   1 
ATOM   393  C C    . GLN A 1 51  ? 1.210   14.367  5.191   1.00 12.10 ? 52  GLN A C    1 
ATOM   394  O O    . GLN A 1 51  ? 0.520   15.361  5.404   1.00 13.91 ? 52  GLN A O    1 
ATOM   395  C CB   . GLN A 1 51  ? 0.012   13.782  3.060   1.00 11.09 ? 52  GLN A CB   1 
ATOM   396  C CG   . GLN A 1 51  ? 0.899   14.667  2.191   1.00 12.74 ? 52  GLN A CG   1 
ATOM   397  C CD   . GLN A 1 51  ? 2.118   13.943  1.641   1.00 11.03 ? 52  GLN A CD   1 
ATOM   398  O OE1  . GLN A 1 51  ? 3.030   13.575  2.391   1.00 12.36 ? 52  GLN A OE1  1 
ATOM   399  N NE2  . GLN A 1 51  ? 2.153   13.756  0.326   1.00 11.70 ? 52  GLN A NE2  1 
ATOM   400  N N    . PRO A 1 52  ? 2.434   14.218  5.709   1.00 11.22 ? 53  PRO A N    1 
ATOM   401  C CA   . PRO A 1 52  ? 3.305   13.055  5.523   1.00 9.56  ? 53  PRO A CA   1 
ATOM   402  C C    . PRO A 1 52  ? 3.023   11.950  6.529   1.00 11.03 ? 53  PRO A C    1 
ATOM   403  O O    . PRO A 1 52  ? 2.377   12.169  7.551   1.00 11.10 ? 53  PRO A O    1 
ATOM   404  C CB   . PRO A 1 52  ? 4.687   13.624  5.814   1.00 13.21 ? 53  PRO A CB   1 
ATOM   405  C CG   . PRO A 1 52  ? 4.424   14.655  6.879   1.00 14.19 ? 53  PRO A CG   1 
ATOM   406  C CD   . PRO A 1 52  ? 3.094   15.271  6.507   1.00 13.87 ? 53  PRO A CD   1 
ATOM   407  N N    . GLY A 1 53  ? 3.536   10.760  6.241   1.00 10.76 ? 54  GLY A N    1 
ATOM   408  C CA   . GLY A 1 53  ? 3.536   9.678   7.203   1.00 7.19  ? 54  GLY A CA   1 
ATOM   409  C C    . GLY A 1 53  ? 4.632   9.876   8.236   1.00 7.91  ? 54  GLY A C    1 
ATOM   410  O O    . GLY A 1 53  ? 5.385   10.858  8.188   1.00 9.38  ? 54  GLY A O    1 
ATOM   411  N N    . THR A 1 54  ? 4.736   8.933   9.164   1.00 7.22  ? 55  THR A N    1 
ATOM   412  C CA   . THR A 1 54  ? 5.795   8.939   10.163  1.00 6.99  ? 55  THR A CA   1 
ATOM   413  C C    . THR A 1 54  ? 6.419   7.556   10.245  1.00 7.51  ? 55  THR A C    1 
ATOM   414  O O    . THR A 1 54  ? 5.885   6.577   9.699   1.00 8.97  ? 55  THR A O    1 
ATOM   415  C CB   . THR A 1 54  ? 5.271   9.321   11.566  1.00 8.90  ? 55  THR A CB   1 
ATOM   416  O OG1  . THR A 1 54  ? 4.491   8.246   12.100  1.00 8.30  ? 55  THR A OG1  1 
ATOM   417  C CG2  . THR A 1 54  ? 4.413   10.589  11.491  1.00 12.44 ? 55  THR A CG2  1 
ATOM   418  N N    . LYS A 1 55  ? 7.534   7.465   10.959  1.00 7.89  ? 56  LYS A N    1 
ATOM   419  C CA   . LYS A 1 55  ? 8.250   6.202   11.070  1.00 7.06  ? 56  LYS A CA   1 
ATOM   420  C C    . LYS A 1 55  ? 7.898   5.408   12.320  1.00 6.82  ? 56  LYS A C    1 
ATOM   421  O O    . LYS A 1 55  ? 8.505   4.369   12.595  1.00 8.62  ? 56  LYS A O    1 
ATOM   422  C CB   . LYS A 1 55  ? 9.756   6.433   10.963  1.00 8.74  ? 56  LYS A CB   1 
ATOM   423  C CG   . LYS A 1 55  ? 10.154  6.956   9.592   1.00 8.44  ? 56  LYS A CG   1 
ATOM   424  C CD   . LYS A 1 55  ? 11.649  7.167   9.475   1.00 11.25 ? 56  LYS A CD   1 
ATOM   425  C CE   . LYS A 1 55  ? 11.980  7.626   8.067   1.00 12.62 ? 56  LYS A CE   1 
ATOM   426  N NZ   . LYS A 1 55  ? 13.449  7.846   7.878   1.00 15.58 ? 56  LYS A NZ   1 
ATOM   427  N N    . ASN A 1 56  ? 6.907   5.883   13.074  1.00 8.67  ? 57  ASN A N    1 
ATOM   428  C CA   . ASN A 1 56  ? 6.453   5.162   14.258  1.00 10.54 ? 57  ASN A CA   1 
ATOM   429  C C    . ASN A 1 56  ? 4.940   5.203   14.430  1.00 10.44 ? 57  ASN A C    1 
ATOM   430  O O    . ASN A 1 56  ? 4.419   5.175   15.546  1.00 15.01 ? 57  ASN A O    1 
ATOM   431  C CB   . ASN A 1 56  ? 7.169   5.663   15.523  1.00 11.82 ? 57  ASN A CB   1 
ATOM   432  C CG   . ASN A 1 56  ? 6.760   7.064   15.920  1.00 16.02 ? 57  ASN A CG   1 
ATOM   433  O OD1  . ASN A 1 56  ? 6.480   7.913   15.072  1.00 17.81 ? 57  ASN A OD1  1 
ATOM   434  N ND2  . ASN A 1 56  ? 6.736   7.322   17.226  1.00 22.55 ? 57  ASN A ND2  1 
ATOM   435  N N    . LYS A 1 57  ? 4.232   5.253   13.310  1.00 7.54  ? 58  LYS A N    1 
ATOM   436  C CA   . LYS A 1 57  ? 2.782   5.264   13.332  1.00 8.82  ? 58  LYS A CA   1 
ATOM   437  C C    . LYS A 1 57  ? 2.247   3.854   13.565  1.00 8.49  ? 58  LYS A C    1 
ATOM   438  O O    . LYS A 1 57  ? 2.775   2.883   13.026  1.00 7.88  ? 58  LYS A O    1 
ATOM   439  C CB   . LYS A 1 57  ? 2.243   5.818   12.016  1.00 6.94  ? 58  LYS A CB   1 
ATOM   440  C CG   . LYS A 1 57  ? 0.760   6.189   12.061  1.00 8.05  ? 58  LYS A CG   1 
ATOM   441  C CD   . LYS A 1 57  ? 0.239   6.757   10.735  1.00 7.86  ? 58  LYS A CD   1 
ATOM   442  C CE   . LYS A 1 57  ? 0.855   8.109   10.383  1.00 10.09 ? 58  LYS A CE   1 
ATOM   443  N NZ   . LYS A 1 57  ? 0.462   9.146   11.392  1.00 11.76 ? 58  LYS A NZ   1 
ATOM   444  N N    . VAL A 1 58  ? 1.208   3.744   14.381  1.00 7.54  ? 59  VAL A N    1 
ATOM   445  C CA   . VAL A 1 58  ? 0.476   2.497   14.515  1.00 7.69  ? 59  VAL A CA   1 
ATOM   446  C C    . VAL A 1 58  ? -0.793  2.703   13.706  1.00 8.33  ? 59  VAL A C    1 
ATOM   447  O O    . VAL A 1 58  ? -1.616  3.572   14.023  1.00 9.18  ? 59  VAL A O    1 
ATOM   448  C CB   . VAL A 1 58  ? 0.167   2.174   15.989  1.00 9.74  ? 59  VAL A CB   1 
ATOM   449  C CG1  . VAL A 1 58  ? -0.693  0.928   16.099  1.00 10.01 ? 59  VAL A CG1  1 
ATOM   450  C CG2  . VAL A 1 58  ? 1.477   2.011   16.767  1.00 11.37 ? 59  VAL A CG2  1 
ATOM   451  N N    . ILE A 1 59  ? -0.933  1.940   12.626  1.00 6.32  ? 60  ILE A N    1 
ATOM   452  C CA   . ILE A 1 59  ? -2.025  2.152   11.693  1.00 7.25  ? 60  ILE A CA   1 
ATOM   453  C C    . ILE A 1 59  ? -3.058  1.060   11.875  1.00 8.48  ? 60  ILE A C    1 
ATOM   454  O O    . ILE A 1 59  ? -2.744  -0.126  11.824  1.00 9.42  ? 60  ILE A O    1 
ATOM   455  C CB   . ILE A 1 59  ? -1.517  2.141   10.238  1.00 6.62  ? 60  ILE A CB   1 
ATOM   456  C CG1  . ILE A 1 59  ? -0.603  3.340   10.007  1.00 6.93  ? 60  ILE A CG1  1 
ATOM   457  C CG2  . ILE A 1 59  ? -2.689  2.191   9.262   1.00 7.59  ? 60  ILE A CG2  1 
ATOM   458  C CD1  . ILE A 1 59  ? 0.148   3.283   8.674   1.00 6.92  ? 60  ILE A CD1  1 
ATOM   459  N N    . ASN A 1 60  ? -4.306  1.460   12.080  1.00 8.96  ? 61  ASN A N    1 
ATOM   460  C CA   . ASN A 1 60  ? -5.371  0.496   12.237  1.00 9.55  ? 61  ASN A CA   1 
ATOM   461  C C    . ASN A 1 60  ? -6.232  0.461   10.985  1.00 9.78  ? 61  ASN A C    1 
ATOM   462  O O    . ASN A 1 60  ? -6.521  1.504   10.396  1.00 11.94 ? 61  ASN A O    1 
ATOM   463  C CB   . ASN A 1 60  ? -6.182  0.852   13.487  1.00 14.57 ? 61  ASN A CB   1 
ATOM   464  C CG   . ASN A 1 60  ? -5.307  0.886   14.736  1.00 19.21 ? 61  ASN A CG   1 
ATOM   465  O OD1  . ASN A 1 60  ? -4.558  -0.063  14.998  1.00 20.00 ? 61  ASN A OD1  1 
ATOM   466  N ND2  . ASN A 1 60  ? -5.373  1.981   15.493  1.00 25.35 ? 61  ASN A ND2  1 
ATOM   467  N N    . PHE A 1 61  ? -6.605  -0.739  10.554  1.00 8.61  ? 62  PHE A N    1 
ATOM   468  C CA   . PHE A 1 61  ? -7.446  -0.894  9.370   1.00 8.19  ? 62  PHE A CA   1 
ATOM   469  C C    . PHE A 1 61  ? -8.491  -1.969  9.619   1.00 9.02  ? 62  PHE A C    1 
ATOM   470  O O    . PHE A 1 61  ? -8.240  -2.939  10.336  1.00 10.24 ? 62  PHE A O    1 
ATOM   471  C CB   . PHE A 1 61  ? -6.610  -1.201  8.109   1.00 8.38  ? 62  PHE A CB   1 
ATOM   472  C CG   . PHE A 1 61  ? -5.942  -2.546  8.125   1.00 8.65  ? 62  PHE A CG   1 
ATOM   473  C CD1  . PHE A 1 61  ? -4.795  -2.757  8.868   1.00 7.03  ? 62  PHE A CD1  1 
ATOM   474  C CD2  . PHE A 1 61  ? -6.444  -3.593  7.388   1.00 5.87  ? 62  PHE A CD2  1 
ATOM   475  C CE1  . PHE A 1 61  ? -4.177  -3.998  8.885   1.00 7.49  ? 62  PHE A CE1  1 
ATOM   476  C CE2  . PHE A 1 61  ? -5.826  -4.830  7.400   1.00 7.49  ? 62  PHE A CE2  1 
ATOM   477  C CZ   . PHE A 1 61  ? -4.688  -5.030  8.149   1.00 6.96  ? 62  PHE A CZ   1 
ATOM   478  N N    A SER A 1 62  ? -9.668  -1.803  9.037   0.68 8.14  ? 63  SER A N    1 
ATOM   479  N N    B SER A 1 62  ? -9.667  -1.784  9.031   0.32 8.14  ? 63  SER A N    1 
ATOM   480  C CA   A SER A 1 62  ? -10.727 -2.782  9.235   0.68 7.56  ? 63  SER A CA   1 
ATOM   481  C CA   B SER A 1 62  ? -10.789 -2.690  9.247   0.32 7.63  ? 63  SER A CA   1 
ATOM   482  C C    A SER A 1 62  ? -11.702 -2.741  8.077   0.68 7.68  ? 63  SER A C    1 
ATOM   483  C C    B SER A 1 62  ? -11.692 -2.728  8.026   0.32 7.70  ? 63  SER A C    1 
ATOM   484  O O    A SER A 1 62  ? -11.984 -1.679  7.530   0.68 9.10  ? 63  SER A O    1 
ATOM   485  O O    B SER A 1 62  ? -11.923 -1.705  7.382   0.32 9.07  ? 63  SER A O    1 
ATOM   486  C CB   A SER A 1 62  ? -11.460 -2.526  10.553  0.68 8.65  ? 63  SER A CB   1 
ATOM   487  C CB   B SER A 1 62  ? -11.620 -2.240  10.447  0.32 8.63  ? 63  SER A CB   1 
ATOM   488  O OG   A SER A 1 62  ? -11.941 -1.191  10.618  0.68 10.13 ? 63  SER A OG   1 
ATOM   489  O OG   B SER A 1 62  ? -10.830 -2.148  11.624  0.32 9.25  ? 63  SER A OG   1 
ATOM   490  N N    . GLY A 1 63  ? -12.217 -3.901  7.707   1.00 7.10  ? 64  GLY A N    1 
ATOM   491  C CA   . GLY A 1 63  ? -13.223 -3.986  6.662   1.00 7.81  ? 64  GLY A CA   1 
ATOM   492  C C    . GLY A 1 63  ? -13.181 -5.261  5.863   1.00 7.78  ? 64  GLY A C    1 
ATOM   493  O O    . GLY A 1 63  ? -12.886 -6.333  6.379   1.00 9.20  ? 64  GLY A O    1 
ATOM   494  N N    . SER A 1 64  ? -13.489 -5.125  4.578   1.00 6.71  ? 65  SER A N    1 
ATOM   495  C CA   . SER A 1 64  ? -13.623 -6.253  3.680   1.00 8.88  ? 65  SER A CA   1 
ATOM   496  C C    . SER A 1 64  ? -12.739 -6.035  2.462   1.00 7.57  ? 65  SER A C    1 
ATOM   497  O O    . SER A 1 64  ? -12.555 -4.905  2.010   1.00 9.03  ? 65  SER A O    1 
ATOM   498  C CB   . SER A 1 64  ? -15.084 -6.410  3.240   1.00 8.73  ? 65  SER A CB   1 
ATOM   499  O OG   . SER A 1 64  ? -15.903 -6.765  4.352   1.00 17.41 ? 65  SER A OG   1 
ATOM   500  N N    . TYR A 1 65  ? -12.198 -7.129  1.937   1.00 7.38  ? 66  TYR A N    1 
ATOM   501  C CA   . TYR A 1 65  ? -11.296 -7.074  0.791   1.00 6.11  ? 66  TYR A CA   1 
ATOM   502  C C    . TYR A 1 65  ? -11.520 -8.335  -0.012  1.00 5.82  ? 66  TYR A C    1 
ATOM   503  O O    . TYR A 1 65  ? -11.194 -9.429  0.433   1.00 6.70  ? 66  TYR A O    1 
ATOM   504  C CB   . TYR A 1 65  ? -9.849  -6.965  1.275   1.00 5.90  ? 66  TYR A CB   1 
ATOM   505  C CG   . TYR A 1 65  ? -8.789  -7.069  0.195   1.00 6.76  ? 66  TYR A CG   1 
ATOM   506  C CD1  . TYR A 1 65  ? -8.697  -6.119  -0.811  1.00 6.56  ? 66  TYR A CD1  1 
ATOM   507  C CD2  . TYR A 1 65  ? -7.862  -8.110  0.204   1.00 5.47  ? 66  TYR A CD2  1 
ATOM   508  C CE1  . TYR A 1 65  ? -7.717  -6.212  -1.804  1.00 5.96  ? 66  TYR A CE1  1 
ATOM   509  C CE2  . TYR A 1 65  ? -6.888  -8.211  -0.775  1.00 6.45  ? 66  TYR A CE2  1 
ATOM   510  C CZ   . TYR A 1 65  ? -6.821  -7.260  -1.770  1.00 6.75  ? 66  TYR A CZ   1 
ATOM   511  O OH   . TYR A 1 65  ? -5.841  -7.370  -2.728  1.00 7.33  ? 66  TYR A OH   1 
ATOM   512  N N    . ASN A 1 66  ? -12.084 -8.171  -1.206  1.00 7.05  ? 67  ASN A N    1 
ATOM   513  C CA   . ASN A 1 66  ? -12.483 -9.299  -2.040  1.00 9.04  ? 67  ASN A CA   1 
ATOM   514  C C    . ASN A 1 66  ? -11.949 -9.197  -3.458  1.00 9.71  ? 67  ASN A C    1 
ATOM   515  O O    . ASN A 1 66  ? -12.691 -8.900  -4.404  1.00 10.00 ? 67  ASN A O    1 
ATOM   516  C CB   . ASN A 1 66  ? -14.005 -9.428  -2.050  1.00 10.01 ? 67  ASN A CB   1 
ATOM   517  C CG   . ASN A 1 66  ? -14.547 -9.849  -0.700  1.00 10.71 ? 67  ASN A CG   1 
ATOM   518  O OD1  . ASN A 1 66  ? -15.047 -9.027  0.069   1.00 16.53 ? 67  ASN A OD1  1 
ATOM   519  N ND2  . ASN A 1 66  ? -14.412 -11.133 -0.388  1.00 13.48 ? 67  ASN A ND2  1 
ATOM   520  N N    . PRO A 1 67  ? -10.650 -9.448  -3.614  1.00 9.03  ? 68  PRO A N    1 
ATOM   521  C CA   . PRO A 1 67  ? -10.072 -9.380  -4.955  1.00 10.74 ? 68  PRO A CA   1 
ATOM   522  C C    . PRO A 1 67  ? -10.406 -10.618 -5.786  1.00 9.53  ? 68  PRO A C    1 
ATOM   523  O O    . PRO A 1 67  ? -10.547 -11.719 -5.260  1.00 12.19 ? 68  PRO A O    1 
ATOM   524  C CB   . PRO A 1 67  ? -8.573  -9.327  -4.673  1.00 10.54 ? 68  PRO A CB   1 
ATOM   525  C CG   . PRO A 1 67  ? -8.424  -10.119 -3.421  1.00 11.49 ? 68  PRO A CG   1 
ATOM   526  C CD   . PRO A 1 67  ? -9.660  -9.821  -2.594  1.00 11.02 ? 68  PRO A CD   1 
ATOM   527  N N    . ASN A 1 68  ? -10.530 -10.417 -7.092  1.00 11.55 ? 69  ASN A N    1 
ATOM   528  C CA   . ASN A 1 68  ? -10.644 -11.504 -8.050  1.00 10.23 ? 69  ASN A CA   1 
ATOM   529  C C    . ASN A 1 68  ? -9.583  -11.264 -9.106  1.00 9.17  ? 69  ASN A C    1 
ATOM   530  O O    . ASN A 1 68  ? -9.847  -10.642 -10.134 1.00 9.68  ? 69  ASN A O    1 
ATOM   531  C CB   . ASN A 1 68  ? -12.026 -11.507 -8.698  1.00 10.75 ? 69  ASN A CB   1 
ATOM   532  C CG   . ASN A 1 68  ? -12.185 -12.619 -9.710  1.00 14.08 ? 69  ASN A CG   1 
ATOM   533  O OD1  . ASN A 1 68  ? -11.346 -13.519 -9.798  1.00 13.84 ? 69  ASN A OD1  1 
ATOM   534  N ND2  . ASN A 1 68  ? -13.268 -12.567 -10.483 1.00 20.90 ? 69  ASN A ND2  1 
ATOM   535  N N    . GLY A 1 69  ? -8.371  -11.727 -8.827  1.00 6.23  ? 70  GLY A N    1 
ATOM   536  C CA   . GLY A 1 69  ? -7.243  -11.482 -9.712  1.00 6.76  ? 70  GLY A CA   1 
ATOM   537  C C    . GLY A 1 69  ? -6.139  -10.740 -8.975  1.00 6.90  ? 70  GLY A C    1 
ATOM   538  O O    . GLY A 1 69  ? -6.038  -10.809 -7.750  1.00 6.91  ? 70  GLY A O    1 
ATOM   539  N N    . ASN A 1 70  ? -5.313  -10.022 -9.724  1.00 5.41  ? 71  ASN A N    1 
ATOM   540  C CA   . ASN A 1 70  ? -4.121  -9.375  -9.173  1.00 5.07  ? 71  ASN A CA   1 
ATOM   541  C C    . ASN A 1 70  ? -4.439  -8.078  -8.401  1.00 5.29  ? 71  ASN A C    1 
ATOM   542  O O    . ASN A 1 70  ? -4.837  -7.079  -8.988  1.00 5.70  ? 71  ASN A O    1 
ATOM   543  C CB   . ASN A 1 70  ? -3.129  -9.120  -10.319 1.00 4.84  ? 71  ASN A CB   1 
ATOM   544  C CG   . ASN A 1 70  ? -1.796  -8.572  -9.849  1.00 6.68  ? 71  ASN A CG   1 
ATOM   545  O OD1  . ASN A 1 70  ? -1.584  -8.299  -8.660  1.00 5.87  ? 71  ASN A OD1  1 
ATOM   546  N ND2  . ASN A 1 70  ? -0.868  -8.420  -10.789 1.00 6.75  ? 71  ASN A ND2  1 
ATOM   547  N N    . SER A 1 71  ? -4.257  -8.097  -7.082  1.00 5.02  ? 72  SER A N    1 
ATOM   548  C CA   . SER A 1 71  ? -4.524  -6.933  -6.247  1.00 3.88  ? 72  SER A CA   1 
ATOM   549  C C    . SER A 1 71  ? -3.762  -7.081  -4.934  1.00 3.71  ? 72  SER A C    1 
ATOM   550  O O    . SER A 1 71  ? -3.492  -8.209  -4.507  1.00 5.15  ? 72  SER A O    1 
ATOM   551  C CB   . SER A 1 71  ? -6.032  -6.820  -5.978  1.00 9.51  ? 72  SER A CB   1 
ATOM   552  O OG   . SER A 1 71  ? -6.309  -5.792  -5.043  1.00 11.35 ? 72  SER A OG   1 
ATOM   553  N N    . TYR A 1 72  ? -3.409  -5.958  -4.302  1.00 4.59  ? 73  TYR A N    1 
ATOM   554  C CA   . TYR A 1 72  ? -2.803  -5.969  -2.969  1.00 4.50  ? 73  TYR A CA   1 
ATOM   555  C C    . TYR A 1 72  ? -3.624  -5.122  -1.992  1.00 4.70  ? 73  TYR A C    1 
ATOM   556  O O    . TYR A 1 72  ? -4.298  -4.171  -2.400  1.00 4.78  ? 73  TYR A O    1 
ATOM   557  C CB   . TYR A 1 72  ? -1.384  -5.373  -2.986  1.00 4.55  ? 73  TYR A CB   1 
ATOM   558  C CG   . TYR A 1 72  ? -0.481  -5.742  -4.132  1.00 4.66  ? 73  TYR A CG   1 
ATOM   559  C CD1  . TYR A 1 72  ? -0.426  -7.039  -4.630  1.00 5.83  ? 73  TYR A CD1  1 
ATOM   560  C CD2  . TYR A 1 72  ? 0.324   -4.776  -4.708  1.00 5.90  ? 73  TYR A CD2  1 
ATOM   561  C CE1  . TYR A 1 72  ? 0.422   -7.358  -5.673  1.00 4.97  ? 73  TYR A CE1  1 
ATOM   562  C CE2  . TYR A 1 72  ? 1.180   -5.080  -5.748  1.00 6.39  ? 73  TYR A CE2  1 
ATOM   563  C CZ   . TYR A 1 72  ? 1.209   -6.377  -6.230  1.00 6.18  ? 73  TYR A CZ   1 
ATOM   564  O OH   . TYR A 1 72  ? 2.050   -6.697  -7.268  1.00 8.22  ? 73  TYR A OH   1 
ATOM   565  N N    . LEU A 1 73  ? -3.543  -5.458  -0.709  1.00 4.35  ? 74  LEU A N    1 
ATOM   566  C CA   . LEU A 1 73  ? -4.041  -4.613  0.380   1.00 4.02  ? 74  LEU A CA   1 
ATOM   567  C C    . LEU A 1 73  ? -2.865  -4.370  1.295   1.00 4.14  ? 74  LEU A C    1 
ATOM   568  O O    . LEU A 1 73  ? -2.326  -5.317  1.871   1.00 4.15  ? 74  LEU A O    1 
ATOM   569  C CB   . LEU A 1 73  ? -5.169  -5.326  1.148   1.00 3.72  ? 74  LEU A CB   1 
ATOM   570  C CG   . LEU A 1 73  ? -5.659  -4.590  2.405   1.00 3.99  ? 74  LEU A CG   1 
ATOM   571  C CD1  . LEU A 1 73  ? -6.368  -3.276  2.031   1.00 6.23  ? 74  LEU A CD1  1 
ATOM   572  C CD2  . LEU A 1 73  ? -6.578  -5.466  3.261   1.00 4.51  ? 74  LEU A CD2  1 
ATOM   573  N N    . SER A 1 74  ? -2.449  -3.115  1.432   1.00 3.72  ? 75  SER A N    1 
ATOM   574  C CA   . SER A 1 74  ? -1.185  -2.824  2.115   1.00 3.23  ? 75  SER A CA   1 
ATOM   575  C C    . SER A 1 74  ? -1.176  -1.509  2.850   1.00 4.07  ? 75  SER A C    1 
ATOM   576  O O    . SER A 1 74  ? -1.904  -0.587  2.495   1.00 6.22  ? 75  SER A O    1 
ATOM   577  C CB   . SER A 1 74  ? -0.027  -2.728  1.107   1.00 5.41  ? 75  SER A CB   1 
ATOM   578  O OG   . SER A 1 74  ? -0.125  -3.719  0.088   1.00 6.09  ? 75  SER A OG   1 
ATOM   579  N N    . VAL A 1 75  ? -0.297  -1.396  3.839   1.00 4.27  ? 76  VAL A N    1 
ATOM   580  C CA   . VAL A 1 75  ? 0.201   -0.081  4.214   1.00 2.62  ? 76  VAL A CA   1 
ATOM   581  C C    . VAL A 1 75  ? 1.216   0.290   3.145   1.00 4.08  ? 76  VAL A C    1 
ATOM   582  O O    . VAL A 1 75  ? 2.121   -0.492  2.835   1.00 4.46  ? 76  VAL A O    1 
ATOM   583  C CB   . VAL A 1 75  ? 0.823   -0.073  5.625   1.00 4.09  ? 76  VAL A CB   1 
ATOM   584  C CG1  . VAL A 1 75  ? 1.546   1.244   5.879   1.00 7.07  ? 76  VAL A CG1  1 
ATOM   585  C CG2  . VAL A 1 75  ? -0.272  -0.306  6.664   1.00 7.49  ? 76  VAL A CG2  1 
ATOM   586  N N    . TYR A 1 76  ? 1.018   1.448   2.531   1.00 5.39  ? 77  TYR A N    1 
ATOM   587  C CA   . TYR A 1 76  ? 1.730   1.819   1.317   1.00 5.52  ? 77  TYR A CA   1 
ATOM   588  C C    . TYR A 1 76  ? 2.201   3.266   1.401   1.00 6.57  ? 77  TYR A C    1 
ATOM   589  O O    . TYR A 1 76  ? 1.460   4.151   1.837   1.00 5.82  ? 77  TYR A O    1 
ATOM   590  C CB   . TYR A 1 76  ? 0.797   1.622   0.117   1.00 5.27  ? 77  TYR A CB   1 
ATOM   591  C CG   . TYR A 1 76  ? 1.299   2.196   -1.183  1.00 5.31  ? 77  TYR A CG   1 
ATOM   592  C CD1  . TYR A 1 76  ? 2.331   1.585   -1.888  1.00 5.88  ? 77  TYR A CD1  1 
ATOM   593  C CD2  . TYR A 1 76  ? 0.730   3.345   -1.717  1.00 5.81  ? 77  TYR A CD2  1 
ATOM   594  C CE1  . TYR A 1 76  ? 2.791   2.114   -3.083  1.00 4.71  ? 77  TYR A CE1  1 
ATOM   595  C CE2  . TYR A 1 76  ? 1.182   3.873   -2.911  1.00 8.85  ? 77  TYR A CE2  1 
ATOM   596  C CZ   . TYR A 1 76  ? 2.214   3.255   -3.587  1.00 8.72  ? 77  TYR A CZ   1 
ATOM   597  O OH   . TYR A 1 76  ? 2.671   3.785   -4.773  1.00 7.98  ? 77  TYR A OH   1 
ATOM   598  N N    . GLY A 1 77  ? 3.429   3.535   0.990   1.00 3.45  ? 78  GLY A N    1 
ATOM   599  C CA   . GLY A 1 77  ? 3.884   4.906   0.999   1.00 5.92  ? 78  GLY A CA   1 
ATOM   600  C C    . GLY A 1 77  ? 5.195   5.106   0.294   1.00 5.71  ? 78  GLY A C    1 
ATOM   601  O O    . GLY A 1 77  ? 5.698   4.209   -0.388  1.00 4.95  ? 78  GLY A O    1 
ATOM   602  N N    . TRP A 1 78  ? 5.748   6.301   0.450   1.00 5.43  ? 79  TRP A N    1 
ATOM   603  C CA   . TRP A 1 78  ? 7.002   6.659   -0.195  1.00 5.48  ? 79  TRP A CA   1 
ATOM   604  C C    . TRP A 1 78  ? 7.884   7.383   0.779   1.00 5.86  ? 79  TRP A C    1 
ATOM   605  O O    . TRP A 1 78  ? 7.400   8.028   1.716   1.00 6.07  ? 79  TRP A O    1 
ATOM   606  C CB   . TRP A 1 78  ? 6.761   7.612   -1.373  1.00 5.81  ? 79  TRP A CB   1 
ATOM   607  C CG   . TRP A 1 78  ? 6.013   7.038   -2.521  1.00 6.42  ? 79  TRP A CG   1 
ATOM   608  C CD1  . TRP A 1 78  ? 4.666   6.861   -2.616  1.00 6.92  ? 79  TRP A CD1  1 
ATOM   609  C CD2  . TRP A 1 78  ? 6.571   6.588   -3.760  1.00 5.04  ? 79  TRP A CD2  1 
ATOM   610  N NE1  . TRP A 1 78  ? 4.348   6.321   -3.839  1.00 6.91  ? 79  TRP A NE1  1 
ATOM   611  C CE2  . TRP A 1 78  ? 5.499   6.139   -4.559  1.00 5.56  ? 79  TRP A CE2  1 
ATOM   612  C CE3  . TRP A 1 78  ? 7.870   6.511   -4.265  1.00 5.66  ? 79  TRP A CE3  1 
ATOM   613  C CZ2  . TRP A 1 78  ? 5.685   5.626   -5.840  1.00 4.28  ? 79  TRP A CZ2  1 
ATOM   614  C CZ3  . TRP A 1 78  ? 8.055   5.999   -5.542  1.00 6.13  ? 79  TRP A CZ3  1 
ATOM   615  C CH2  . TRP A 1 78  ? 6.965   5.564   -6.312  1.00 6.10  ? 79  TRP A CH2  1 
ATOM   616  N N    . SER A 1 79  ? 9.183   7.299   0.539   1.00 5.75  ? 80  SER A N    1 
ATOM   617  C CA   . SER A 1 79  ? 10.111  8.267   1.102   1.00 6.44  ? 80  SER A CA   1 
ATOM   618  C C    . SER A 1 79  ? 10.821  9.003   -0.022  1.00 5.80  ? 80  SER A C    1 
ATOM   619  O O    . SER A 1 79  ? 10.809  8.562   -1.180  1.00 4.32  ? 80  SER A O    1 
ATOM   620  C CB   . SER A 1 79  ? 11.141  7.625   2.053   1.00 5.95  ? 80  SER A CB   1 
ATOM   621  O OG   . SER A 1 79  ? 12.112  6.836   1.365   1.00 7.38  ? 80  SER A OG   1 
ATOM   622  N N    . ARG A 1 80  ? 11.416  10.143  0.329   1.00 6.00  ? 81  ARG A N    1 
ATOM   623  C CA   . ARG A 1 80  ? 12.271  10.927  -0.561  1.00 4.84  ? 81  ARG A CA   1 
ATOM   624  C C    . ARG A 1 80  ? 13.677  10.907  -0.014  1.00 5.61  ? 81  ARG A C    1 
ATOM   625  O O    . ARG A 1 80  ? 13.864  10.898  1.199   1.00 5.02  ? 81  ARG A O    1 
ATOM   626  C CB   . ARG A 1 80  ? 11.806  12.391  -0.605  1.00 7.02  ? 81  ARG A CB   1 
ATOM   627  C CG   . ARG A 1 80  ? 10.434  12.579  -1.228  1.00 8.09  ? 81  ARG A CG   1 
ATOM   628  C CD   . ARG A 1 80  ? 9.894   13.982  -0.963  1.00 9.73  ? 81  ARG A CD   1 
ATOM   629  N NE   . ARG A 1 80  ? 8.543   14.124  -1.492  1.00 8.71  ? 81  ARG A NE   1 
ATOM   630  C CZ   . ARG A 1 80  ? 8.243   14.657  -2.672  1.00 9.37  ? 81  ARG A CZ   1 
ATOM   631  N NH1  . ARG A 1 80  ? 9.204   15.127  -3.465  1.00 8.16  ? 81  ARG A NH1  1 
ATOM   632  N NH2  . ARG A 1 80  ? 6.969   14.731  -3.056  1.00 9.27  ? 81  ARG A NH2  1 
ATOM   633  N N    . ASN A 1 81  ? 14.668  10.912  -0.900  1.00 5.06  ? 82  ASN A N    1 
ATOM   634  C CA   . ASN A 1 81  ? 16.052  11.103  -0.498  1.00 7.20  ? 82  ASN A CA   1 
ATOM   635  C C    . ASN A 1 81  ? 16.546  10.143  0.585   1.00 6.26  ? 82  ASN A C    1 
ATOM   636  O O    . ASN A 1 81  ? 16.941  10.583  1.666   1.00 7.79  ? 82  ASN A O    1 
ATOM   637  C CB   . ASN A 1 81  ? 16.226  12.538  0.007   1.00 7.52  ? 82  ASN A CB   1 
ATOM   638  C CG   . ASN A 1 81  ? 17.670  12.946  0.087   1.00 9.26  ? 82  ASN A CG   1 
ATOM   639  O OD1  . ASN A 1 81  ? 18.466  12.588  -0.773  1.00 8.99  ? 82  ASN A OD1  1 
ATOM   640  N ND2  . ASN A 1 81  ? 18.024  13.691  1.128   1.00 10.99 ? 82  ASN A ND2  1 
ATOM   641  N N    . PRO A 1 82  ? 16.586  8.836   0.285   1.00 5.86  ? 83  PRO A N    1 
ATOM   642  C CA   . PRO A 1 82  ? 16.361  8.225   -1.026  1.00 5.78  ? 83  PRO A CA   1 
ATOM   643  C C    . PRO A 1 82  ? 14.890  8.029   -1.363  1.00 5.91  ? 83  PRO A C    1 
ATOM   644  O O    . PRO A 1 82  ? 14.042  7.823   -0.494  1.00 6.63  ? 83  PRO A O    1 
ATOM   645  C CB   . PRO A 1 82  ? 17.046  6.859   -0.884  1.00 8.30  ? 83  PRO A CB   1 
ATOM   646  C CG   . PRO A 1 82  ? 16.921  6.540   0.570   1.00 6.71  ? 83  PRO A CG   1 
ATOM   647  C CD   . PRO A 1 82  ? 17.095  7.862   1.270   1.00 7.07  ? 83  PRO A CD   1 
ATOM   648  N N    . LEU A 1 83  ? 14.601  8.086   -2.653  1.00 5.85  ? 84  LEU A N    1 
ATOM   649  C CA   . LEU A 1 83  ? 13.287  7.774   -3.185  1.00 5.83  ? 84  LEU A CA   1 
ATOM   650  C C    . LEU A 1 83  ? 13.007  6.286   -3.028  1.00 6.10  ? 84  LEU A C    1 
ATOM   651  O O    . LEU A 1 83  ? 13.720  5.455   -3.598  1.00 4.94  ? 84  LEU A O    1 
ATOM   652  C CB   . LEU A 1 83  ? 13.261  8.135   -4.673  1.00 5.05  ? 84  LEU A CB   1 
ATOM   653  C CG   . LEU A 1 83  ? 11.961  7.894   -5.427  1.00 5.62  ? 84  LEU A CG   1 
ATOM   654  C CD1  . LEU A 1 83  ? 10.834  8.738   -4.849  1.00 7.01  ? 84  LEU A CD1  1 
ATOM   655  C CD2  . LEU A 1 83  ? 12.175  8.192   -6.916  1.00 5.44  ? 84  LEU A CD2  1 
ATOM   656  N N    . ILE A 1 84  ? 11.957  5.950   -2.277  1.00 4.19  ? 85  ILE A N    1 
ATOM   657  C CA   . ILE A 1 84  ? 11.594  4.559   -2.031  1.00 3.66  ? 85  ILE A CA   1 
ATOM   658  C C    . ILE A 1 84  ? 10.080  4.434   -2.072  1.00 4.98  ? 85  ILE A C    1 
ATOM   659  O O    . ILE A 1 84  ? 9.363   5.289   -1.535  1.00 6.01  ? 85  ILE A O    1 
ATOM   660  C CB   . ILE A 1 84  ? 12.092  4.071   -0.635  1.00 4.43  ? 85  ILE A CB   1 
ATOM   661  C CG1  . ILE A 1 84  ? 13.625  4.192   -0.507  1.00 5.12  ? 85  ILE A CG1  1 
ATOM   662  C CG2  . ILE A 1 84  ? 11.610  2.639   -0.363  1.00 5.58  ? 85  ILE A CG2  1 
ATOM   663  C CD1  . ILE A 1 84  ? 14.420  3.211   -1.373  1.00 5.74  ? 85  ILE A CD1  1 
ATOM   664  N N    . GLU A 1 85  ? 9.578   3.389   -2.719  1.00 3.52  ? 86  GLU A N    1 
ATOM   665  C CA   . GLU A 1 85  ? 8.164   3.048   -2.651  1.00 3.77  ? 86  GLU A CA   1 
ATOM   666  C C    . GLU A 1 85  ? 8.097   1.811   -1.772  1.00 4.50  ? 86  GLU A C    1 
ATOM   667  O O    . GLU A 1 85  ? 8.815   0.852   -2.031  1.00 4.99  ? 86  GLU A O    1 
ATOM   668  C CB   . GLU A 1 85  ? 7.632   2.754   -4.057  1.00 3.60  ? 86  GLU A CB   1 
ATOM   669  C CG   . GLU A 1 85  ? 6.134   2.432   -4.118  1.00 4.82  ? 86  GLU A CG   1 
ATOM   670  C CD   . GLU A 1 85  ? 5.681   2.103   -5.517  1.00 6.94  ? 86  GLU A CD   1 
ATOM   671  O OE1  . GLU A 1 85  ? 6.478   1.521   -6.294  1.00 6.92  ? 86  GLU A OE1  1 
ATOM   672  O OE2  . GLU A 1 85  ? 4.517   2.422   -5.864  1.00 6.66  ? 86  GLU A OE2  1 
ATOM   673  N N    . TYR A 1 86  ? 7.278   1.821   -0.723  1.00 3.79  ? 87  TYR A N    1 
ATOM   674  C CA   . TYR A 1 86  ? 7.263   0.703   0.220   1.00 4.38  ? 87  TYR A CA   1 
ATOM   675  C C    . TYR A 1 86  ? 5.872   0.143   0.511   1.00 4.09  ? 87  TYR A C    1 
ATOM   676  O O    . TYR A 1 86  ? 4.842   0.826   0.364   1.00 3.50  ? 87  TYR A O    1 
ATOM   677  C CB   . TYR A 1 86  ? 7.972   1.061   1.545   1.00 4.59  ? 87  TYR A CB   1 
ATOM   678  C CG   . TYR A 1 86  ? 7.219   2.075   2.378   1.00 4.57  ? 87  TYR A CG   1 
ATOM   679  C CD1  . TYR A 1 86  ? 6.168   1.685   3.193   1.00 4.19  ? 87  TYR A CD1  1 
ATOM   680  C CD2  . TYR A 1 86  ? 7.562   3.425   2.332   1.00 4.79  ? 87  TYR A CD2  1 
ATOM   681  C CE1  . TYR A 1 86  ? 5.469   2.611   3.935   1.00 5.59  ? 87  TYR A CE1  1 
ATOM   682  C CE2  . TYR A 1 86  ? 6.870   4.357   3.072   1.00 5.01  ? 87  TYR A CE2  1 
ATOM   683  C CZ   . TYR A 1 86  ? 5.831   3.940   3.865   1.00 5.34  ? 87  TYR A CZ   1 
ATOM   684  O OH   . TYR A 1 86  ? 5.143   4.869   4.601   1.00 7.02  ? 87  TYR A OH   1 
ATOM   685  N N    . TYR A 1 87  ? 5.863   -1.116  0.933   1.00 3.04  ? 88  TYR A N    1 
ATOM   686  C CA   . TYR A 1 87  ? 4.641   -1.862  1.172   1.00 4.05  ? 88  TYR A CA   1 
ATOM   687  C C    . TYR A 1 87  ? 4.762   -2.728  2.409   1.00 4.62  ? 88  TYR A C    1 
ATOM   688  O O    . TYR A 1 87  ? 5.755   -3.437  2.581   1.00 4.82  ? 88  TYR A O    1 
ATOM   689  C CB   . TYR A 1 87  ? 4.403   -2.828  0.015   1.00 2.99  ? 88  TYR A CB   1 
ATOM   690  C CG   . TYR A 1 87  ? 4.099   -2.233  -1.337  1.00 3.11  ? 88  TYR A CG   1 
ATOM   691  C CD1  . TYR A 1 87  ? 2.795   -2.245  -1.815  1.00 3.99  ? 88  TYR A CD1  1 
ATOM   692  C CD2  . TYR A 1 87  ? 5.109   -1.751  -2.180  1.00 4.40  ? 88  TYR A CD2  1 
ATOM   693  C CE1  . TYR A 1 87  ? 2.482   -1.745  -3.066  1.00 6.02  ? 88  TYR A CE1  1 
ATOM   694  C CE2  . TYR A 1 87  ? 4.803   -1.245  -3.449  1.00 4.67  ? 88  TYR A CE2  1 
ATOM   695  C CZ   . TYR A 1 87  ? 3.488   -1.252  -3.877  1.00 4.35  ? 88  TYR A CZ   1 
ATOM   696  O OH   . TYR A 1 87  ? 3.165   -0.758  -5.122  1.00 10.41 ? 88  TYR A OH   1 
ATOM   697  N N    . ILE A 1 88  ? 3.750   -2.689  3.265   1.00 1.95  ? 89  ILE A N    1 
ATOM   698  C CA   . ILE A 1 88  ? 3.564   -3.718  4.276   1.00 3.98  ? 89  ILE A CA   1 
ATOM   699  C C    . ILE A 1 88  ? 2.262   -4.405  3.871   1.00 3.44  ? 89  ILE A C    1 
ATOM   700  O O    . ILE A 1 88  ? 1.167   -3.875  4.082   1.00 3.15  ? 89  ILE A O    1 
ATOM   701  C CB   . ILE A 1 88  ? 3.508   -3.119  5.674   1.00 3.01  ? 89  ILE A CB   1 
ATOM   702  C CG1  . ILE A 1 88  ? 4.820   -2.356  5.970   1.00 4.46  ? 89  ILE A CG1  1 
ATOM   703  C CG2  . ILE A 1 88  ? 3.261   -4.224  6.713   1.00 4.76  ? 89  ILE A CG2  1 
ATOM   704  C CD1  . ILE A 1 88  ? 4.688   -1.357  7.110   1.00 4.88  ? 89  ILE A CD1  1 
ATOM   705  N N    . VAL A 1 89  ? 2.405   -5.555  3.220   1.00 2.73  ? 90  VAL A N    1 
ATOM   706  C CA   . VAL A 1 89  ? 1.301   -6.198  2.517   1.00 3.93  ? 90  VAL A CA   1 
ATOM   707  C C    . VAL A 1 89  ? 0.542   -7.146  3.442   1.00 3.88  ? 90  VAL A C    1 
ATOM   708  O O    . VAL A 1 89  ? 1.090   -8.143  3.926   1.00 4.88  ? 90  VAL A O    1 
ATOM   709  C CB   . VAL A 1 89  ? 1.807   -6.992  1.307   1.00 2.84  ? 90  VAL A CB   1 
ATOM   710  C CG1  . VAL A 1 89  ? 0.641   -7.643  0.597   1.00 3.58  ? 90  VAL A CG1  1 
ATOM   711  C CG2  . VAL A 1 89  ? 2.591   -6.094  0.333   1.00 4.05  ? 90  VAL A CG2  1 
ATOM   712  N N    . GLU A 1 90  ? -0.728  -6.841  3.683   1.00 3.27  ? 91  GLU A N    1 
ATOM   713  C CA   . GLU A 1 90  ? -1.534  -7.610  4.616   1.00 4.20  ? 91  GLU A CA   1 
ATOM   714  C C    . GLU A 1 90  ? -2.339  -8.706  3.932   1.00 5.47  ? 91  GLU A C    1 
ATOM   715  O O    . GLU A 1 90  ? -2.729  -9.686  4.565   1.00 4.22  ? 91  GLU A O    1 
ATOM   716  C CB   . GLU A 1 90  ? -2.470  -6.663  5.373   1.00 4.65  ? 91  GLU A CB   1 
ATOM   717  C CG   . GLU A 1 90  ? -1.726  -5.619  6.194   1.00 5.17  ? 91  GLU A CG   1 
ATOM   718  C CD   . GLU A 1 90  ? -0.987  -6.230  7.349   1.00 5.58  ? 91  GLU A CD   1 
ATOM   719  O OE1  . GLU A 1 90  ? -1.652  -6.647  8.322   1.00 5.93  ? 91  GLU A OE1  1 
ATOM   720  O OE2  . GLU A 1 90  ? 0.264   -6.328  7.288   1.00 5.30  ? 91  GLU A OE2  1 
ATOM   721  N N    . ASN A 1 91  ? -2.586  -8.540  2.639   1.00 4.49  ? 92  ASN A N    1 
ATOM   722  C CA   . ASN A 1 91  ? -3.349  -9.507  1.871   1.00 4.35  ? 92  ASN A CA   1 
ATOM   723  C C    . ASN A 1 91  ? -3.111  -9.225  0.400   1.00 5.15  ? 92  ASN A C    1 
ATOM   724  O O    . ASN A 1 91  ? -2.660  -8.137  0.042   1.00 4.52  ? 92  ASN A O    1 
ATOM   725  C CB   . ASN A 1 91  ? -4.840  -9.400  2.216   1.00 4.78  ? 92  ASN A CB   1 
ATOM   726  C CG   . ASN A 1 91  ? -5.565  -10.715 2.069   1.00 6.87  ? 92  ASN A CG   1 
ATOM   727  O OD1  . ASN A 1 91  ? -5.155  -11.589 1.301   1.00 6.54  ? 92  ASN A OD1  1 
ATOM   728  N ND2  . ASN A 1 91  ? -6.635  -10.882 2.835   1.00 9.52  ? 92  ASN A ND2  1 
ATOM   729  N N    . PHE A 1 92  ? -3.378  -10.209 -0.447  1.00 4.85  ? 93  PHE A N    1 
ATOM   730  C CA   . PHE A 1 92  ? -3.277  -10.028 -1.882  1.00 5.99  ? 93  PHE A CA   1 
ATOM   731  C C    . PHE A 1 92  ? -4.143  -11.057 -2.589  1.00 6.59  ? 93  PHE A C    1 
ATOM   732  O O    . PHE A 1 92  ? -4.700  -11.967 -1.958  1.00 5.51  ? 93  PHE A O    1 
ATOM   733  C CB   . PHE A 1 92  ? -1.820  -10.062 -2.388  1.00 5.38  ? 93  PHE A CB   1 
ATOM   734  C CG   . PHE A 1 92  ? -1.048  -11.285 -1.971  1.00 4.61  ? 93  PHE A CG   1 
ATOM   735  C CD1  . PHE A 1 92  ? -1.220  -12.486 -2.625  1.00 6.35  ? 93  PHE A CD1  1 
ATOM   736  C CD2  . PHE A 1 92  ? -0.123  -11.214 -0.945  1.00 7.42  ? 93  PHE A CD2  1 
ATOM   737  C CE1  . PHE A 1 92  ? -0.502  -13.610 -2.254  1.00 7.16  ? 93  PHE A CE1  1 
ATOM   738  C CE2  . PHE A 1 92  ? 0.609   -12.332 -0.569  1.00 7.71  ? 93  PHE A CE2  1 
ATOM   739  C CZ   . PHE A 1 92  ? 0.416   -13.535 -1.227  1.00 8.97  ? 93  PHE A CZ   1 
ATOM   740  N N    . GLY A 1 93  ? -4.268  -10.893 -3.899  1.00 5.78  ? 94  GLY A N    1 
ATOM   741  C CA   . GLY A 1 93  ? -5.078  -11.783 -4.703  1.00 8.38  ? 94  GLY A CA   1 
ATOM   742  C C    . GLY A 1 93  ? -4.273  -12.908 -5.318  1.00 8.18  ? 94  GLY A C    1 
ATOM   743  O O    . GLY A 1 93  ? -3.675  -13.727 -4.608  1.00 9.65  ? 94  GLY A O    1 
ATOM   744  N N    . THR A 1 94  ? -4.238  -12.949 -6.646  1.00 6.40  ? 95  THR A N    1 
ATOM   745  C CA   . THR A 1 94  ? -3.626  -14.075 -7.342  1.00 5.83  ? 95  THR A CA   1 
ATOM   746  C C    . THR A 1 94  ? -2.103  -14.012 -7.374  1.00 8.85  ? 95  THR A C    1 
ATOM   747  O O    . THR A 1 94  ? -1.447  -15.020 -7.665  1.00 10.79 ? 95  THR A O    1 
ATOM   748  C CB   . THR A 1 94  ? -4.162  -14.193 -8.790  1.00 7.07  ? 95  THR A CB   1 
ATOM   749  O OG1  . THR A 1 94  ? -4.115  -12.913 -9.420  1.00 5.88  ? 95  THR A OG1  1 
ATOM   750  C CG2  . THR A 1 94  ? -5.600  -14.679 -8.770  1.00 8.08  ? 95  THR A CG2  1 
ATOM   751  N N    . TYR A 1 95  ? -1.542  -12.836 -7.097  1.00 6.70  ? 96  TYR A N    1 
ATOM   752  C CA   . TYR A 1 95  ? -0.097  -12.628 -7.223  1.00 6.94  ? 96  TYR A CA   1 
ATOM   753  C C    . TYR A 1 95  ? 0.539   -12.132 -5.928  1.00 6.45  ? 96  TYR A C    1 
ATOM   754  O O    . TYR A 1 95  ? 0.186   -11.072 -5.414  1.00 6.36  ? 96  TYR A O    1 
ATOM   755  C CB   . TYR A 1 95  ? 0.202   -11.632 -8.353  1.00 9.00  ? 96  TYR A CB   1 
ATOM   756  C CG   . TYR A 1 95  ? 1.676   -11.385 -8.611  1.00 7.29  ? 96  TYR A CG   1 
ATOM   757  C CD1  . TYR A 1 95  ? 2.518   -12.432 -8.983  1.00 8.85  ? 96  TYR A CD1  1 
ATOM   758  C CD2  . TYR A 1 95  ? 2.227   -10.108 -8.507  1.00 7.51  ? 96  TYR A CD2  1 
ATOM   759  C CE1  . TYR A 1 95  ? 3.856   -12.213 -9.228  1.00 8.71  ? 96  TYR A CE1  1 
ATOM   760  C CE2  . TYR A 1 95  ? 3.577   -9.888  -8.754  1.00 8.75  ? 96  TYR A CE2  1 
ATOM   761  C CZ   . TYR A 1 95  ? 4.376   -10.948 -9.109  1.00 9.32  ? 96  TYR A CZ   1 
ATOM   762  O OH   . TYR A 1 95  ? 5.715   -10.725 -9.363  1.00 11.96 ? 96  TYR A OH   1 
ATOM   763  N N    . ASN A 1 96  ? 1.486   -12.899 -5.402  1.00 6.42  ? 97  ASN A N    1 
ATOM   764  C CA   . ASN A 1 96  ? 2.327   -12.443 -4.298  1.00 7.47  ? 97  ASN A CA   1 
ATOM   765  C C    . ASN A 1 96  ? 3.378   -11.521 -4.889  1.00 6.71  ? 97  ASN A C    1 
ATOM   766  O O    . ASN A 1 96  ? 4.168   -11.951 -5.723  1.00 7.66  ? 97  ASN A O    1 
ATOM   767  C CB   . ASN A 1 96  ? 2.997   -13.658 -3.644  1.00 6.35  ? 97  ASN A CB   1 
ATOM   768  C CG   . ASN A 1 96  ? 3.872   -13.290 -2.460  1.00 6.34  ? 97  ASN A CG   1 
ATOM   769  O OD1  . ASN A 1 96  ? 4.450   -12.202 -2.407  1.00 6.69  ? 97  ASN A OD1  1 
ATOM   770  N ND2  . ASN A 1 96  ? 4.004   -14.218 -1.518  1.00 7.76  ? 97  ASN A ND2  1 
ATOM   771  N N    . PRO A 1 97  ? 3.400   -10.242 -4.471  1.00 5.29  ? 98  PRO A N    1 
ATOM   772  C CA   . PRO A 1 97  ? 4.269   -9.272  -5.143  1.00 5.72  ? 98  PRO A CA   1 
ATOM   773  C C    . PRO A 1 97  ? 5.753   -9.543  -4.936  1.00 5.31  ? 98  PRO A C    1 
ATOM   774  O O    . PRO A 1 97  ? 6.564   -8.906  -5.611  1.00 5.69  ? 98  PRO A O    1 
ATOM   775  C CB   . PRO A 1 97  ? 3.873   -7.929  -4.502  1.00 6.96  ? 98  PRO A CB   1 
ATOM   776  C CG   . PRO A 1 97  ? 3.307   -8.303  -3.171  1.00 6.31  ? 98  PRO A CG   1 
ATOM   777  C CD   . PRO A 1 97  ? 2.609   -9.628  -3.388  1.00 6.04  ? 98  PRO A CD   1 
ATOM   778  N N    . SER A 1 98  ? 6.099   -10.455 -4.029  1.00 5.29  ? 99  SER A N    1 
ATOM   779  C CA   . SER A 1 98  ? 7.502   -10.805 -3.779  1.00 5.67  ? 99  SER A CA   1 
ATOM   780  C C    . SER A 1 98  ? 7.969   -11.970 -4.643  1.00 7.95  ? 99  SER A C    1 
ATOM   781  O O    . SER A 1 98  ? 9.115   -12.408 -4.533  1.00 9.33  ? 99  SER A O    1 
ATOM   782  C CB   . SER A 1 98  ? 7.745   -11.124 -2.294  1.00 5.93  ? 99  SER A CB   1 
ATOM   783  O OG   . SER A 1 98  ? 7.125   -12.343 -1.907  1.00 7.15  ? 99  SER A OG   1 
ATOM   784  N N    . THR A 1 99  ? 7.091   -12.481 -5.498  1.00 8.17  ? 100 THR A N    1 
ATOM   785  C CA   . THR A 1 99  ? 7.460   -13.593 -6.371  1.00 9.37  ? 100 THR A CA   1 
ATOM   786  C C    . THR A 1 99  ? 8.713   -13.280 -7.180  1.00 10.07 ? 100 THR A C    1 
ATOM   787  O O    . THR A 1 99  ? 8.745   -12.316 -7.937  1.00 10.53 ? 100 THR A O    1 
ATOM   788  C CB   . THR A 1 99  ? 6.314   -13.941 -7.341  1.00 9.07  ? 100 THR A CB   1 
ATOM   789  O OG1  . THR A 1 99  ? 5.139   -14.279 -6.597  1.00 10.35 ? 100 THR A OG1  1 
ATOM   790  C CG2  . THR A 1 99  ? 6.696   -15.135 -8.209  1.00 15.06 ? 100 THR A CG2  1 
ATOM   791  N N    . GLY A 1 100 ? 9.747   -14.100 -7.000  1.00 10.96 ? 101 GLY A N    1 
ATOM   792  C CA   . GLY A 1 100 ? 10.993  -13.950 -7.725  1.00 12.15 ? 101 GLY A CA   1 
ATOM   793  C C    . GLY A 1 100 ? 11.942  -12.929 -7.125  1.00 13.41 ? 101 GLY A C    1 
ATOM   794  O O    . GLY A 1 100 ? 13.069  -12.771 -7.596  1.00 14.95 ? 101 GLY A O    1 
ATOM   795  N N    . ALA A 1 101 ? 11.495  -12.233 -6.085  1.00 11.12 ? 102 ALA A N    1 
ATOM   796  C CA   . ALA A 1 101 ? 12.307  -11.208 -5.446  1.00 10.72 ? 102 ALA A CA   1 
ATOM   797  C C    . ALA A 1 101 ? 13.258  -11.832 -4.431  1.00 10.96 ? 102 ALA A C    1 
ATOM   798  O O    . ALA A 1 101 ? 12.977  -12.885 -3.852  1.00 11.19 ? 102 ALA A O    1 
ATOM   799  C CB   . ALA A 1 101 ? 11.414  -10.178 -4.759  1.00 8.63  ? 102 ALA A CB   1 
ATOM   800  N N    . THR A 1 102 ? 14.378  -11.159 -4.203  1.00 11.81 ? 103 THR A N    1 
ATOM   801  C CA   . THR A 1 102 ? 15.359  -11.649 -3.256  1.00 12.27 ? 103 THR A CA   1 
ATOM   802  C C    . THR A 1 102 ? 14.932  -11.337 -1.817  1.00 9.54  ? 103 THR A C    1 
ATOM   803  O O    . THR A 1 102 ? 14.633  -10.193 -1.470  1.00 10.57 ? 103 THR A O    1 
ATOM   804  C CB   . THR A 1 102 ? 16.746  -11.076 -3.594  1.00 19.76 ? 103 THR A CB   1 
ATOM   805  O OG1  . THR A 1 102 ? 17.230  -11.716 -4.786  1.00 21.61 ? 103 THR A OG1  1 
ATOM   806  C CG2  . THR A 1 102 ? 17.725  -11.318 -2.466  1.00 18.98 ? 103 THR A CG2  1 
ATOM   807  N N    . LYS A 1 103 ? 14.864  -12.383 -1.004  1.00 9.28  ? 104 LYS A N    1 
ATOM   808  C CA   . LYS A 1 103 ? 14.455  -12.266 0.393   1.00 9.25  ? 104 LYS A CA   1 
ATOM   809  C C    . LYS A 1 103 ? 15.597  -11.738 1.245   1.00 9.10  ? 104 LYS A C    1 
ATOM   810  O O    . LYS A 1 103 ? 16.727  -12.250 1.181   1.00 11.11 ? 104 LYS A O    1 
ATOM   811  C CB   . LYS A 1 103 ? 13.988  -13.620 0.922   1.00 8.09  ? 104 LYS A CB   1 
ATOM   812  C CG   . LYS A 1 103 ? 13.622  -13.610 2.397   1.00 8.06  ? 104 LYS A CG   1 
ATOM   813  C CD   . LYS A 1 103 ? 13.012  -14.931 2.821   1.00 9.55  ? 104 LYS A CD   1 
ATOM   814  C CE   . LYS A 1 103 ? 12.726  -14.960 4.317   1.00 7.44  ? 104 LYS A CE   1 
ATOM   815  N NZ   . LYS A 1 103 ? 12.228  -16.313 4.747   1.00 10.18 ? 104 LYS A NZ   1 
ATOM   816  N N    . LEU A 1 104 ? 15.297  -10.717 2.043   1.00 7.12  ? 105 LEU A N    1 
ATOM   817  C CA   . LEU A 1 104 ? 16.305  -10.019 2.835   1.00 9.78  ? 105 LEU A CA   1 
ATOM   818  C C    . LEU A 1 104 ? 16.045  -10.113 4.328   1.00 8.16  ? 105 LEU A C    1 
ATOM   819  O O    . LEU A 1 104 ? 16.580  -9.320  5.105   1.00 7.81  ? 105 LEU A O    1 
ATOM   820  C CB   . LEU A 1 104 ? 16.365  -8.551  2.429   1.00 11.33 ? 105 LEU A CB   1 
ATOM   821  C CG   . LEU A 1 104 ? 16.787  -8.285  0.981   1.00 16.33 ? 105 LEU A CG   1 
ATOM   822  C CD1  . LEU A 1 104 ? 16.932  -6.793  0.764   1.00 18.09 ? 105 LEU A CD1  1 
ATOM   823  C CD2  . LEU A 1 104 ? 18.072  -9.018  0.624   1.00 17.99 ? 105 LEU A CD2  1 
ATOM   824  N N    . GLY A 1 105 ? 15.188  -11.052 4.714   1.00 7.44  ? 106 GLY A N    1 
ATOM   825  C CA   . GLY A 1 105 ? 14.995  -11.369 6.116   1.00 7.02  ? 106 GLY A CA   1 
ATOM   826  C C    . GLY A 1 105 ? 13.553  -11.598 6.499   1.00 7.82  ? 106 GLY A C    1 
ATOM   827  O O    . GLY A 1 105 ? 12.677  -11.734 5.639   1.00 6.06  ? 106 GLY A O    1 
ATOM   828  N N    . GLU A 1 106 ? 13.320  -11.655 7.803   1.00 6.75  ? 107 GLU A N    1 
ATOM   829  C CA   . GLU A 1 106 ? 11.998  -11.837 8.374   1.00 7.27  ? 107 GLU A CA   1 
ATOM   830  C C    . GLU A 1 106 ? 11.810  -10.865 9.523   1.00 7.96  ? 107 GLU A C    1 
ATOM   831  O O    . GLU A 1 106 ? 12.778  -10.473 10.190  1.00 11.05 ? 107 GLU A O    1 
ATOM   832  C CB   . GLU A 1 106 ? 11.823  -13.276 8.885   1.00 9.33  ? 107 GLU A CB   1 
ATOM   833  C CG   . GLU A 1 106 ? 11.924  -14.312 7.778   1.00 8.02  ? 107 GLU A CG   1 
ATOM   834  C CD   . GLU A 1 106 ? 11.805  -15.746 8.261   1.00 12.02 ? 107 GLU A CD   1 
ATOM   835  O OE1  . GLU A 1 106 ? 11.565  -15.975 9.473   1.00 16.73 ? 107 GLU A OE1  1 
ATOM   836  O OE2  . GLU A 1 106 ? 11.941  -16.662 7.421   1.00 10.78 ? 107 GLU A OE2  1 
ATOM   837  N N    . VAL A 1 107 ? 10.563  -10.469 9.746   1.00 5.39  ? 108 VAL A N    1 
ATOM   838  C CA   . VAL A 1 107 ? 10.197  -9.701  10.928  1.00 6.46  ? 108 VAL A CA   1 
ATOM   839  C C    . VAL A 1 107 ? 8.845   -10.196 11.451  1.00 6.96  ? 108 VAL A C    1 
ATOM   840  O O    . VAL A 1 107 ? 7.946   -10.534 10.677  1.00 6.38  ? 108 VAL A O    1 
ATOM   841  C CB   . VAL A 1 107 ? 10.175  -8.174  10.645  1.00 5.52  ? 108 VAL A CB   1 
ATOM   842  C CG1  . VAL A 1 107 ? 9.216   -7.844  9.512   1.00 6.85  ? 108 VAL A CG1  1 
ATOM   843  C CG2  . VAL A 1 107 ? 9.824   -7.376  11.909  1.00 8.27  ? 108 VAL A CG2  1 
ATOM   844  N N    . THR A 1 108 ? 8.716   -10.273 12.768  1.00 6.33  ? 109 THR A N    1 
ATOM   845  C CA   . THR A 1 108 ? 7.466   -10.669 13.392  1.00 6.80  ? 109 THR A CA   1 
ATOM   846  C C    . THR A 1 108 ? 6.798   -9.428  13.956  1.00 6.79  ? 109 THR A C    1 
ATOM   847  O O    . THR A 1 108 ? 7.406   -8.664  14.705  1.00 9.96  ? 109 THR A O    1 
ATOM   848  C CB   . THR A 1 108 ? 7.712   -11.689 14.506  1.00 6.66  ? 109 THR A CB   1 
ATOM   849  O OG1  . THR A 1 108 ? 8.329   -12.857 13.946  1.00 9.69  ? 109 THR A OG1  1 
ATOM   850  C CG2  . THR A 1 108 ? 6.388   -12.075 15.176  1.00 8.38  ? 109 THR A CG2  1 
ATOM   851  N N    . SER A 1 109 ? 5.548   -9.208  13.579  1.00 6.13  ? 110 SER A N    1 
ATOM   852  C CA   . SER A 1 109 ? 4.835   -8.026  14.037  1.00 5.94  ? 110 SER A CA   1 
ATOM   853  C C    . SER A 1 109 ? 3.336   -8.265  13.958  1.00 7.70  ? 110 SER A C    1 
ATOM   854  O O    . SER A 1 109 ? 2.834   -8.854  12.995  1.00 6.53  ? 110 SER A O    1 
ATOM   855  C CB   . SER A 1 109 ? 5.233   -6.808  13.188  1.00 7.29  ? 110 SER A CB   1 
ATOM   856  O OG   . SER A 1 109 ? 4.789   -5.579  13.758  1.00 7.71  ? 110 SER A OG   1 
ATOM   857  N N    . ASP A 1 110 ? 2.622   -7.807  14.977  1.00 7.02  ? 111 ASP A N    1 
ATOM   858  C CA   . ASP A 1 110 ? 1.160   -7.782  14.925  1.00 6.15  ? 111 ASP A CA   1 
ATOM   859  C C    . ASP A 1 110 ? 0.533   -9.128  14.553  1.00 5.66  ? 111 ASP A C    1 
ATOM   860  O O    . ASP A 1 110 ? -0.415  -9.193  13.763  1.00 6.23  ? 111 ASP A O    1 
ATOM   861  C CB   . ASP A 1 110 ? 0.702   -6.680  13.967  1.00 7.16  ? 111 ASP A CB   1 
ATOM   862  C CG   . ASP A 1 110 ? 1.316   -5.338  14.307  1.00 8.43  ? 111 ASP A CG   1 
ATOM   863  O OD1  . ASP A 1 110 ? 1.006   -4.816  15.410  1.00 9.57  ? 111 ASP A OD1  1 
ATOM   864  O OD2  . ASP A 1 110 ? 2.120   -4.807  13.501  1.00 7.04  ? 111 ASP A OD2  1 
ATOM   865  N N    . GLY A 1 111 ? 1.063   -10.202 15.126  1.00 7.33  ? 112 GLY A N    1 
ATOM   866  C CA   . GLY A 1 111 ? 0.449   -11.516 15.004  1.00 7.70  ? 112 GLY A CA   1 
ATOM   867  C C    . GLY A 1 111 ? 0.876   -12.400 13.850  1.00 9.90  ? 112 GLY A C    1 
ATOM   868  O O    . GLY A 1 111 ? 0.281   -13.463 13.624  1.00 10.62 ? 112 GLY A O    1 
ATOM   869  N N    . SER A 1 112 ? 1.893   -11.982 13.104  1.00 6.09  ? 113 SER A N    1 
ATOM   870  C CA   . SER A 1 112 ? 2.371   -12.802 12.010  1.00 7.54  ? 113 SER A CA   1 
ATOM   871  C C    . SER A 1 112 ? 3.844   -12.565 11.745  1.00 8.81  ? 113 SER A C    1 
ATOM   872  O O    . SER A 1 112 ? 4.383   -11.497 12.041  1.00 8.39  ? 113 SER A O    1 
ATOM   873  C CB   . SER A 1 112 ? 1.576   -12.485 10.736  1.00 7.22  ? 113 SER A CB   1 
ATOM   874  O OG   . SER A 1 112 ? 1.929   -13.357 9.672   1.00 6.88  ? 113 SER A OG   1 
ATOM   875  N N    . VAL A 1 113 ? 4.486   -13.563 11.155  1.00 6.49  ? 114 VAL A N    1 
ATOM   876  C CA   . VAL A 1 113 ? 5.782   -13.352 10.549  1.00 7.26  ? 114 VAL A CA   1 
ATOM   877  C C    . VAL A 1 113 ? 5.554   -12.725 9.178   1.00 6.55  ? 114 VAL A C    1 
ATOM   878  O O    . VAL A 1 113 ? 4.586   -13.068 8.475   1.00 6.12  ? 114 VAL A O    1 
ATOM   879  C CB   . VAL A 1 113 ? 6.563   -14.670 10.367  1.00 8.11  ? 114 VAL A CB   1 
ATOM   880  C CG1  . VAL A 1 113 ? 7.906   -14.392 9.691   1.00 7.74  ? 114 VAL A CG1  1 
ATOM   881  C CG2  . VAL A 1 113 ? 6.782   -15.364 11.706  1.00 11.14 ? 114 VAL A CG2  1 
ATOM   882  N N    . TYR A 1 114 ? 6.447   -11.811 8.808   1.00 5.62  ? 115 TYR A N    1 
ATOM   883  C CA   . TYR A 1 114 ? 6.488   -11.207 7.475   1.00 5.58  ? 115 TYR A CA   1 
ATOM   884  C C    . TYR A 1 114 ? 7.825   -11.540 6.848   1.00 6.29  ? 115 TYR A C    1 
ATOM   885  O O    . TYR A 1 114 ? 8.854   -11.558 7.529   1.00 6.39  ? 115 TYR A O    1 
ATOM   886  C CB   . TYR A 1 114 ? 6.411   -9.677  7.560   1.00 5.44  ? 115 TYR A CB   1 
ATOM   887  C CG   . TYR A 1 114 ? 5.084   -9.089  7.980   1.00 5.42  ? 115 TYR A CG   1 
ATOM   888  C CD1  . TYR A 1 114 ? 4.625   -9.202  9.290   1.00 6.05  ? 115 TYR A CD1  1 
ATOM   889  C CD2  . TYR A 1 114 ? 4.308   -8.385  7.068   1.00 4.41  ? 115 TYR A CD2  1 
ATOM   890  C CE1  . TYR A 1 114 ? 3.413   -8.643  9.668   1.00 5.35  ? 115 TYR A CE1  1 
ATOM   891  C CE2  . TYR A 1 114 ? 3.100   -7.820  7.436   1.00 4.64  ? 115 TYR A CE2  1 
ATOM   892  C CZ   . TYR A 1 114 ? 2.661   -7.956  8.737   1.00 4.56  ? 115 TYR A CZ   1 
ATOM   893  O OH   . TYR A 1 114 ? 1.469   -7.389  9.115   1.00 4.79  ? 115 TYR A OH   1 
ATOM   894  N N    . ASP A 1 115 ? 7.826   -11.770 5.543   1.00 4.08  ? 116 ASP A N    1 
ATOM   895  C CA   . ASP A 1 115 ? 9.071   -11.907 4.809   1.00 4.22  ? 116 ASP A CA   1 
ATOM   896  C C    . ASP A 1 115 ? 9.414   -10.572 4.171   1.00 4.60  ? 116 ASP A C    1 
ATOM   897  O O    . ASP A 1 115 ? 8.526   -9.861  3.697   1.00 6.21  ? 116 ASP A O    1 
ATOM   898  C CB   . ASP A 1 115 ? 8.937   -13.026 3.787   1.00 6.80  ? 116 ASP A CB   1 
ATOM   899  C CG   . ASP A 1 115 ? 8.693   -14.361 4.446   1.00 6.65  ? 116 ASP A CG   1 
ATOM   900  O OD1  . ASP A 1 115 ? 9.639   -14.848 5.121   1.00 6.69  ? 116 ASP A OD1  1 
ATOM   901  O OD2  . ASP A 1 115 ? 7.564   -14.905 4.337   1.00 8.22  ? 116 ASP A OD2  1 
ATOM   902  N N    . ILE A 1 116 ? 10.696  -10.221 4.193   1.00 4.26  ? 117 ILE A N    1 
ATOM   903  C CA   . ILE A 1 116 ? 11.185  -8.922  3.714   1.00 4.99  ? 117 ILE A CA   1 
ATOM   904  C C    . ILE A 1 116 ? 11.885  -9.073  2.371   1.00 5.83  ? 117 ILE A C    1 
ATOM   905  O O    . ILE A 1 116 ? 12.667  -10.013 2.179   1.00 5.95  ? 117 ILE A O    1 
ATOM   906  C CB   . ILE A 1 116 ? 12.170  -8.312  4.746   1.00 4.40  ? 117 ILE A CB   1 
ATOM   907  C CG1  . ILE A 1 116 ? 11.463  -8.143  6.096   1.00 4.91  ? 117 ILE A CG1  1 
ATOM   908  C CG2  . ILE A 1 116 ? 12.730  -6.973  4.260   1.00 5.14  ? 117 ILE A CG2  1 
ATOM   909  C CD1  . ILE A 1 116 ? 12.403  -7.874  7.242   1.00 6.73  ? 117 ILE A CD1  1 
ATOM   910  N N    . TYR A 1 117 ? 11.606  -8.155  1.440   1.00 4.63  ? 118 TYR A N    1 
ATOM   911  C CA   . TYR A 1 117 ? 12.221  -8.182  0.109   1.00 4.43  ? 118 TYR A CA   1 
ATOM   912  C C    . TYR A 1 117 ? 12.552  -6.784  -0.371  1.00 5.30  ? 118 TYR A C    1 
ATOM   913  O O    . TYR A 1 117 ? 11.939  -5.808  0.060   1.00 4.82  ? 118 TYR A O    1 
ATOM   914  C CB   . TYR A 1 117 ? 11.273  -8.829  -0.919  1.00 4.71  ? 118 TYR A CB   1 
ATOM   915  C CG   . TYR A 1 117 ? 10.687  -10.150 -0.503  1.00 4.12  ? 118 TYR A CG   1 
ATOM   916  C CD1  . TYR A 1 117 ? 9.562   -10.204 0.315   1.00 4.28  ? 118 TYR A CD1  1 
ATOM   917  C CD2  . TYR A 1 117 ? 11.241  -11.350 -0.940  1.00 6.26  ? 118 TYR A CD2  1 
ATOM   918  C CE1  . TYR A 1 117 ? 9.016   -11.401 0.698   1.00 5.76  ? 118 TYR A CE1  1 
ATOM   919  C CE2  . TYR A 1 117 ? 10.692  -12.559 -0.565  1.00 4.52  ? 118 TYR A CE2  1 
ATOM   920  C CZ   . TYR A 1 117 ? 9.582   -12.576 0.254   1.00 6.51  ? 118 TYR A CZ   1 
ATOM   921  O OH   . TYR A 1 117 ? 9.020   -13.778 0.626   1.00 7.69  ? 118 TYR A OH   1 
ATOM   922  N N    . ARG A 1 118 ? 13.537  -6.686  -1.260  1.00 4.37  ? 119 ARG A N    1 
ATOM   923  C CA   . ARG A 1 118 ? 13.786  -5.469  -2.009  1.00 4.21  ? 119 ARG A CA   1 
ATOM   924  C C    . ARG A 1 118 ? 13.674  -5.784  -3.491  1.00 8.71  ? 119 ARG A C    1 
ATOM   925  O O    . ARG A 1 118 ? 14.115  -6.847  -3.953  1.00 8.28  ? 119 ARG A O    1 
ATOM   926  C CB   . ARG A 1 118 ? 15.174  -4.903  -1.698  1.00 8.37  ? 119 ARG A CB   1 
ATOM   927  C CG   . ARG A 1 118 ? 15.524  -3.637  -2.492  1.00 8.90  ? 119 ARG A CG   1 
ATOM   928  C CD   . ARG A 1 118 ? 16.994  -3.230  -2.298  1.00 13.22 ? 119 ARG A CD   1 
ATOM   929  N NE   . ARG A 1 118 ? 17.876  -4.373  -2.524  1.00 18.21 ? 119 ARG A NE   1 
ATOM   930  C CZ   . ARG A 1 118 ? 18.862  -4.734  -1.705  1.00 24.96 ? 119 ARG A CZ   1 
ATOM   931  N NH1  . ARG A 1 118 ? 19.125  -4.020  -0.617  1.00 24.84 ? 119 ARG A NH1  1 
ATOM   932  N NH2  . ARG A 1 118 ? 19.595  -5.802  -1.986  1.00 21.56 ? 119 ARG A NH2  1 
ATOM   933  N N    . THR A 1 119 ? 13.063  -4.870  -4.230  1.00 7.01  ? 120 THR A N    1 
ATOM   934  C CA   . THR A 1 119 ? 12.983  -4.980  -5.681  1.00 6.24  ? 120 THR A CA   1 
ATOM   935  C C    . THR A 1 119 ? 13.379  -3.628  -6.249  1.00 5.54  ? 120 THR A C    1 
ATOM   936  O O    . THR A 1 119 ? 13.583  -2.669  -5.496  1.00 7.40  ? 120 THR A O    1 
ATOM   937  C CB   . THR A 1 119 ? 11.563  -5.363  -6.152  1.00 5.76  ? 120 THR A CB   1 
ATOM   938  O OG1  . THR A 1 119 ? 10.615  -4.433  -5.620  1.00 5.49  ? 120 THR A OG1  1 
ATOM   939  C CG2  . THR A 1 119 ? 11.200  -6.759  -5.681  1.00 7.42  ? 120 THR A CG2  1 
ATOM   940  N N    . GLN A 1 120 ? 13.524  -3.543  -7.565  1.00 6.82  ? 121 GLN A N    1 
ATOM   941  C CA   . GLN A 1 120 ? 13.887  -2.287  -8.207  1.00 6.12  ? 121 GLN A CA   1 
ATOM   942  C C    . GLN A 1 120 ? 12.949  -1.981  -9.354  1.00 6.27  ? 121 GLN A C    1 
ATOM   943  O O    . GLN A 1 120 ? 12.622  -2.862  -10.158 1.00 9.71  ? 121 GLN A O    1 
ATOM   944  C CB   . GLN A 1 120 ? 15.330  -2.324  -8.720  1.00 9.40  ? 121 GLN A CB   1 
ATOM   945  C CG   . GLN A 1 120 ? 15.775  -0.991  -9.320  1.00 7.90  ? 121 GLN A CG   1 
ATOM   946  C CD   . GLN A 1 120 ? 17.235  -0.993  -9.725  1.00 12.12 ? 121 GLN A CD   1 
ATOM   947  O OE1  . GLN A 1 120 ? 18.032  -0.188  -9.232  1.00 14.06 ? 121 GLN A OE1  1 
ATOM   948  N NE2  . GLN A 1 120 ? 17.594  -1.902  -10.621 1.00 12.02 ? 121 GLN A NE2  1 
ATOM   949  N N    . ARG A 1 121 ? 12.523  -0.725  -9.434  1.00 4.49  ? 122 ARG A N    1 
ATOM   950  C CA   . ARG A 1 121 ? 11.753  -0.236  -10.570 1.00 6.17  ? 122 ARG A CA   1 
ATOM   951  C C    . ARG A 1 121 ? 12.713  0.584   -11.423 1.00 7.99  ? 122 ARG A C    1 
ATOM   952  O O    . ARG A 1 121 ? 13.455  1.412   -10.900 1.00 6.66  ? 122 ARG A O    1 
ATOM   953  C CB   . ARG A 1 121 ? 10.574  0.617   -10.086 1.00 6.75  ? 122 ARG A CB   1 
ATOM   954  C CG   . ARG A 1 121 ? 9.567   -0.166  -9.262  1.00 7.52  ? 122 ARG A CG   1 
ATOM   955  C CD   . ARG A 1 121 ? 8.640   -0.973  -10.147 1.00 8.18  ? 122 ARG A CD   1 
ATOM   956  N NE   . ARG A 1 121 ? 7.614   -0.111  -10.722 1.00 9.29  ? 122 ARG A NE   1 
ATOM   957  C CZ   . ARG A 1 121 ? 6.899   -0.408  -11.802 1.00 10.58 ? 122 ARG A CZ   1 
ATOM   958  N NH1  . ARG A 1 121 ? 7.104   -1.551  -12.449 1.00 13.32 ? 122 ARG A NH1  1 
ATOM   959  N NH2  . ARG A 1 121 ? 5.989   0.451   -12.237 1.00 11.94 ? 122 ARG A NH2  1 
ATOM   960  N N    . VAL A 1 122 ? 12.739  0.313   -12.722 1.00 7.10  ? 123 VAL A N    1 
ATOM   961  C CA   . VAL A 1 122 ? 13.679  0.974   -13.627 1.00 8.61  ? 123 VAL A CA   1 
ATOM   962  C C    . VAL A 1 122 ? 12.956  1.910   -14.600 1.00 8.69  ? 123 VAL A C    1 
ATOM   963  O O    . VAL A 1 122 ? 12.130  1.475   -15.404 1.00 10.34 ? 123 VAL A O    1 
ATOM   964  C CB   . VAL A 1 122 ? 14.495  -0.075  -14.427 1.00 10.58 ? 123 VAL A CB   1 
ATOM   965  C CG1  . VAL A 1 122 ? 15.432  0.612   -15.393 1.00 11.63 ? 123 VAL A CG1  1 
ATOM   966  C CG2  . VAL A 1 122 ? 15.279  -0.975  -13.479 1.00 10.97 ? 123 VAL A CG2  1 
ATOM   967  N N    . ASN A 1 123 ? 13.263  3.202   -14.510 1.00 10.73 ? 124 ASN A N    1 
ATOM   968  C CA   . ASN A 1 123 ? 12.635  4.210   -15.366 1.00 10.00 ? 124 ASN A CA   1 
ATOM   969  C C    . ASN A 1 123 ? 11.113  4.127   -15.338 1.00 10.72 ? 124 ASN A C    1 
ATOM   970  O O    . ASN A 1 123 ? 10.459  4.036   -16.384 1.00 12.70 ? 124 ASN A O    1 
ATOM   971  C CB   . ASN A 1 123 ? 13.147  4.084   -16.803 1.00 13.84 ? 124 ASN A CB   1 
ATOM   972  C CG   . ASN A 1 123 ? 14.634  4.365   -16.918 1.00 18.85 ? 124 ASN A CG   1 
ATOM   973  O OD1  . ASN A 1 123 ? 15.167  5.240   -16.229 1.00 26.08 ? 124 ASN A OD1  1 
ATOM   974  N ND2  . ASN A 1 123 ? 15.315  3.615   -17.779 1.00 24.92 ? 124 ASN A ND2  1 
ATOM   975  N N    . GLN A 1 124 ? 10.552  4.153   -14.131 1.00 9.68  ? 125 GLN A N    1 
ATOM   976  C CA   . GLN A 1 124 ? 9.111   4.041   -13.923 1.00 9.12  ? 125 GLN A CA   1 
ATOM   977  C C    . GLN A 1 124 ? 8.564   5.291   -13.236 1.00 10.17 ? 125 GLN A C    1 
ATOM   978  O O    . GLN A 1 124 ? 9.317   6.045   -12.611 1.00 7.56  ? 125 GLN A O    1 
ATOM   979  C CB   . GLN A 1 124 ? 8.803   2.814   -13.063 1.00 9.14  ? 125 GLN A CB   1 
ATOM   980  C CG   . GLN A 1 124 ? 9.186   1.478   -13.697 1.00 10.42 ? 125 GLN A CG   1 
ATOM   981  C CD   . GLN A 1 124 ? 8.270   1.075   -14.839 1.00 12.87 ? 125 GLN A CD   1 
ATOM   982  O OE1  . GLN A 1 124 ? 7.295   1.763   -15.156 1.00 14.12 ? 125 GLN A OE1  1 
ATOM   983  N NE2  . GLN A 1 124 ? 8.573   -0.064  -15.459 1.00 18.93 ? 125 GLN A NE2  1 
ATOM   984  N N    . PRO A 1 125 ? 7.249   5.516   -13.336 1.00 9.94  ? 126 PRO A N    1 
ATOM   985  C CA   . PRO A 1 125 ? 6.623   6.673   -12.686 1.00 8.98  ? 126 PRO A CA   1 
ATOM   986  C C    . PRO A 1 125 ? 6.862   6.676   -11.180 1.00 6.94  ? 126 PRO A C    1 
ATOM   987  O O    . PRO A 1 125 ? 6.913   5.610   -10.564 1.00 9.27  ? 126 PRO A O    1 
ATOM   988  C CB   . PRO A 1 125 ? 5.138   6.475   -12.983 1.00 10.29 ? 126 PRO A CB   1 
ATOM   989  C CG   . PRO A 1 125 ? 5.128   5.674   -14.247 1.00 11.85 ? 126 PRO A CG   1 
ATOM   990  C CD   . PRO A 1 125 ? 6.282   4.736   -14.130 1.00 8.71  ? 126 PRO A CD   1 
ATOM   991  N N    . SER A 1 126 ? 7.022   7.861   -10.603 1.00 7.45  ? 127 SER A N    1 
ATOM   992  C CA   . SER A 1 126 ? 7.172   7.992   -9.157  1.00 7.19  ? 127 SER A CA   1 
ATOM   993  C C    . SER A 1 126 ? 6.619   9.335   -8.716  1.00 7.70  ? 127 SER A C    1 
ATOM   994  O O    . SER A 1 126 ? 6.216   10.158  -9.547  1.00 7.08  ? 127 SER A O    1 
ATOM   995  C CB   . SER A 1 126 ? 8.643   7.892   -8.744  1.00 6.73  ? 127 SER A CB   1 
ATOM   996  O OG   . SER A 1 126 ? 9.291   9.145   -8.959  1.00 8.24  ? 127 SER A OG   1 
ATOM   997  N N    . ILE A 1 127 ? 6.631   9.567   -7.408  1.00 6.98  ? 128 ILE A N    1 
ATOM   998  C CA   . ILE A 1 127 ? 6.224   10.864  -6.866  1.00 9.38  ? 128 ILE A CA   1 
ATOM   999  C C    . ILE A 1 127 ? 7.069   12.045  -7.345  1.00 8.21  ? 128 ILE A C    1 
ATOM   1000 O O    . ILE A 1 127 ? 6.640   13.193  -7.188  1.00 8.85  ? 128 ILE A O    1 
ATOM   1001 C CB   . ILE A 1 127 ? 6.173   10.863  -5.322  1.00 7.05  ? 128 ILE A CB   1 
ATOM   1002 C CG1  . ILE A 1 127 ? 7.484   10.356  -4.733  1.00 7.88  ? 128 ILE A CG1  1 
ATOM   1003 C CG2  . ILE A 1 127 ? 5.018   9.991   -4.836  1.00 8.12  ? 128 ILE A CG2  1 
ATOM   1004 C CD1  . ILE A 1 127 ? 7.671   10.691  -3.273  1.00 10.81 ? 128 ILE A CD1  1 
ATOM   1005 N N    . ILE A 1 128 ? 8.245   11.790  -7.926  1.00 6.47  ? 129 ILE A N    1 
ATOM   1006 C CA   . ILE A 1 128 ? 9.101   12.887  -8.422  1.00 6.80  ? 129 ILE A CA   1 
ATOM   1007 C C    . ILE A 1 128 ? 9.311   12.873  -9.935  1.00 6.83  ? 129 ILE A C    1 
ATOM   1008 O O    . ILE A 1 128 ? 10.108  13.649  -10.472 1.00 7.04  ? 129 ILE A O    1 
ATOM   1009 C CB   . ILE A 1 128 ? 10.479  12.984  -7.682  1.00 6.32  ? 129 ILE A CB   1 
ATOM   1010 C CG1  . ILE A 1 128 ? 11.259  11.663  -7.726  1.00 7.57  ? 129 ILE A CG1  1 
ATOM   1011 C CG2  . ILE A 1 128 ? 10.270  13.432  -6.242  1.00 8.08  ? 129 ILE A CG2  1 
ATOM   1012 C CD1  . ILE A 1 128 ? 11.798  11.279  -9.085  1.00 6.20  ? 129 ILE A CD1  1 
ATOM   1013 N N    . GLY A 1 129 ? 8.573   12.009  -10.626 1.00 6.83  ? 130 GLY A N    1 
ATOM   1014 C CA   . GLY A 1 129 ? 8.722   11.830  -12.060 1.00 8.27  ? 130 GLY A CA   1 
ATOM   1015 C C    . GLY A 1 129 ? 9.302   10.467  -12.394 1.00 7.55  ? 130 GLY A C    1 
ATOM   1016 O O    . GLY A 1 129 ? 9.545   9.650   -11.500 1.00 9.00  ? 130 GLY A O    1 
ATOM   1017 N N    . THR A 1 130 ? 9.537   10.209  -13.677 1.00 6.50  ? 131 THR A N    1 
ATOM   1018 C CA   . THR A 1 130 ? 10.159  8.956   -14.094 1.00 7.24  ? 131 THR A CA   1 
ATOM   1019 C C    . THR A 1 130 ? 11.495  8.784   -13.393 1.00 8.03  ? 131 THR A C    1 
ATOM   1020 O O    . THR A 1 130 ? 12.315  9.702   -13.384 1.00 8.54  ? 131 THR A O    1 
ATOM   1021 C CB   . THR A 1 130 ? 10.368  8.913   -15.613 1.00 9.38  ? 131 THR A CB   1 
ATOM   1022 O OG1  . THR A 1 130 ? 9.104   9.090   -16.260 1.00 13.35 ? 131 THR A OG1  1 
ATOM   1023 C CG2  . THR A 1 130 ? 10.953  7.571   -16.034 1.00 13.81 ? 131 THR A CG2  1 
ATOM   1024 N N    . ALA A 1 131 ? 11.723  7.612   -12.814 1.00 7.45  ? 132 ALA A N    1 
ATOM   1025 C CA   . ALA A 1 131 ? 12.952  7.385   -12.072 1.00 6.45  ? 132 ALA A CA   1 
ATOM   1026 C C    . ALA A 1 131 ? 13.232  5.901   -11.893 1.00 8.29  ? 132 ALA A C    1 
ATOM   1027 O O    . ALA A 1 131 ? 12.358  5.061   -12.117 1.00 7.48  ? 132 ALA A O    1 
ATOM   1028 C CB   . ALA A 1 131 ? 12.876  8.076   -10.725 1.00 8.65  ? 132 ALA A CB   1 
ATOM   1029 N N    . THR A 1 132 ? 14.462  5.589   -11.498 1.00 7.53  ? 133 THR A N    1 
ATOM   1030 C CA   . THR A 1 132 ? 14.829  4.251   -11.069 1.00 7.47  ? 133 THR A CA   1 
ATOM   1031 C C    . THR A 1 132 ? 14.959  4.319   -9.558  1.00 7.71  ? 133 THR A C    1 
ATOM   1032 O O    . THR A 1 132 ? 15.627  5.206   -9.022  1.00 6.92  ? 133 THR A O    1 
ATOM   1033 C CB   . THR A 1 132 ? 16.150  3.811   -11.731 1.00 8.51  ? 133 THR A CB   1 
ATOM   1034 O OG1  . THR A 1 132 ? 15.918  3.610   -13.129 1.00 11.70 ? 133 THR A OG1  1 
ATOM   1035 C CG2  . THR A 1 132 ? 16.660  2.511   -11.125 1.00 9.20  ? 133 THR A CG2  1 
ATOM   1036 N N    . PHE A 1 133 ? 14.277  3.406   -8.875  1.00 5.68  ? 134 PHE A N    1 
ATOM   1037 C CA   . PHE A 1 133 ? 14.207  3.457   -7.418  1.00 6.09  ? 134 PHE A CA   1 
ATOM   1038 C C    . PHE A 1 133 ? 13.944  2.082   -6.829  1.00 7.06  ? 134 PHE A C    1 
ATOM   1039 O O    . PHE A 1 133 ? 13.449  1.191   -7.519  1.00 6.44  ? 134 PHE A O    1 
ATOM   1040 C CB   . PHE A 1 133 ? 13.107  4.447   -6.975  1.00 6.55  ? 134 PHE A CB   1 
ATOM   1041 C CG   . PHE A 1 133 ? 11.748  4.151   -7.558  1.00 5.07  ? 134 PHE A CG   1 
ATOM   1042 C CD1  . PHE A 1 133 ? 11.367  4.682   -8.778  1.00 6.25  ? 134 PHE A CD1  1 
ATOM   1043 C CD2  . PHE A 1 133 ? 10.842  3.344   -6.869  1.00 5.22  ? 134 PHE A CD2  1 
ATOM   1044 C CE1  . PHE A 1 133 ? 10.106  4.406   -9.313  1.00 6.65  ? 134 PHE A CE1  1 
ATOM   1045 C CE2  . PHE A 1 133 ? 9.585   3.060   -7.401  1.00 4.88  ? 134 PHE A CE2  1 
ATOM   1046 C CZ   . PHE A 1 133 ? 9.218   3.600   -8.625  1.00 5.78  ? 134 PHE A CZ   1 
ATOM   1047 N N    . TYR A 1 134 ? 14.274  1.902   -5.551  1.00 6.05  ? 135 TYR A N    1 
ATOM   1048 C CA   . TYR A 1 134 ? 13.988  0.632   -4.877  1.00 5.75  ? 135 TYR A CA   1 
ATOM   1049 C C    . TYR A 1 134 ? 12.588  0.611   -4.282  1.00 6.72  ? 135 TYR A C    1 
ATOM   1050 O O    . TYR A 1 134 ? 12.033  1.661   -3.947  1.00 5.25  ? 135 TYR A O    1 
ATOM   1051 C CB   . TYR A 1 134 ? 15.031  0.336   -3.782  1.00 5.14  ? 135 TYR A CB   1 
ATOM   1052 C CG   . TYR A 1 134 ? 16.409  0.083   -4.347  1.00 7.23  ? 135 TYR A CG   1 
ATOM   1053 C CD1  . TYR A 1 134 ? 16.669  -1.043  -5.117  1.00 8.26  ? 135 TYR A CD1  1 
ATOM   1054 C CD2  . TYR A 1 134 ? 17.439  0.986   -4.129  1.00 8.56  ? 135 TYR A CD2  1 
ATOM   1055 C CE1  . TYR A 1 134 ? 17.937  -1.272  -5.644  1.00 9.58  ? 135 TYR A CE1  1 
ATOM   1056 C CE2  . TYR A 1 134 ? 18.705  0.768   -4.654  1.00 13.31 ? 135 TYR A CE2  1 
ATOM   1057 C CZ   . TYR A 1 134 ? 18.941  -0.361  -5.408  1.00 12.26 ? 135 TYR A CZ   1 
ATOM   1058 O OH   . TYR A 1 134 ? 20.198  -0.582  -5.937  1.00 14.83 ? 135 TYR A OH   1 
ATOM   1059 N N    . GLN A 1 135 ? 12.016  -0.588  -4.189  1.00 4.75  ? 136 GLN A N    1 
ATOM   1060 C CA   . GLN A 1 135 ? 10.804  -0.837  -3.401  1.00 5.05  ? 136 GLN A CA   1 
ATOM   1061 C C    . GLN A 1 135 ? 11.185  -1.758  -2.251  1.00 6.52  ? 136 GLN A C    1 
ATOM   1062 O O    . GLN A 1 135 ? 11.962  -2.702  -2.430  1.00 5.14  ? 136 GLN A O    1 
ATOM   1063 C CB   . GLN A 1 135 ? 9.718   -1.530  -4.238  1.00 5.07  ? 136 GLN A CB   1 
ATOM   1064 C CG   . GLN A 1 135 ? 9.401   -0.839  -5.547  1.00 5.58  ? 136 GLN A CG   1 
ATOM   1065 C CD   . GLN A 1 135 ? 8.469   -1.670  -6.399  1.00 7.17  ? 136 GLN A CD   1 
ATOM   1066 O OE1  . GLN A 1 135 ? 8.839   -2.753  -6.863  1.00 7.66  ? 136 GLN A OE1  1 
ATOM   1067 N NE2  . GLN A 1 135 ? 7.250   -1.181  -6.600  1.00 8.05  ? 136 GLN A NE2  1 
ATOM   1068 N N    . TYR A 1 136 ? 10.638  -1.483  -1.070  1.00 4.92  ? 137 TYR A N    1 
ATOM   1069 C CA   . TYR A 1 136 ? 10.807  -2.360  0.085   1.00 3.47  ? 137 TYR A CA   1 
ATOM   1070 C C    . TYR A 1 136 ? 9.477   -3.046  0.369   1.00 4.75  ? 137 TYR A C    1 
ATOM   1071 O O    . TYR A 1 136 ? 8.403   -2.426  0.269   1.00 5.58  ? 137 TYR A O    1 
ATOM   1072 C CB   . TYR A 1 136 ? 11.225  -1.570  1.327   1.00 4.58  ? 137 TYR A CB   1 
ATOM   1073 C CG   . TYR A 1 136 ? 12.512  -0.786  1.202   1.00 4.50  ? 137 TYR A CG   1 
ATOM   1074 C CD1  . TYR A 1 136 ? 13.446  -1.070  0.213   1.00 6.49  ? 137 TYR A CD1  1 
ATOM   1075 C CD2  . TYR A 1 136 ? 12.802  0.225   2.111   1.00 6.73  ? 137 TYR A CD2  1 
ATOM   1076 C CE1  . TYR A 1 136 ? 14.614  -0.338  0.109   1.00 7.57  ? 137 TYR A CE1  1 
ATOM   1077 C CE2  . TYR A 1 136 ? 13.960  0.968   2.012   1.00 5.94  ? 137 TYR A CE2  1 
ATOM   1078 C CZ   . TYR A 1 136 ? 14.870  0.672   1.028   1.00 4.81  ? 137 TYR A CZ   1 
ATOM   1079 O OH   . TYR A 1 136 ? 16.033  1.408   0.943   1.00 7.42  ? 137 TYR A OH   1 
ATOM   1080 N N    . TRP A 1 137 ? 9.546   -4.320  0.740   1.00 4.43  ? 138 TRP A N    1 
ATOM   1081 C CA   . TRP A 1 137 ? 8.351   -5.123  1.008   1.00 4.24  ? 138 TRP A CA   1 
ATOM   1082 C C    . TRP A 1 137 ? 8.464   -5.883  2.313   1.00 4.32  ? 138 TRP A C    1 
ATOM   1083 O O    . TRP A 1 137 ? 9.484   -6.539  2.583   1.00 4.95  ? 138 TRP A O    1 
ATOM   1084 C CB   . TRP A 1 137 ? 8.124   -6.184  -0.080  1.00 2.63  ? 138 TRP A CB   1 
ATOM   1085 C CG   . TRP A 1 137 ? 8.087   -5.665  -1.473  1.00 3.51  ? 138 TRP A CG   1 
ATOM   1086 C CD1  . TRP A 1 137 ? 9.155   -5.401  -2.278  1.00 5.68  ? 138 TRP A CD1  1 
ATOM   1087 C CD2  . TRP A 1 137 ? 6.919   -5.366  -2.238  1.00 4.08  ? 138 TRP A CD2  1 
ATOM   1088 N NE1  . TRP A 1 137 ? 8.721   -4.940  -3.498  1.00 4.97  ? 138 TRP A NE1  1 
ATOM   1089 C CE2  . TRP A 1 137 ? 7.351   -4.910  -3.500  1.00 4.50  ? 138 TRP A CE2  1 
ATOM   1090 C CE3  . TRP A 1 137 ? 5.553   -5.432  -1.977  1.00 4.03  ? 138 TRP A CE3  1 
ATOM   1091 C CZ2  . TRP A 1 137 ? 6.459   -4.509  -4.500  1.00 3.65  ? 138 TRP A CZ2  1 
ATOM   1092 C CZ3  . TRP A 1 137 ? 4.664   -5.050  -2.968  1.00 3.21  ? 138 TRP A CZ3  1 
ATOM   1093 C CH2  . TRP A 1 137 ? 5.117   -4.596  -4.217  1.00 3.55  ? 138 TRP A CH2  1 
ATOM   1094 N N    . SER A 1 138 ? 7.416   -5.804  3.122   1.00 2.03  ? 139 SER A N    1 
ATOM   1095 C CA   . SER A 1 138 ? 7.142   -6.808  4.146   1.00 3.14  ? 139 SER A CA   1 
ATOM   1096 C C    . SER A 1 138 ? 5.869   -7.500  3.717   1.00 4.42  ? 139 SER A C    1 
ATOM   1097 O O    . SER A 1 138 ? 4.845   -6.852  3.543   1.00 5.02  ? 139 SER A O    1 
ATOM   1098 C CB   . SER A 1 138 ? 6.916   -6.156  5.505   1.00 5.64  ? 139 SER A CB   1 
ATOM   1099 O OG   . SER A 1 138 ? 8.150   -5.806  6.120   1.00 5.26  ? 139 SER A OG   1 
ATOM   1100 N N    . VAL A 1 139 ? 5.913   -8.810  3.510   1.00 4.44  ? 140 VAL A N    1 
ATOM   1101 C CA   . VAL A 1 139 ? 4.722   -9.541  3.068   1.00 4.66  ? 140 VAL A CA   1 
ATOM   1102 C C    . VAL A 1 139 ? 4.216   -10.446 4.186   1.00 4.91  ? 140 VAL A C    1 
ATOM   1103 O O    . VAL A 1 139 ? 4.920   -11.368 4.622   1.00 4.43  ? 140 VAL A O    1 
ATOM   1104 C CB   . VAL A 1 139 ? 4.997   -10.375 1.788   1.00 4.17  ? 140 VAL A CB   1 
ATOM   1105 C CG1  . VAL A 1 139 ? 3.725   -11.099 1.306   1.00 5.22  ? 140 VAL A CG1  1 
ATOM   1106 C CG2  . VAL A 1 139 ? 5.536   -9.463  0.689   1.00 5.21  ? 140 VAL A CG2  1 
ATOM   1107 N N    . ARG A 1 140 ? 3.013   -10.166 4.684   1.00 3.50  ? 141 ARG A N    1 
ATOM   1108 C CA   . ARG A 1 140 ? 2.439   -10.941 5.790   1.00 4.15  ? 141 ARG A CA   1 
ATOM   1109 C C    . ARG A 1 140 ? 2.155   -12.386 5.384   1.00 4.92  ? 141 ARG A C    1 
ATOM   1110 O O    . ARG A 1 140 ? 1.536   -12.632 4.353   1.00 6.03  ? 141 ARG A O    1 
ATOM   1111 C CB   . ARG A 1 140 ? 1.151   -10.269 6.292   1.00 4.64  ? 141 ARG A CB   1 
ATOM   1112 C CG   . ARG A 1 140 ? 0.720   -10.720 7.673   1.00 4.47  ? 141 ARG A CG   1 
ATOM   1113 C CD   . ARG A 1 140 ? -0.548  -10.007 8.109   1.00 6.71  ? 141 ARG A CD   1 
ATOM   1114 N NE   . ARG A 1 140 ? -1.117  -10.621 9.313   1.00 5.11  ? 141 ARG A NE   1 
ATOM   1115 C CZ   . ARG A 1 140 ? -0.859  -10.225 10.559  1.00 6.38  ? 141 ARG A CZ   1 
ATOM   1116 N NH1  . ARG A 1 140 ? -0.037  -9.207  10.797  1.00 6.37  ? 141 ARG A NH1  1 
ATOM   1117 N NH2  . ARG A 1 140 ? -1.430  -10.861 11.581  1.00 5.55  ? 141 ARG A NH2  1 
ATOM   1118 N N    . ARG A 1 141 ? 2.598   -13.348 6.192   1.00 4.60  ? 142 ARG A N    1 
ATOM   1119 C CA   . ARG A 1 141 ? 2.293   -14.756 5.918   1.00 5.93  ? 142 ARG A CA   1 
ATOM   1120 C C    . ARG A 1 141 ? 0.838   -15.102 6.195   1.00 9.09  ? 142 ARG A C    1 
ATOM   1121 O O    . ARG A 1 141 ? 0.232   -15.883 5.462   1.00 8.07  ? 142 ARG A O    1 
ATOM   1122 C CB   . ARG A 1 141 ? 3.198   -15.689 6.732   1.00 7.01  ? 142 ARG A CB   1 
ATOM   1123 C CG   . ARG A 1 141 ? 4.645   -15.641 6.307   1.00 6.05  ? 142 ARG A CG   1 
ATOM   1124 C CD   . ARG A 1 141 ? 5.476   -16.616 7.103   1.00 9.26  ? 142 ARG A CD   1 
ATOM   1125 N NE   . ARG A 1 141 ? 6.873   -16.521 6.702   1.00 6.53  ? 142 ARG A NE   1 
ATOM   1126 C CZ   . ARG A 1 141 ? 7.858   -17.176 7.304   1.00 9.30  ? 142 ARG A CZ   1 
ATOM   1127 N NH1  . ARG A 1 141 ? 7.583   -17.966 8.341   1.00 9.65  ? 142 ARG A NH1  1 
ATOM   1128 N NH2  . ARG A 1 141 ? 9.108   -17.035 6.883   1.00 9.46  ? 142 ARG A NH2  1 
ATOM   1129 N N    . ASN A 1 142 ? 0.292   -14.517 7.255   1.00 8.06  ? 143 ASN A N    1 
ATOM   1130 C CA   . ASN A 1 142 ? -1.082  -14.797 7.669   1.00 9.59  ? 143 ASN A CA   1 
ATOM   1131 C C    . ASN A 1 142 ? -2.006  -13.687 7.139   1.00 7.36  ? 143 ASN A C    1 
ATOM   1132 O O    . ASN A 1 142 ? -2.074  -12.608 7.729   1.00 6.36  ? 143 ASN A O    1 
ATOM   1133 C CB   . ASN A 1 142 ? -1.147  -14.854 9.201   1.00 10.46 ? 143 ASN A CB   1 
ATOM   1134 C CG   . ASN A 1 142 ? -0.130  -15.831 9.818   1.00 14.36 ? 143 ASN A CG   1 
ATOM   1135 O OD1  . ASN A 1 142 ? 0.541   -16.592 9.124   1.00 17.64 ? 143 ASN A OD1  1 
ATOM   1136 N ND2  . ASN A 1 142 ? -0.010  -15.789 11.143  1.00 21.18 ? 143 ASN A ND2  1 
ATOM   1137 H HB2  . ASN A 1 142 ? -0.964  -13.970 9.556   1.00 12.56 ? 143 ASN A HB2  1 
ATOM   1138 H HB3  . ASN A 1 142 ? -2.035  -15.139 9.467   1.00 12.56 ? 143 ASN A HB3  1 
ATOM   1139 H HD21 . ASN A 1 142 ? -0.486  -15.238 11.601  1.00 25.42 ? 143 ASN A HD21 1 
ATOM   1140 H HD22 . ASN A 1 142 ? 0.544   -16.313 11.542  1.00 25.42 ? 143 ASN A HD22 1 
ATOM   1141 N N    . HIS A 1 143 ? -2.697  -13.929 6.022   1.00 7.27  ? 144 HIS A N    1 
ATOM   1142 C CA   . HIS A 1 143 ? -3.498  -12.890 5.363   1.00 6.30  ? 144 HIS A CA   1 
ATOM   1143 C C    . HIS A 1 143 ? -4.704  -12.434 6.194   1.00 6.09  ? 144 HIS A C    1 
ATOM   1144 O O    . HIS A 1 143 ? -5.345  -13.235 6.878   1.00 7.50  ? 144 HIS A O    1 
ATOM   1145 C CB   . HIS A 1 143 ? -3.961  -13.370 3.984   1.00 6.32  ? 144 HIS A CB   1 
ATOM   1146 C CG   . HIS A 1 143 ? -2.836  -13.708 3.049   1.00 10.32 ? 144 HIS A CG   1 
ATOM   1147 N ND1  . HIS A 1 143 ? -3.054  -14.164 1.767   1.00 13.77 ? 144 HIS A ND1  1 
ATOM   1148 C CD2  . HIS A 1 143 ? -1.491  -13.650 3.203   1.00 10.26 ? 144 HIS A CD2  1 
ATOM   1149 C CE1  . HIS A 1 143 ? -1.893  -14.377 1.172   1.00 14.95 ? 144 HIS A CE1  1 
ATOM   1150 N NE2  . HIS A 1 143 ? -0.929  -14.074 2.023   1.00 13.31 ? 144 HIS A NE2  1 
ATOM   1151 N N    . ARG A 1 144 ? -5.012  -11.144 6.127   1.00 5.55  ? 145 ARG A N    1 
ATOM   1152 C CA   . ARG A 1 144 ? -6.149  -10.587 6.854   1.00 7.64  ? 145 ARG A CA   1 
ATOM   1153 C C    . ARG A 1 144 ? -6.584  -9.284  6.211   1.00 8.77  ? 145 ARG A C    1 
ATOM   1154 O O    . ARG A 1 144 ? -5.853  -8.710  5.398   1.00 7.30  ? 145 ARG A O    1 
ATOM   1155 C CB   . ARG A 1 144 ? -5.772  -10.345 8.317   1.00 5.13  ? 145 ARG A CB   1 
ATOM   1156 C CG   . ARG A 1 144 ? -4.653  -9.332  8.494   1.00 5.24  ? 145 ARG A CG   1 
ATOM   1157 C CD   . ARG A 1 144 ? -4.161  -9.285  9.927   1.00 4.82  ? 145 ARG A CD   1 
ATOM   1158 N NE   . ARG A 1 144 ? -3.207  -8.185  10.049  1.00 4.52  ? 145 ARG A NE   1 
ATOM   1159 C CZ   . ARG A 1 144 ? -2.812  -7.643  11.198  1.00 6.84  ? 145 ARG A CZ   1 
ATOM   1160 N NH1  . ARG A 1 144 ? -3.261  -8.124  12.357  1.00 8.00  ? 145 ARG A NH1  1 
ATOM   1161 N NH2  . ARG A 1 144 ? -1.970  -6.615  11.177  1.00 7.35  ? 145 ARG A NH2  1 
ATOM   1162 N N    . SER A 1 145 ? -7.766  -8.804  6.590   1.00 5.84  ? 146 SER A N    1 
ATOM   1163 C CA   . SER A 1 145 ? -8.302  -7.554  6.055   1.00 7.16  ? 146 SER A CA   1 
ATOM   1164 C C    . SER A 1 145 ? -8.736  -6.600  7.168   1.00 6.48  ? 146 SER A C    1 
ATOM   1165 O O    . SER A 1 145 ? -9.362  -5.577  6.905   1.00 6.27  ? 146 SER A O    1 
ATOM   1166 C CB   . SER A 1 145 ? -9.439  -7.815  5.050   1.00 8.13  ? 146 SER A CB   1 
ATOM   1167 O OG   . SER A 1 145 ? -10.426 -8.693  5.573   1.00 8.22  ? 146 SER A OG   1 
ATOM   1168 N N    . SER A 1 146 ? -8.412  -6.953  8.412   1.00 7.10  ? 147 SER A N    1 
ATOM   1169 C CA   . SER A 1 146 ? -8.455  -6.021  9.534   1.00 5.62  ? 147 SER A CA   1 
ATOM   1170 C C    . SER A 1 146 ? -7.192  -6.224  10.358  1.00 5.67  ? 147 SER A C    1 
ATOM   1171 O O    . SER A 1 146 ? -6.552  -7.269  10.271  1.00 6.85  ? 147 SER A O    1 
ATOM   1172 C CB   . SER A 1 146 ? -9.661  -6.279  10.444  1.00 4.58  ? 147 SER A CB   1 
ATOM   1173 O OG   . SER A 1 146 ? -10.897 -6.065  9.757   1.00 6.33  ? 147 SER A OG   1 
ATOM   1174 N N    . GLY A 1 147 ? -6.835  -5.234  11.162  1.00 6.56  ? 148 GLY A N    1 
ATOM   1175 C CA   . GLY A 1 147 ? -5.728  -5.405  12.078  1.00 7.65  ? 148 GLY A CA   1 
ATOM   1176 C C    . GLY A 1 147 ? -5.065  -4.103  12.424  1.00 5.56  ? 148 GLY A C    1 
ATOM   1177 O O    . GLY A 1 147 ? -5.622  -3.027  12.216  1.00 7.52  ? 148 GLY A O    1 
ATOM   1178 N N    . SER A 1 148 ? -3.855  -4.209  12.957  1.00 7.50  ? 149 SER A N    1 
ATOM   1179 C CA   . SER A 1 148 ? -3.075  -3.062  13.365  1.00 9.18  ? 149 SER A CA   1 
ATOM   1180 C C    . SER A 1 148 ? -1.665  -3.296  12.854  1.00 5.57  ? 149 SER A C    1 
ATOM   1181 O O    . SER A 1 148 ? -1.146  -4.402  12.959  1.00 6.29  ? 149 SER A O    1 
ATOM   1182 C CB   . SER A 1 148 ? -3.073  -2.971  14.892  1.00 10.92 ? 149 SER A CB   1 
ATOM   1183 O OG   . SER A 1 148 ? -2.380  -1.819  15.343  1.00 14.41 ? 149 SER A OG   1 
ATOM   1184 N N    . VAL A 1 149 ? -1.056  -2.267  12.276  1.00 7.60  ? 150 VAL A N    1 
ATOM   1185 C CA   . VAL A 1 149 ? 0.309   -2.381  11.773  1.00 6.36  ? 150 VAL A CA   1 
ATOM   1186 C C    . VAL A 1 149 ? 1.202   -1.409  12.531  1.00 6.75  ? 150 VAL A C    1 
ATOM   1187 O O    . VAL A 1 149 ? 1.024   -0.191  12.450  1.00 7.65  ? 150 VAL A O    1 
ATOM   1188 C CB   . VAL A 1 149 ? 0.385   -2.095  10.252  1.00 4.72  ? 150 VAL A CB   1 
ATOM   1189 C CG1  . VAL A 1 149 ? 1.835   -1.980  9.799   1.00 4.71  ? 150 VAL A CG1  1 
ATOM   1190 C CG2  . VAL A 1 149 ? -0.326  -3.195  9.463   1.00 6.87  ? 150 VAL A CG2  1 
ATOM   1191 N N    . ASN A 1 150 ? 2.136   -1.965  13.294  1.00 5.67  ? 151 ASN A N    1 
ATOM   1192 C CA   . ASN A 1 150 ? 3.169   -1.179  13.961  1.00 6.40  ? 151 ASN A CA   1 
ATOM   1193 C C    . ASN A 1 150 ? 4.287   -0.902  12.966  1.00 6.66  ? 151 ASN A C    1 
ATOM   1194 O O    . ASN A 1 150 ? 5.208   -1.714  12.809  1.00 6.93  ? 151 ASN A O    1 
ATOM   1195 C CB   . ASN A 1 150 ? 3.714   -1.953  15.159  1.00 6.72  ? 151 ASN A CB   1 
ATOM   1196 C CG   . ASN A 1 150 ? 4.637   -1.124  16.006  1.00 14.41 ? 151 ASN A CG   1 
ATOM   1197 O OD1  . ASN A 1 150 ? 5.144   -0.091  15.556  1.00 14.98 ? 151 ASN A OD1  1 
ATOM   1198 N ND2  . ASN A 1 150 ? 4.871   -1.568  17.242  1.00 18.22 ? 151 ASN A ND2  1 
ATOM   1199 N N    . THR A 1 151 ? 4.203   0.225   12.271  1.00 6.08  ? 152 THR A N    1 
ATOM   1200 C CA   . THR A 1 151 ? 5.118   0.479   11.158  1.00 5.36  ? 152 THR A CA   1 
ATOM   1201 C C    . THR A 1 151 ? 6.577   0.491   11.600  1.00 9.09  ? 152 THR A C    1 
ATOM   1202 O O    . THR A 1 151 ? 7.454   0.095   10.840  1.00 6.18  ? 152 THR A O    1 
ATOM   1203 C CB   . THR A 1 151 ? 4.786   1.778   10.394  1.00 5.55  ? 152 THR A CB   1 
ATOM   1204 O OG1  . THR A 1 151 ? 4.922   2.910   11.266  1.00 6.94  ? 152 THR A OG1  1 
ATOM   1205 C CG2  . THR A 1 151 ? 3.373   1.733   9.840   1.00 6.55  ? 152 THR A CG2  1 
ATOM   1206 N N    . ALA A 1 152 ? 6.843   0.935   12.823  1.00 7.62  ? 153 ALA A N    1 
ATOM   1207 C CA   . ALA A 1 152 ? 8.225   0.979   13.309  1.00 8.36  ? 153 ALA A CA   1 
ATOM   1208 C C    . ALA A 1 152 ? 8.897   -0.389  13.268  1.00 7.68  ? 153 ALA A C    1 
ATOM   1209 O O    . ALA A 1 152 ? 10.088  -0.490  12.972  1.00 7.86  ? 153 ALA A O    1 
ATOM   1210 C CB   . ALA A 1 152 ? 8.282   1.565   14.727  1.00 9.96  ? 153 ALA A CB   1 
ATOM   1211 N N    . ASN A 1 153 ? 8.147   -1.449  13.554  1.00 6.22  ? 154 ASN A N    1 
ATOM   1212 C CA   . ASN A 1 153 ? 8.755   -2.776  13.537  1.00 5.88  ? 154 ASN A CA   1 
ATOM   1213 C C    . ASN A 1 153 ? 9.278   -3.107  12.152  1.00 7.99  ? 154 ASN A C    1 
ATOM   1214 O O    . ASN A 1 153 ? 10.335  -3.712  12.008  1.00 5.63  ? 154 ASN A O    1 
ATOM   1215 C CB   . ASN A 1 153 ? 7.778   -3.858  14.013  1.00 7.36  ? 154 ASN A CB   1 
ATOM   1216 C CG   . ASN A 1 153 ? 7.473   -3.764  15.488  1.00 10.30 ? 154 ASN A CG   1 
ATOM   1217 O OD1  . ASN A 1 153 ? 8.244   -3.186  16.265  1.00 10.64 ? 154 ASN A OD1  1 
ATOM   1218 N ND2  . ASN A 1 153 ? 6.346   -4.339  15.887  1.00 11.24 ? 154 ASN A ND2  1 
ATOM   1219 N N    . HIS A 1 154 ? 8.526   -2.707  11.132  1.00 5.64  ? 155 HIS A N    1 
ATOM   1220 C CA   . HIS A 1 154 ? 8.953   -2.917  9.750   1.00 5.07  ? 155 HIS A CA   1 
ATOM   1221 C C    . HIS A 1 154 ? 10.085  -2.004  9.351   1.00 5.92  ? 155 HIS A C    1 
ATOM   1222 O O    . HIS A 1 154 ? 11.082  -2.454  8.783   1.00 5.17  ? 155 HIS A O    1 
ATOM   1223 C CB   . HIS A 1 154 ? 7.767   -2.755  8.820   1.00 5.30  ? 155 HIS A CB   1 
ATOM   1224 C CG   . HIS A 1 154 ? 6.706   -3.774  9.080   1.00 4.35  ? 155 HIS A CG   1 
ATOM   1225 N ND1  . HIS A 1 154 ? 6.748   -5.044  8.540   1.00 4.97  ? 155 HIS A ND1  1 
ATOM   1226 C CD2  . HIS A 1 154 ? 5.608   -3.739  9.875   1.00 3.72  ? 155 HIS A CD2  1 
ATOM   1227 C CE1  . HIS A 1 154 ? 5.710   -5.737  8.973   1.00 4.93  ? 155 HIS A CE1  1 
ATOM   1228 N NE2  . HIS A 1 154 ? 5.001   -4.968  9.782   1.00 4.90  ? 155 HIS A NE2  1 
ATOM   1229 N N    . PHE A 1 155 ? 9.951   -0.717  9.641   1.00 6.32  ? 156 PHE A N    1 
ATOM   1230 C CA   . PHE A 1 155 ? 10.969  0.231   9.204   1.00 4.44  ? 156 PHE A CA   1 
ATOM   1231 C C    . PHE A 1 155 ? 12.286  -0.070  9.908   1.00 5.90  ? 156 PHE A C    1 
ATOM   1232 O O    . PHE A 1 155 ? 13.361  0.066   9.318   1.00 4.94  ? 156 PHE A O    1 
ATOM   1233 C CB   . PHE A 1 155 ? 10.514  1.662   9.483   1.00 5.14  ? 156 PHE A CB   1 
ATOM   1234 C CG   . PHE A 1 155 ? 9.237   2.042   8.785   1.00 6.56  ? 156 PHE A CG   1 
ATOM   1235 C CD1  . PHE A 1 155 ? 8.856   1.416   7.604   1.00 5.07  ? 156 PHE A CD1  1 
ATOM   1236 C CD2  . PHE A 1 155 ? 8.412   3.020   9.320   1.00 6.76  ? 156 PHE A CD2  1 
ATOM   1237 C CE1  . PHE A 1 155 ? 7.678   1.776   6.958   1.00 6.01  ? 156 PHE A CE1  1 
ATOM   1238 C CE2  . PHE A 1 155 ? 7.241   3.397   8.679   1.00 4.63  ? 156 PHE A CE2  1 
ATOM   1239 C CZ   . PHE A 1 155 ? 6.864   2.766   7.496   1.00 4.51  ? 156 PHE A CZ   1 
ATOM   1240 N N    . ASN A 1 156 ? 12.207  -0.509  11.162  1.00 6.17  ? 157 ASN A N    1 
ATOM   1241 C CA   . ASN A 1 156 ? 13.426  -0.845  11.904  1.00 5.87  ? 157 ASN A CA   1 
ATOM   1242 C C    . ASN A 1 156 ? 14.076  -2.112  11.367  1.00 6.86  ? 157 ASN A C    1 
ATOM   1243 O O    . ASN A 1 156 ? 15.297  -2.170  11.217  1.00 6.66  ? 157 ASN A O    1 
ATOM   1244 C CB   . ASN A 1 156 ? 13.158  -0.993  13.407  1.00 7.88  ? 157 ASN A CB   1 
ATOM   1245 C CG   . ASN A 1 156 ? 12.898  0.335   14.088  1.00 11.64 ? 157 ASN A CG   1 
ATOM   1246 O OD1  . ASN A 1 156 ? 13.351  1.387   13.630  1.00 16.94 ? 157 ASN A OD1  1 
ATOM   1247 N ND2  . ASN A 1 156 ? 12.164  0.295   15.193  1.00 13.25 ? 157 ASN A ND2  1 
ATOM   1248 N N    . ALA A 1 157 ? 13.267  -3.130  11.082  1.00 6.35  ? 158 ALA A N    1 
ATOM   1249 C CA   . ALA A 1 157 ? 13.793  -4.356  10.495  1.00 5.90  ? 158 ALA A CA   1 
ATOM   1250 C C    . ALA A 1 157 ? 14.415  -4.076  9.127   1.00 5.20  ? 158 ALA A C    1 
ATOM   1251 O O    . ALA A 1 157 ? 15.490  -4.590  8.798   1.00 5.47  ? 158 ALA A O    1 
ATOM   1252 C CB   . ALA A 1 157 ? 12.687  -5.415  10.394  1.00 7.62  ? 158 ALA A CB   1 
ATOM   1253 N N    . TRP A 1 158 ? 13.747  -3.257  8.321   1.00 4.75  ? 159 TRP A N    1 
ATOM   1254 C CA   . TRP A 1 158 ? 14.313  -2.867  7.033   1.00 3.97  ? 159 TRP A CA   1 
ATOM   1255 C C    . TRP A 1 158 ? 15.672  -2.185  7.197   1.00 4.40  ? 159 TRP A C    1 
ATOM   1256 O O    . TRP A 1 158 ? 16.637  -2.527  6.510   1.00 4.76  ? 159 TRP A O    1 
ATOM   1257 C CB   . TRP A 1 158 ? 13.354  -1.935  6.275   1.00 5.28  ? 159 TRP A CB   1 
ATOM   1258 C CG   . TRP A 1 158 ? 12.050  -2.575  5.884   1.00 4.95  ? 159 TRP A CG   1 
ATOM   1259 C CD1  . TRP A 1 158 ? 11.710  -3.895  5.982   1.00 5.01  ? 159 TRP A CD1  1 
ATOM   1260 C CD2  . TRP A 1 158 ? 10.902  -1.896  5.361   1.00 4.44  ? 159 TRP A CD2  1 
ATOM   1261 N NE1  . TRP A 1 158 ? 10.408  -4.087  5.529   1.00 6.45  ? 159 TRP A NE1  1 
ATOM   1262 C CE2  . TRP A 1 158 ? 9.900   -2.870  5.142   1.00 5.27  ? 159 TRP A CE2  1 
ATOM   1263 C CE3  . TRP A 1 158 ? 10.629  -0.556  5.054   1.00 4.92  ? 159 TRP A CE3  1 
ATOM   1264 C CZ2  . TRP A 1 158 ? 8.638   -2.547  4.635   1.00 4.31  ? 159 TRP A CZ2  1 
ATOM   1265 C CZ3  . TRP A 1 158 ? 9.376   -0.231  4.545   1.00 4.20  ? 159 TRP A CZ3  1 
ATOM   1266 C CH2  . TRP A 1 158 ? 8.391   -1.229  4.351   1.00 4.25  ? 159 TRP A CH2  1 
ATOM   1267 N N    . ALA A 1 159 ? 15.750  -1.214  8.103   1.00 6.01  ? 160 ALA A N    1 
ATOM   1268 C CA   . ALA A 1 159 ? 16.998  -0.490  8.319   1.00 6.91  ? 160 ALA A CA   1 
ATOM   1269 C C    . ALA A 1 159 ? 18.121  -1.436  8.752   1.00 6.91  ? 160 ALA A C    1 
ATOM   1270 O O    . ALA A 1 159 ? 19.260  -1.325  8.287   1.00 7.11  ? 160 ALA A O    1 
ATOM   1271 C CB   . ALA A 1 159 ? 16.786  0.602   9.358   1.00 6.24  ? 160 ALA A CB   1 
ATOM   1272 N N    . GLN A 1 160 ? 17.777  -2.381  9.618   1.00 6.13  ? 161 GLN A N    1 
ATOM   1273 C CA   . GLN A 1 160 ? 18.710  -3.394  10.118  1.00 4.79  ? 161 GLN A CA   1 
ATOM   1274 C C    . GLN A 1 160 ? 19.337  -4.182  8.972   1.00 7.47  ? 161 GLN A C    1 
ATOM   1275 O O    . GLN A 1 160 ? 20.524  -4.537  9.013   1.00 6.56  ? 161 GLN A O    1 
ATOM   1276 C CB   . GLN A 1 160 ? 17.935  -4.298  11.092  1.00 6.95  ? 161 GLN A CB   1 
ATOM   1277 C CG   . GLN A 1 160 ? 18.420  -5.711  11.269  1.00 10.87 ? 161 GLN A CG   1 
ATOM   1278 C CD   . GLN A 1 160 ? 17.335  -6.582  11.894  1.00 17.44 ? 161 GLN A CD   1 
ATOM   1279 O OE1  . GLN A 1 160 ? 16.756  -6.222  12.926  1.00 16.26 ? 161 GLN A OE1  1 
ATOM   1280 N NE2  . GLN A 1 160 ? 17.020  -7.710  11.248  1.00 11.68 ? 161 GLN A NE2  1 
ATOM   1281 N N    . GLN A 1 161 ? 18.537  -4.422  7.937   1.00 5.58  ? 162 GLN A N    1 
ATOM   1282 C CA   . GLN A 1 161 ? 18.919  -5.219  6.771   1.00 4.68  ? 162 GLN A CA   1 
ATOM   1283 C C    . GLN A 1 161 ? 19.573  -4.398  5.666   1.00 5.31  ? 162 GLN A C    1 
ATOM   1284 O O    . GLN A 1 161 ? 19.937  -4.944  4.622   1.00 9.24  ? 162 GLN A O    1 
ATOM   1285 C CB   . GLN A 1 161 ? 17.685  -5.965  6.217   1.00 4.34  ? 162 GLN A CB   1 
ATOM   1286 C CG   . GLN A 1 161 ? 17.121  -6.985  7.196   1.00 5.04  ? 162 GLN A CG   1 
ATOM   1287 C CD   . GLN A 1 161 ? 18.209  -7.887  7.725   1.00 6.57  ? 162 GLN A CD   1 
ATOM   1288 O OE1  . GLN A 1 161 ? 18.572  -7.820  8.903   1.00 6.63  ? 162 GLN A OE1  1 
ATOM   1289 N NE2  . GLN A 1 161 ? 18.729  -8.746  6.861   1.00 6.48  ? 162 GLN A NE2  1 
ATOM   1290 N N    . GLY A 1 162 ? 19.718  -3.094  5.890   1.00 5.15  ? 163 GLY A N    1 
ATOM   1291 C CA   . GLY A 1 162 ? 20.333  -2.194  4.921   1.00 6.91  ? 163 GLY A CA   1 
ATOM   1292 C C    . GLY A 1 162 ? 19.366  -1.527  3.959   1.00 8.71  ? 163 GLY A C    1 
ATOM   1293 O O    . GLY A 1 162 ? 19.778  -0.963  2.942   1.00 11.50 ? 163 GLY A O    1 
ATOM   1294 N N    . LEU A 1 163 ? 18.077  -1.598  4.266   1.00 7.36  ? 164 LEU A N    1 
ATOM   1295 C CA   . LEU A 1 163 ? 17.055  -0.941  3.453   1.00 6.24  ? 164 LEU A CA   1 
ATOM   1296 C C    . LEU A 1 163 ? 16.670  0.355   4.144   1.00 7.24  ? 164 LEU A C    1 
ATOM   1297 O O    . LEU A 1 163 ? 15.792  0.379   5.016   1.00 8.64  ? 164 LEU A O    1 
ATOM   1298 C CB   . LEU A 1 163 ? 15.833  -1.843  3.287   1.00 6.36  ? 164 LEU A CB   1 
ATOM   1299 C CG   . LEU A 1 163 ? 16.104  -3.257  2.769   1.00 10.45 ? 164 LEU A CG   1 
ATOM   1300 C CD1  . LEU A 1 163 ? 14.794  -4.037  2.636   1.00 9.42  ? 164 LEU A CD1  1 
ATOM   1301 C CD2  . LEU A 1 163 ? 16.820  -3.192  1.445   1.00 12.35 ? 164 LEU A CD2  1 
ATOM   1302 N N    . THR A 1 164 ? 17.334  1.434   3.744   1.00 7.65  ? 165 THR A N    1 
ATOM   1303 C CA   . THR A 1 164 ? 17.174  2.722   4.408   1.00 11.15 ? 165 THR A CA   1 
ATOM   1304 C C    . THR A 1 164 ? 16.030  3.533   3.797   1.00 6.84  ? 165 THR A C    1 
ATOM   1305 O O    . THR A 1 164 ? 15.848  3.555   2.579   1.00 8.42  ? 165 THR A O    1 
ATOM   1306 C CB   . THR A 1 164 ? 18.484  3.554   4.357   1.00 17.90 ? 165 THR A CB   1 
ATOM   1307 O OG1  . THR A 1 164 ? 18.597  4.200   3.089   1.00 29.43 ? 165 THR A OG1  1 
ATOM   1308 C CG2  . THR A 1 164 ? 19.681  2.669   4.557   1.00 19.79 ? 165 THR A CG2  1 
ATOM   1309 N N    . LEU A 1 165 ? 15.252  4.187   4.657   1.00 8.50  ? 166 LEU A N    1 
ATOM   1310 C CA   . LEU A 1 165 ? 14.205  5.102   4.216   1.00 7.32  ? 166 LEU A CA   1 
ATOM   1311 C C    . LEU A 1 165 ? 14.660  6.538   4.397   1.00 7.66  ? 166 LEU A C    1 
ATOM   1312 O O    . LEU A 1 165 ? 15.356  6.864   5.365   1.00 9.62  ? 166 LEU A O    1 
ATOM   1313 C CB   . LEU A 1 165 ? 12.934  4.895   5.042   1.00 7.44  ? 166 LEU A CB   1 
ATOM   1314 C CG   . LEU A 1 165 ? 12.138  3.629   4.740   1.00 7.42  ? 166 LEU A CG   1 
ATOM   1315 C CD1  . LEU A 1 165 ? 11.093  3.418   5.820   1.00 9.54  ? 166 LEU A CD1  1 
ATOM   1316 C CD2  . LEU A 1 165 ? 11.484  3.743   3.368   1.00 7.54  ? 166 LEU A CD2  1 
ATOM   1317 N N    . GLY A 1 166 ? 14.257  7.402   3.475   1.00 6.63  ? 167 GLY A N    1 
ATOM   1318 C CA   . GLY A 1 166 ? 14.522  8.820   3.606   1.00 9.62  ? 167 GLY A CA   1 
ATOM   1319 C C    . GLY A 1 166 ? 13.433  9.525   4.399   1.00 7.87  ? 167 GLY A C    1 
ATOM   1320 O O    . GLY A 1 166 ? 12.920  9.007   5.403   1.00 11.10 ? 167 GLY A O    1 
ATOM   1321 N N    . THR A 1 167 ? 13.085  10.724  3.956   1.00 7.22  ? 168 THR A N    1 
ATOM   1322 C CA   . THR A 1 167 ? 12.025  11.507  4.583   1.00 7.03  ? 168 THR A CA   1 
ATOM   1323 C C    . THR A 1 167 ? 10.692  11.048  4.063   1.00 6.37  ? 168 THR A C    1 
ATOM   1324 O O    . THR A 1 167 ? 10.515  10.875  2.856   1.00 7.72  ? 168 THR A O    1 
ATOM   1325 C CB   . THR A 1 167 ? 12.167  12.963  4.216   1.00 10.42 ? 168 THR A CB   1 
ATOM   1326 O OG1  . THR A 1 167 ? 12.000  13.107  2.796   1.00 21.20 ? 168 THR A OG1  1 
ATOM   1327 C CG2  . THR A 1 167 ? 13.546  13.410  4.601   1.00 7.16  ? 168 THR A CG2  1 
ATOM   1328 H HB   . THR A 1 167 ? 11.511  13.497  4.690   1.00 12.50 ? 168 THR A HB   1 
ATOM   1329 H HG1  . THR A 1 167 ? 12.074  13.895  2.583   1.00 25.44 ? 168 THR A HG1  1 
ATOM   1330 H HG21 . THR A 1 167 ? 13.665  14.335  4.378   1.00 8.59  ? 168 THR A HG21 1 
ATOM   1331 H HG22 . THR A 1 167 ? 13.674  13.297  5.545   1.00 8.59  ? 168 THR A HG22 1 
ATOM   1332 H HG23 . THR A 1 167 ? 14.202  12.889  4.132   1.00 8.59  ? 168 THR A HG23 1 
ATOM   1333 N N    . MET A 1 168 ? 9.734   10.874  4.957   1.00 5.77  ? 169 MET A N    1 
ATOM   1334 C CA   . MET A 1 168 ? 8.462   10.313  4.544   1.00 5.51  ? 169 MET A CA   1 
ATOM   1335 C C    . MET A 1 168 ? 7.621   11.275  3.730   1.00 8.25  ? 169 MET A C    1 
ATOM   1336 O O    . MET A 1 168 ? 7.513   12.474  4.037   1.00 9.20  ? 169 MET A O    1 
ATOM   1337 C CB   . MET A 1 168 ? 7.662   9.833   5.749   1.00 8.28  ? 169 MET A CB   1 
ATOM   1338 C CG   . MET A 1 168 ? 8.370   8.813   6.606   1.00 9.27  ? 169 MET A CG   1 
ATOM   1339 S SD   . MET A 1 168 ? 8.878   7.309   5.735   1.00 9.63  ? 169 MET A SD   1 
ATOM   1340 C CE   . MET A 1 168 ? 7.624   6.211   6.397   1.00 8.93  ? 169 MET A CE   1 
ATOM   1341 H HG2  . MET A 1 168 ? 9.169   9.220   6.978   1.00 11.13 ? 169 MET A HG2  1 
ATOM   1342 H HG3  . MET A 1 168 ? 7.776   8.548   7.327   1.00 11.13 ? 169 MET A HG3  1 
ATOM   1343 H HE1  . MET A 1 168 ? 6.757   6.548   6.158   1.00 10.72 ? 169 MET A HE1  1 
ATOM   1344 H HE2  . MET A 1 168 ? 7.748   5.335   6.025   1.00 10.72 ? 169 MET A HE2  1 
ATOM   1345 H HE3  . MET A 1 168 ? 7.711   6.178   7.352   1.00 10.72 ? 169 MET A HE3  1 
ATOM   1346 N N    . ASP A 1 169 ? 7.032   10.727  2.680   1.00 6.55  ? 170 ASP A N    1 
ATOM   1347 C CA   . ASP A 1 169 ? 5.984   11.403  1.946   1.00 5.26  ? 170 ASP A CA   1 
ATOM   1348 C C    . ASP A 1 169 ? 4.678   10.780  2.442   1.00 6.89  ? 170 ASP A C    1 
ATOM   1349 O O    . ASP A 1 169 ? 4.551   10.500  3.638   1.00 7.25  ? 170 ASP A O    1 
ATOM   1350 C CB   . ASP A 1 169 ? 6.202   11.231  0.438   1.00 8.83  ? 170 ASP A CB   1 
ATOM   1351 C CG   . ASP A 1 169 ? 5.445   12.255  -0.376  1.00 8.63  ? 170 ASP A CG   1 
ATOM   1352 O OD1  . ASP A 1 169 ? 4.314   11.949  -0.819  1.00 9.97  ? 170 ASP A OD1  1 
ATOM   1353 O OD2  . ASP A 1 169 ? 5.977   13.374  -0.564  1.00 9.69  ? 170 ASP A OD2  1 
ATOM   1354 N N    . TYR A 1 170 ? 3.713   10.545  1.562   1.00 6.89  ? 171 TYR A N    1 
ATOM   1355 C CA   . TYR A 1 170 ? 2.452   10.001  2.045   1.00 6.47  ? 171 TYR A CA   1 
ATOM   1356 C C    . TYR A 1 170 ? 2.537   8.550   2.526   1.00 7.88  ? 171 TYR A C    1 
ATOM   1357 O O    . TYR A 1 170 ? 3.486   7.815   2.230   1.00 6.66  ? 171 TYR A O    1 
ATOM   1358 C CB   . TYR A 1 170 ? 1.308   10.220  1.054   1.00 7.25  ? 171 TYR A CB   1 
ATOM   1359 C CG   . TYR A 1 170 ? 1.353   9.412   -0.222  1.00 8.15  ? 171 TYR A CG   1 
ATOM   1360 C CD1  . TYR A 1 170 ? 1.002   8.068   -0.228  1.00 6.88  ? 171 TYR A CD1  1 
ATOM   1361 C CD2  . TYR A 1 170 ? 1.689   10.011  -1.433  1.00 8.17  ? 171 TYR A CD2  1 
ATOM   1362 C CE1  . TYR A 1 170 ? 1.017   7.332   -1.403  1.00 8.28  ? 171 TYR A CE1  1 
ATOM   1363 C CE2  . TYR A 1 170 ? 1.700   9.285   -2.616  1.00 10.04 ? 171 TYR A CE2  1 
ATOM   1364 C CZ   . TYR A 1 170 ? 1.363   7.951   -2.593  1.00 8.36  ? 171 TYR A CZ   1 
ATOM   1365 O OH   . TYR A 1 170 ? 1.374   7.242   -3.776  1.00 9.44  ? 171 TYR A OH   1 
ATOM   1366 N N    . GLN A 1 171 ? 1.540   8.167   3.307   1.00 6.40  ? 172 GLN A N    1 
ATOM   1367 C CA   . GLN A 1 171 ? 1.510   6.879   3.984   1.00 5.69  ? 172 GLN A CA   1 
ATOM   1368 C C    . GLN A 1 171 ? 0.045   6.546   4.135   1.00 7.06  ? 172 GLN A C    1 
ATOM   1369 O O    . GLN A 1 171 ? -0.660  7.202   4.904   1.00 7.48  ? 172 GLN A O    1 
ATOM   1370 C CB   . GLN A 1 171 ? 2.169   7.038   5.354   1.00 4.69  ? 172 GLN A CB   1 
ATOM   1371 C CG   . GLN A 1 171 ? 2.245   5.788   6.206   1.00 6.61  ? 172 GLN A CG   1 
ATOM   1372 C CD   . GLN A 1 171 ? 3.081   6.037   7.439   1.00 8.57  ? 172 GLN A CD   1 
ATOM   1373 O OE1  . GLN A 1 171 ? 2.687   6.799   8.326   1.00 8.55  ? 172 GLN A OE1  1 
ATOM   1374 N NE2  . GLN A 1 171 ? 4.271   5.447   7.479   1.00 6.27  ? 172 GLN A NE2  1 
ATOM   1375 N N    . ILE A 1 172 ? -0.426  5.540   3.395   1.00 4.46  ? 173 ILE A N    1 
ATOM   1376 C CA   . ILE A 1 172 ? -1.855  5.221   3.355   1.00 5.32  ? 173 ILE A CA   1 
ATOM   1377 C C    . ILE A 1 172 ? -2.114  3.733   3.513   1.00 6.83  ? 173 ILE A C    1 
ATOM   1378 O O    . ILE A 1 172 ? -1.200  2.922   3.383   1.00 6.09  ? 173 ILE A O    1 
ATOM   1379 C CB   . ILE A 1 172 ? -2.530  5.702   2.037   1.00 5.83  ? 173 ILE A CB   1 
ATOM   1380 C CG1  . ILE A 1 172 ? -1.898  5.036   0.805   1.00 6.80  ? 173 ILE A CG1  1 
ATOM   1381 C CG2  . ILE A 1 172 ? -2.488  7.231   1.923   1.00 6.40  ? 173 ILE A CG2  1 
ATOM   1382 C CD1  . ILE A 1 172 ? -2.599  5.395   -0.506  1.00 7.56  ? 173 ILE A CD1  1 
ATOM   1383 N N    . VAL A 1 173 ? -3.357  3.369   3.804   1.00 4.76  ? 174 VAL A N    1 
ATOM   1384 C CA   . VAL A 1 173 ? -3.773  1.991   3.618   1.00 4.10  ? 174 VAL A CA   1 
ATOM   1385 C C    . VAL A 1 173 ? -4.379  1.956   2.227   1.00 6.32  ? 174 VAL A C    1 
ATOM   1386 O O    . VAL A 1 173 ? -5.330  2.691   1.942   1.00 5.80  ? 174 VAL A O    1 
ATOM   1387 C CB   . VAL A 1 173 ? -4.811  1.525   4.660   1.00 5.90  ? 174 VAL A CB   1 
ATOM   1388 C CG1  . VAL A 1 173 ? -5.244  0.107   4.362   1.00 6.40  ? 174 VAL A CG1  1 
ATOM   1389 C CG2  . VAL A 1 173 ? -4.230  1.601   6.063   1.00 5.02  ? 174 VAL A CG2  1 
ATOM   1390 N N    . ALA A 1 174 ? -3.815  1.143   1.336   1.00 6.56  ? 175 ALA A N    1 
ATOM   1391 C CA   . ALA A 1 174 ? -4.189  1.193   -0.074  1.00 6.04  ? 175 ALA A CA   1 
ATOM   1392 C C    . ALA A 1 174 ? -4.622  -0.148  -0.636  1.00 4.55  ? 175 ALA A C    1 
ATOM   1393 O O    . ALA A 1 174 ? -4.089  -1.199  -0.270  1.00 4.97  ? 175 ALA A O    1 
ATOM   1394 C CB   . ALA A 1 174 ? -3.024  1.744   -0.901  1.00 6.13  ? 175 ALA A CB   1 
ATOM   1395 N N    . VAL A 1 175 ? -5.605  -0.106  -1.529  1.00 5.07  ? 176 VAL A N    1 
ATOM   1396 C CA   . VAL A 1 175 ? -5.925  -1.230  -2.385  1.00 6.06  ? 176 VAL A CA   1 
ATOM   1397 C C    . VAL A 1 175 ? -5.276  -0.940  -3.729  1.00 5.94  ? 176 VAL A C    1 
ATOM   1398 O O    . VAL A 1 175 ? -5.523  0.100   -4.331  1.00 5.60  ? 176 VAL A O    1 
ATOM   1399 C CB   . VAL A 1 175 ? -7.446  -1.392  -2.546  1.00 5.65  ? 176 VAL A CB   1 
ATOM   1400 C CG1  . VAL A 1 175 ? -7.771  -2.403  -3.634  1.00 7.26  ? 176 VAL A CG1  1 
ATOM   1401 C CG2  . VAL A 1 175 ? -8.072  -1.812  -1.225  1.00 8.29  ? 176 VAL A CG2  1 
ATOM   1402 N N    . GLN A 1 176 ? -4.396  -1.831  -4.169  1.00 5.33  ? 177 GLN A N    1 
ATOM   1403 C CA   . GLN A 1 176 ? -3.759  -1.715  -5.470  1.00 5.80  ? 177 GLN A CA   1 
ATOM   1404 C C    . GLN A 1 176 ? -4.319  -2.822  -6.349  1.00 5.99  ? 177 GLN A C    1 
ATOM   1405 O O    . GLN A 1 176 ? -4.621  -3.914  -5.874  1.00 8.31  ? 177 GLN A O    1 
ATOM   1406 C CB   . GLN A 1 176 ? -2.234  -1.828  -5.333  1.00 7.03  ? 177 GLN A CB   1 
ATOM   1407 C CG   . GLN A 1 176 ? -1.482  -1.747  -6.664  1.00 7.48  ? 177 GLN A CG   1 
ATOM   1408 C CD   . GLN A 1 176 ? -0.005  -1.402  -6.492  1.00 8.66  ? 177 GLN A CD   1 
ATOM   1409 O OE1  . GLN A 1 176 ? 0.411   -0.848  -5.474  1.00 8.64  ? 177 GLN A OE1  1 
ATOM   1410 N NE2  . GLN A 1 176 ? 0.797   -1.734  -7.499  1.00 12.41 ? 177 GLN A NE2  1 
ATOM   1411 N N    . GLY A 1 177 ? -4.499  -2.542  -7.633  1.00 5.39  ? 178 GLY A N    1 
ATOM   1412 C CA   . GLY A 1 177 ? -4.949  -3.574  -8.550  1.00 5.77  ? 178 GLY A CA   1 
ATOM   1413 C C    . GLY A 1 177 ? -4.213  -3.495  -9.870  1.00 6.68  ? 178 GLY A C    1 
ATOM   1414 O O    . GLY A 1 177 ? -3.776  -2.428  -10.281 1.00 6.77  ? 178 GLY A O    1 
ATOM   1415 N N    . TYR A 1 178 ? -4.048  -4.636  -10.528 1.00 7.33  ? 179 TYR A N    1 
ATOM   1416 C CA   . TYR A 1 178 ? -3.485  -4.653  -11.870 1.00 6.47  ? 179 TYR A CA   1 
ATOM   1417 C C    . TYR A 1 178 ? -4.311  -5.576  -12.747 1.00 6.06  ? 179 TYR A C    1 
ATOM   1418 O O    . TYR A 1 178 ? -4.228  -6.799  -12.632 1.00 6.73  ? 179 TYR A O    1 
ATOM   1419 C CB   . TYR A 1 178 ? -2.014  -5.102  -11.871 1.00 6.26  ? 179 TYR A CB   1 
ATOM   1420 C CG   . TYR A 1 178 ? -1.386  -5.039  -13.256 1.00 6.52  ? 179 TYR A CG   1 
ATOM   1421 C CD1  . TYR A 1 178 ? -0.941  -3.833  -13.780 1.00 8.12  ? 179 TYR A CD1  1 
ATOM   1422 C CD2  . TYR A 1 178 ? -1.270  -6.183  -14.042 1.00 8.24  ? 179 TYR A CD2  1 
ATOM   1423 C CE1  . TYR A 1 178 ? -0.381  -3.766  -15.048 1.00 9.55  ? 179 TYR A CE1  1 
ATOM   1424 C CE2  . TYR A 1 178 ? -0.715  -6.123  -15.310 1.00 8.28  ? 179 TYR A CE2  1 
ATOM   1425 C CZ   . TYR A 1 178 ? -0.279  -4.918  -15.805 1.00 8.47  ? 179 TYR A CZ   1 
ATOM   1426 O OH   . TYR A 1 178 ? 0.268   -4.862  -17.069 1.00 8.72  ? 179 TYR A OH   1 
ATOM   1427 N N    . PHE A 1 179 ? -5.123  -4.972  -13.611 1.00 7.35  ? 180 PHE A N    1 
ATOM   1428 C CA   . PHE A 1 179 ? -5.960  -5.693  -14.571 1.00 7.95  ? 180 PHE A CA   1 
ATOM   1429 C C    . PHE A 1 179 ? -6.708  -6.858  -13.917 1.00 7.30  ? 180 PHE A C    1 
ATOM   1430 O O    . PHE A 1 179 ? -6.507  -8.032  -14.234 1.00 7.58  ? 180 PHE A O    1 
ATOM   1431 C CB   . PHE A 1 179 ? -5.157  -6.110  -15.819 1.00 6.92  ? 180 PHE A CB   1 
ATOM   1432 C CG   . PHE A 1 179 ? -4.750  -4.945  -16.686 1.00 7.58  ? 180 PHE A CG   1 
ATOM   1433 C CD1  . PHE A 1 179 ? -3.636  -4.182  -16.369 1.00 7.54  ? 180 PHE A CD1  1 
ATOM   1434 C CD2  . PHE A 1 179 ? -5.484  -4.612  -17.816 1.00 8.80  ? 180 PHE A CD2  1 
ATOM   1435 C CE1  . PHE A 1 179 ? -3.263  -3.113  -17.158 1.00 8.97  ? 180 PHE A CE1  1 
ATOM   1436 C CE2  . PHE A 1 179 ? -5.118  -3.553  -18.609 1.00 8.33  ? 180 PHE A CE2  1 
ATOM   1437 C CZ   . PHE A 1 179 ? -4.007  -2.798  -18.285 1.00 9.30  ? 180 PHE A CZ   1 
ATOM   1438 N N    . SER A 1 180 ? -7.602  -6.506  -13.000 1.00 6.69  ? 181 SER A N    1 
ATOM   1439 C CA   . SER A 1 180 ? -8.330  -7.500  -12.231 1.00 8.01  ? 181 SER A CA   1 
ATOM   1440 C C    . SER A 1 180 ? -9.715  -6.983  -11.904 1.00 9.41  ? 181 SER A C    1 
ATOM   1441 O O    . SER A 1 180 ? -10.142 -5.956  -12.432 1.00 8.77  ? 181 SER A O    1 
ATOM   1442 C CB   . SER A 1 180 ? -7.586  -7.830  -10.941 1.00 8.11  ? 181 SER A CB   1 
ATOM   1443 O OG   . SER A 1 180 ? -7.387  -6.660  -10.164 1.00 6.50  ? 181 SER A OG   1 
ATOM   1444 N N    . SER A 1 181 ? -10.411 -7.704  -11.031 1.00 8.98  ? 182 SER A N    1 
ATOM   1445 C CA   . SER A 1 181 ? -11.722 -7.296  -10.555 1.00 9.52  ? 182 SER A CA   1 
ATOM   1446 C C    . SER A 1 181 ? -11.738 -7.443  -9.042  1.00 9.32  ? 182 SER A C    1 
ATOM   1447 O O    . SER A 1 181 ? -10.879 -8.107  -8.473  1.00 8.02  ? 182 SER A O    1 
ATOM   1448 C CB   . SER A 1 181 ? -12.810 -8.189  -11.165 1.00 13.05 ? 182 SER A CB   1 
ATOM   1449 O OG   . SER A 1 181 ? -12.800 -8.104  -12.593 1.00 10.08 ? 182 SER A OG   1 
ATOM   1450 N N    . GLY A 1 182 ? -12.708 -6.820  -8.386  1.00 9.41  ? 183 GLY A N    1 
ATOM   1451 C CA   . GLY A 1 182 ? -12.898 -7.047  -6.966  1.00 9.69  ? 183 GLY A CA   1 
ATOM   1452 C C    . GLY A 1 182 ? -13.743 -5.985  -6.304  1.00 9.45  ? 183 GLY A C    1 
ATOM   1453 O O    . GLY A 1 182 ? -14.317 -5.117  -6.954  1.00 10.14 ? 183 GLY A O    1 
ATOM   1454 N N    . SER A 1 183 ? -13.825 -6.065  -4.983  1.00 9.21  ? 184 SER A N    1 
ATOM   1455 C CA   . SER A 1 183 ? -14.427 -5.012  -4.179  1.00 9.62  ? 184 SER A CA   1 
ATOM   1456 C C    . SER A 1 183 ? -13.694 -4.931  -2.846  1.00 7.62  ? 184 SER A C    1 
ATOM   1457 O O    . SER A 1 183 ? -13.126 -5.925  -2.374  1.00 9.28  ? 184 SER A O    1 
ATOM   1458 C CB   . SER A 1 183 ? -15.923 -5.265  -3.954  1.00 11.18 ? 184 SER A CB   1 
ATOM   1459 O OG   . SER A 1 183 ? -16.143 -6.470  -3.236  1.00 15.02 ? 184 SER A OG   1 
ATOM   1460 N N    . ALA A 1 184 ? -13.690 -3.743  -2.258  1.00 8.30  ? 185 ALA A N    1 
ATOM   1461 C CA   . ALA A 1 184 ? -13.078 -3.530  -0.955  1.00 7.95  ? 185 ALA A CA   1 
ATOM   1462 C C    . ALA A 1 184 ? -13.782 -2.391  -0.227  1.00 7.98  ? 185 ALA A C    1 
ATOM   1463 O O    . ALA A 1 184 ? -14.274 -1.450  -0.843  1.00 9.25  ? 185 ALA A O    1 
ATOM   1464 C CB   . ALA A 1 184 ? -11.588 -3.226  -1.109  1.00 7.93  ? 185 ALA A CB   1 
ATOM   1465 N N    . SER A 1 185 ? -13.847 -2.487  1.094   1.00 8.10  ? 186 SER A N    1 
ATOM   1466 C CA   . SER A 1 185 ? -14.374 -1.414  1.921   1.00 7.35  ? 186 SER A CA   1 
ATOM   1467 C C    . SER A 1 185 ? -13.520 -1.391  3.171   1.00 8.30  ? 186 SER A C    1 
ATOM   1468 O O    . SER A 1 185 ? -13.552 -2.329  3.944   1.00 9.41  ? 186 SER A O    1 
ATOM   1469 C CB   . SER A 1 185 ? -15.834 -1.690  2.278   1.00 11.35 ? 186 SER A CB   1 
ATOM   1470 O OG   . SER A 1 185 ? -16.342 -0.673  3.129   1.00 18.08 ? 186 SER A OG   1 
ATOM   1471 N N    . ILE A 1 186 ? -12.743 -0.331  3.346   1.00 7.24  ? 187 ILE A N    1 
ATOM   1472 C CA   . ILE A 1 186 ? -11.728 -0.292  4.388   1.00 7.86  ? 187 ILE A CA   1 
ATOM   1473 C C    . ILE A 1 186 ? -11.817 1.000   5.186   1.00 8.32  ? 187 ILE A C    1 
ATOM   1474 O O    . ILE A 1 186 ? -11.955 2.092   4.620   1.00 8.14  ? 187 ILE A O    1 
ATOM   1475 C CB   . ILE A 1 186 ? -10.303 -0.391  3.775   1.00 7.06  ? 187 ILE A CB   1 
ATOM   1476 C CG1  . ILE A 1 186 ? -10.137 -1.693  2.970   1.00 9.53  ? 187 ILE A CG1  1 
ATOM   1477 C CG2  . ILE A 1 186 ? -9.239  -0.250  4.854   1.00 9.26  ? 187 ILE A CG2  1 
ATOM   1478 C CD1  . ILE A 1 186 ? -10.120 -2.948  3.795   1.00 10.31 ? 187 ILE A CD1  1 
ATOM   1479 N N    . THR A 1 187 ? -11.738 0.885   6.511   1.00 8.61  ? 188 THR A N    1 
ATOM   1480 C CA   . THR A 1 187 ? -11.697 2.056   7.378   1.00 8.89  ? 188 THR A CA   1 
ATOM   1481 C C    . THR A 1 187 ? -10.337 2.171   8.062   1.00 7.49  ? 188 THR A C    1 
ATOM   1482 O O    . THR A 1 187 ? -9.877  1.221   8.692   1.00 9.37  ? 188 THR A O    1 
ATOM   1483 C CB   . THR A 1 187 ? -12.820 2.018   8.443   1.00 11.15 ? 188 THR A CB   1 
ATOM   1484 O OG1  . THR A 1 187 ? -14.094 1.944   7.791   1.00 11.20 ? 188 THR A OG1  1 
ATOM   1485 C CG2  . THR A 1 187 ? -12.769 3.269   9.302   1.00 13.82 ? 188 THR A CG2  1 
ATOM   1486 N N    . VAL A 1 188 ? -9.711  3.338   7.932   1.00 8.84  ? 189 VAL A N    1 
ATOM   1487 C CA   . VAL A 1 188 ? -8.379  3.600   8.472   1.00 8.67  ? 189 VAL A CA   1 
ATOM   1488 C C    . VAL A 1 188 ? -8.460  4.509   9.697   1.00 13.79 ? 189 VAL A C    1 
ATOM   1489 O O    . VAL A 1 188 ? -9.330  5.378   9.775   1.00 14.59 ? 189 VAL A O    1 
ATOM   1490 C CB   . VAL A 1 188 ? -7.494  4.322   7.419   1.00 8.98  ? 189 VAL A CB   1 
ATOM   1491 C CG1  . VAL A 1 188 ? -6.101  4.584   7.975   1.00 12.08 ? 189 VAL A CG1  1 
ATOM   1492 C CG2  . VAL A 1 188 ? -7.403  3.505   6.119   1.00 10.03 ? 189 VAL A CG2  1 
ATOM   1493 N N    . SER A 1 189 ? -7.555  4.306   10.651  1.00 13.10 ? 190 SER A N    1 
ATOM   1494 C CA   . SER A 1 189 ? -7.349  5.272   11.728  1.00 13.67 ? 190 SER A CA   1 
ATOM   1495 C C    . SER A 1 189 ? -5.928  5.176   12.264  1.00 19.49 ? 190 SER A C    1 
ATOM   1496 O O    . SER A 1 189 ? -5.210  4.229   11.919  1.00 13.55 ? 190 SER A O    1 
ATOM   1497 C CB   . SER A 1 189 ? -8.362  5.068   12.852  1.00 15.04 ? 190 SER A CB   1 
ATOM   1498 O OG   . SER A 1 189 ? -8.205  3.793   13.448  1.00 17.08 ? 190 SER A OG   1 
ATOM   1499 O OXT  . SER A 1 189 ? -5.470  6.037   13.029  1.00 15.20 ? 190 SER A OXT  1 
HETATM 1500 I I    . IOD B 2 .   ? -9.772  -10.952 8.647   0.90 5.68  ? 500 IOD A I    1 
HETATM 1501 I I    . IOD C 2 .   ? 16.955  -5.253  -6.117  0.70 16.27 ? 501 IOD A I    1 
HETATM 1502 I I    . IOD D 2 .   ? 10.844  11.514  8.279   0.61 23.87 ? 502 IOD A I    1 
HETATM 1503 I I    . IOD E 2 .   ? -8.140  -13.877 -5.910  0.39 24.83 ? 503 IOD A I    1 
HETATM 1504 I I    . IOD F 2 .   ? 10.708  -2.225  -13.914 0.43 27.33 ? 504 IOD A I    1 
HETATM 1505 I I    . IOD G 2 .   ? -1.124  -8.609  17.906  0.40 37.94 ? 505 IOD A I    1 
HETATM 1506 O O    . HOH H 3 .   ? 16.230  6.164   -6.616  1.00 8.19  ? 601 HOH A O    1 
HETATM 1507 O O    . HOH H 3 .   ? 5.666   7.426   3.986   1.00 7.34  ? 602 HOH A O    1 
HETATM 1508 O O    . HOH H 3 .   ? -11.714 -8.095  8.138   1.00 6.71  ? 603 HOH A O    1 
HETATM 1509 O O    . HOH H 3 .   ? -1.658  -2.125  -1.782  1.00 6.69  ? 604 HOH A O    1 
HETATM 1510 O O    . HOH H 3 .   ? 15.989  4.336   -4.522  1.00 7.67  ? 605 HOH A O    1 
HETATM 1511 O O    . HOH H 3 .   ? -1.652  -5.505  -7.840  1.00 7.91  ? 606 HOH A O    1 
HETATM 1512 O O    . HOH H 3 .   ? 5.393   -13.815 3.267   1.00 7.85  ? 607 HOH A O    1 
HETATM 1513 O O    . HOH H 3 .   ? -0.505  0.095   -3.034  1.00 7.92  ? 608 HOH A O    1 
HETATM 1514 O O    . HOH H 3 .   ? 12.166  12.254  -14.165 1.00 6.78  ? 609 HOH A O    1 
HETATM 1515 O O    . HOH H 3 .   ? -6.062  -10.291 -12.523 1.00 8.54  ? 610 HOH A O    1 
HETATM 1516 O O    . HOH H 3 .   ? 14.150  1.604   7.024   1.00 7.20  ? 611 HOH A O    1 
HETATM 1517 O O    . HOH H 3 .   ? 11.733  -4.971  14.090  1.00 12.95 ? 612 HOH A O    1 
HETATM 1518 O O    . HOH H 3 .   ? -7.978  -13.710 7.664   1.00 8.53  ? 613 HOH A O    1 
HETATM 1519 O O    . HOH H 3 .   ? -14.531 -0.710  7.186   1.00 13.57 ? 614 HOH A O    1 
HETATM 1520 O O    . HOH H 3 .   ? 17.122  1.872   -7.418  1.00 11.69 ? 615 HOH A O    1 
HETATM 1521 O O    . HOH H 3 .   ? -4.696  -14.588 9.145   1.00 10.14 ? 616 HOH A O    1 
HETATM 1522 O O    . HOH H 3 .   ? 4.071   -5.066  -7.779  1.00 9.55  ? 617 HOH A O    1 
HETATM 1523 O O    . HOH H 3 .   ? 13.587  -6.043  -9.061  1.00 13.19 ? 618 HOH A O    1 
HETATM 1524 O O    . HOH H 3 .   ? 8.819   -9.635  -7.180  1.00 9.69  ? 619 HOH A O    1 
HETATM 1525 O O    . HOH H 3 .   ? -9.030  -11.022 4.676   1.00 12.00 ? 620 HOH A O    1 
HETATM 1526 O O    . HOH H 3 .   ? -9.148  3.408   -14.950 1.00 15.80 ? 621 HOH A O    1 
HETATM 1527 O O    . HOH H 3 .   ? -16.516 2.579   -5.224  1.00 11.70 ? 622 HOH A O    1 
HETATM 1528 O O    . HOH H 3 .   ? 2.191   -15.413 -6.705  1.00 13.58 ? 623 HOH A O    1 
HETATM 1529 O O    . HOH H 3 .   ? 14.716  -8.670  -5.787  1.00 13.02 ? 624 HOH A O    1 
HETATM 1530 O O    . HOH H 3 .   ? -16.458 -9.797  2.289   1.00 11.70 ? 625 HOH A O    1 
HETATM 1531 O O    . HOH H 3 .   ? 16.671  7.398   -12.022 1.00 12.40 ? 626 HOH A O    1 
HETATM 1532 O O    . HOH H 3 .   ? 6.078   -13.955 0.505   1.00 8.56  ? 627 HOH A O    1 
HETATM 1533 O O    . HOH H 3 .   ? 5.807   10.162  -12.784 1.00 13.99 ? 628 HOH A O    1 
HETATM 1534 O O    . HOH H 3 .   ? 6.256   -6.819  -7.506  1.00 9.93  ? 629 HOH A O    1 
HETATM 1535 O O    . HOH H 3 .   ? -1.746  8.424   13.121  1.00 13.50 ? 630 HOH A O    1 
HETATM 1536 O O    . HOH H 3 .   ? -14.594 -0.977  11.529  1.00 15.02 ? 631 HOH A O    1 
HETATM 1537 O O    . HOH H 3 .   ? 3.486   13.174  -3.046  1.00 17.80 ? 632 HOH A O    1 
HETATM 1538 O O    . HOH H 3 .   ? 18.718  4.481   -3.467  1.00 15.48 ? 633 HOH A O    1 
HETATM 1539 O O    . HOH H 3 .   ? 0.355   -2.393  15.997  1.00 14.31 ? 634 HOH A O    1 
HETATM 1540 O O    . HOH H 3 .   ? 3.297   -16.205 10.718  1.00 15.55 ? 635 HOH A O    1 
HETATM 1541 O O    . HOH H 3 .   ? 6.016   1.402   -8.832  1.00 8.52  ? 636 HOH A O    1 
HETATM 1542 O O    . HOH H 3 .   ? 5.763   3.186   -10.969 1.00 11.28 ? 637 HOH A O    1 
HETATM 1543 O O    . HOH H 3 .   ? 10.313  -17.389 2.827   1.00 15.12 ? 638 HOH A O    1 
HETATM 1544 O O    . HOH H 3 .   ? 11.266  -15.260 11.944  1.00 18.13 ? 639 HOH A O    1 
HETATM 1545 O O    . HOH H 3 .   ? 7.146   15.714  -5.675  1.00 14.56 ? 640 HOH A O    1 
HETATM 1546 O O    . HOH H 3 .   ? 7.837   -14.931 -2.635  1.00 14.43 ? 641 HOH A O    1 
HETATM 1547 O O    . HOH H 3 .   ? 1.580   8.564   -6.115  1.00 17.40 ? 642 HOH A O    1 
HETATM 1548 O O    . HOH H 3 .   ? 19.424  -12.344 1.957   1.00 12.97 ? 643 HOH A O    1 
HETATM 1549 O O    . HOH H 3 .   ? 15.880  3.756   7.456   1.00 13.64 ? 644 HOH A O    1 
HETATM 1550 O O    . HOH H 3 .   ? 1.767   -14.102 1.975   1.00 13.46 ? 645 HOH A O    1 
HETATM 1551 O O    . HOH H 3 .   ? 1.435   11.642  10.034  1.00 16.31 ? 646 HOH A O    1 
HETATM 1552 O O    . HOH H 3 .   ? 4.993   -18.319 9.974   1.00 16.62 ? 647 HOH A O    1 
HETATM 1553 O O    . HOH H 3 .   ? -1.104  -5.593  16.697  1.00 15.33 ? 648 HOH A O    1 
HETATM 1554 O O    . HOH H 3 .   ? 8.156   13.869  6.262   1.00 15.19 ? 649 HOH A O    1 
HETATM 1555 O O    . HOH H 3 .   ? -3.354  -12.931 11.074  1.00 9.96  ? 650 HOH A O    1 
HETATM 1556 O O    . HOH H 3 .   ? -7.306  1.241   -14.314 1.00 12.51 ? 651 HOH A O    1 
HETATM 1557 O O    . HOH H 3 .   ? 8.304   9.010   14.095  1.00 17.69 ? 652 HOH A O    1 
HETATM 1558 O O    . HOH H 3 .   ? 0.473   5.826   16.130  1.00 17.14 ? 653 HOH A O    1 
HETATM 1559 O O    . HOH H 3 .   ? 4.497   -2.268  -7.247  1.00 12.08 ? 654 HOH A O    1 
HETATM 1560 O O    . HOH H 3 .   ? 7.528   -17.327 3.362   1.00 16.95 ? 655 HOH A O    1 
HETATM 1561 O O    . HOH H 3 .   ? -2.735  5.953   13.709  1.00 16.18 ? 656 HOH A O    1 
HETATM 1562 O O    . HOH H 3 .   ? -2.276  -16.091 -4.425  1.00 20.93 ? 657 HOH A O    1 
HETATM 1563 O O    . HOH H 3 .   ? 2.362   -16.799 -1.892  1.00 19.94 ? 658 HOH A O    1 
HETATM 1564 O O    . HOH H 3 .   ? -0.203  -3.385  -9.383  1.00 17.47 ? 659 HOH A O    1 
HETATM 1565 O O    . HOH H 3 .   ? 17.669  -14.500 -0.054  1.00 20.06 ? 660 HOH A O    1 
HETATM 1566 O O    . HOH H 3 .   ? 1.563   -6.918  -10.273 1.00 15.83 ? 661 HOH A O    1 
HETATM 1567 O O    . HOH H 3 .   ? -3.061  -16.683 4.942   1.00 19.02 ? 662 HOH A O    1 
HETATM 1568 O O    . HOH H 3 .   ? 13.477  3.741   11.140  1.00 23.17 ? 663 HOH A O    1 
HETATM 1569 O O    . HOH H 3 .   ? -3.911  -17.402 8.729   1.00 21.86 ? 664 HOH A O    1 
HETATM 1570 O O    . HOH H 3 .   ? 3.486   8.060   -8.415  1.00 24.29 ? 665 HOH A O    1 
HETATM 1571 O O    . HOH H 3 .   ? 14.189  -8.691  11.423  1.00 18.96 ? 666 HOH A O    1 
HETATM 1572 O O    . HOH H 3 .   ? 14.692  5.777   8.830   1.00 20.25 ? 667 HOH A O    1 
HETATM 1573 O O    . HOH H 3 .   ? -3.776  0.595   -19.393 1.00 24.75 ? 668 HOH A O    1 
HETATM 1574 O O    . HOH H 3 .   ? -7.857  13.647  -12.472 1.00 24.03 ? 669 HOH A O    1 
HETATM 1575 O O    . HOH H 3 .   ? -11.863 3.601   -13.959 1.00 18.38 ? 670 HOH A O    1 
HETATM 1576 O O    . HOH H 3 .   ? 10.442  10.147  -18.732 1.00 21.79 ? 671 HOH A O    1 
HETATM 1577 O O    . HOH H 3 .   ? 8.003   -4.809  -8.378  1.00 15.50 ? 672 HOH A O    1 
HETATM 1578 O O    . HOH H 3 .   ? 14.245  -18.185 4.293   1.00 17.89 ? 673 HOH A O    1 
HETATM 1579 O O    . HOH H 3 .   ? -0.841  0.119   -17.036 1.00 23.35 ? 674 HOH A O    1 
HETATM 1580 O O    . HOH H 3 .   ? -16.566 -1.794  5.553   1.00 21.23 ? 675 HOH A O    1 
HETATM 1581 O O    . HOH H 3 .   ? -8.052  -13.609 2.723   1.00 20.45 ? 676 HOH A O    1 
HETATM 1582 O O    . HOH H 3 .   ? 6.435   -8.204  -9.833  1.00 15.93 ? 677 HOH A O    1 
HETATM 1583 O O    . HOH H 3 .   ? 20.595  3.834   -5.464  1.00 17.56 ? 678 HOH A O    1 
HETATM 1584 O O    . HOH H 3 .   ? 10.791  -9.010  -8.685  1.00 19.72 ? 679 HOH A O    1 
HETATM 1585 O O    . HOH H 3 .   ? 13.338  -8.605  -8.182  1.00 17.34 ? 680 HOH A O    1 
HETATM 1586 O O    . HOH H 3 .   ? 14.033  1.118   -19.109 1.00 31.03 ? 681 HOH A O    1 
HETATM 1587 O O    . HOH H 3 .   ? 19.460  1.479   1.624   1.00 20.55 ? 682 HOH A O    1 
HETATM 1588 O O    . HOH H 3 .   ? -14.674 -9.999  -5.739  1.00 21.35 ? 683 HOH A O    1 
HETATM 1589 O O    . HOH H 3 .   ? -15.073 -9.525  -8.628  1.00 21.95 ? 684 HOH A O    1 
HETATM 1590 O O    . HOH H 3 .   ? -4.908  16.197  -6.808  1.00 25.51 ? 685 HOH A O    1 
HETATM 1591 O O    . HOH H 3 .   ? 13.740  -18.650 8.075   1.00 27.50 ? 686 HOH A O    1 
HETATM 1592 O O    . HOH H 3 .   ? 8.061   -15.269 15.025  1.00 21.64 ? 687 HOH A O    1 
HETATM 1593 O O    . HOH H 3 .   ? -10.183 13.850  -6.386  1.00 21.27 ? 688 HOH A O    1 
HETATM 1594 O O    . HOH H 3 .   ? 0.415   -2.175  -17.990 1.00 22.26 ? 689 HOH A O    1 
HETATM 1595 O O    . HOH H 3 .   ? 4.972   2.046   14.893  1.00 17.76 ? 690 HOH A O    1 
HETATM 1596 O O    . HOH H 3 .   ? 10.214  -18.579 9.758   1.00 22.13 ? 691 HOH A O    1 
HETATM 1597 O O    . HOH H 3 .   ? -14.070 6.871   -9.046  1.00 19.83 ? 692 HOH A O    1 
HETATM 1598 O O    . HOH H 3 .   ? 1.088   -15.904 -9.393  1.00 22.96 ? 693 HOH A O    1 
HETATM 1599 O O    . HOH H 3 .   ? -4.154  -14.940 -1.811  1.00 20.29 ? 694 HOH A O    1 
HETATM 1600 O O    . HOH H 3 .   ? -6.392  8.363   13.154  1.00 17.85 ? 695 HOH A O    1 
HETATM 1601 O O    . HOH H 3 .   ? 16.582  -4.031  -11.847 1.00 18.51 ? 696 HOH A O    1 
HETATM 1602 O O    . HOH H 3 .   ? -2.012  6.712   16.276  1.00 25.61 ? 697 HOH A O    1 
HETATM 1603 O O    . HOH H 3 .   ? -13.443 -13.174 -1.646  1.00 28.21 ? 698 HOH A O    1 
HETATM 1604 O O    . HOH H 3 .   ? 8.618   14.251  2.289   1.00 22.15 ? 699 HOH A O    1 
HETATM 1605 O O    . HOH H 3 .   ? -16.350 3.063   8.743   1.00 23.74 ? 700 HOH A O    1 
HETATM 1606 O O    . HOH H 3 .   ? 11.233  3.751   12.942  1.00 22.27 ? 701 HOH A O    1 
HETATM 1607 O O    . HOH H 3 .   ? -3.877  10.386  -9.108  1.00 21.43 ? 702 HOH A O    1 
HETATM 1608 O O    . HOH H 3 .   ? 15.415  7.153   -14.576 1.00 18.46 ? 703 HOH A O    1 
HETATM 1609 O O    . HOH H 3 .   ? 3.210   3.169   -11.900 1.00 24.42 ? 704 HOH A O    1 
HETATM 1610 O O    . HOH H 3 .   ? 18.469  3.569   8.296   1.00 24.68 ? 705 HOH A O    1 
HETATM 1611 O O    . HOH H 3 .   ? 11.247  -14.894 -3.593  1.00 22.60 ? 706 HOH A O    1 
HETATM 1612 O O    . HOH H 3 .   ? 4.223   5.816   -9.277  1.00 25.08 ? 707 HOH A O    1 
HETATM 1613 O O    . HOH H 3 .   ? 6.182   -16.829 0.941   1.00 23.40 ? 708 HOH A O    1 
HETATM 1614 O O    . HOH H 3 .   ? 9.802   -17.212 13.443  1.00 26.94 ? 709 HOH A O    1 
HETATM 1615 O O    . HOH H 3 .   ? 3.474   9.391   -11.099 1.00 28.24 ? 710 HOH A O    1 
HETATM 1616 O O    . HOH H 3 .   ? 5.293   2.412   17.042  1.00 23.19 ? 711 HOH A O    1 
HETATM 1617 O O    . HOH H 3 .   ? 4.992   15.386  2.494   1.00 22.96 ? 712 HOH A O    1 
HETATM 1618 O O    . HOH H 3 .   ? 7.970   5.126   -17.506 1.00 25.25 ? 713 HOH A O    1 
HETATM 1619 O O    . HOH H 3 .   ? 16.234  12.075  3.883   1.00 16.04 ? 714 HOH A O    1 
HETATM 1620 O O    . HOH H 3 .   ? -12.750 6.293   -11.254 1.00 24.02 ? 715 HOH A O    1 
HETATM 1621 O O    . HOH H 3 .   ? -19.006 11.873  -7.734  1.00 20.82 ? 716 HOH A O    1 
HETATM 1622 O O    . HOH H 3 .   ? 4.546   -1.304  -9.514  1.00 24.89 ? 717 HOH A O    1 
HETATM 1623 O O    . HOH H 3 .   ? -10.897 -12.738 -2.920  1.00 25.73 ? 718 HOH A O    1 
HETATM 1624 O O    . HOH H 3 .   ? 12.047  -2.924  16.410  1.00 29.01 ? 719 HOH A O    1 
HETATM 1625 O O    . HOH H 3 .   ? -5.548  -14.561 0.809   1.00 21.61 ? 720 HOH A O    1 
HETATM 1626 O O    . HOH H 3 .   ? 17.922  3.648   -14.750 1.00 19.02 ? 721 HOH A O    1 
HETATM 1627 O O    . HOH H 3 .   ? -17.081 4.676   1.208   1.00 13.04 ? 722 HOH A O    1 
HETATM 1628 O O    . HOH H 3 .   ? -9.840  0.346   12.020  1.00 14.36 ? 723 HOH A O    1 
HETATM 1629 O O    . HOH H 3 .   ? -16.976 -4.820  5.918   1.00 15.61 ? 724 HOH A O    1 
HETATM 1630 O O    . HOH H 3 .   ? -12.625 2.769   13.111  1.00 23.38 ? 725 HOH A O    1 
HETATM 1631 O O    . HOH H 3 .   ? -9.225  -13.832 5.130   1.00 15.76 ? 726 HOH A O    1 
HETATM 1632 O O    . HOH H 3 .   ? 3.944   -6.724  17.331  1.00 16.18 ? 727 HOH A O    1 
HETATM 1633 O O    . HOH H 3 .   ? -4.091  10.129  12.916  1.00 18.60 ? 728 HOH A O    1 
HETATM 1634 O O    . HOH H 3 .   ? 13.439  15.118  1.375   1.00 16.87 ? 729 HOH A O    1 
HETATM 1635 O O    . HOH H 3 .   ? 15.900  14.856  2.812   1.00 16.63 ? 730 HOH A O    1 
HETATM 1636 O O    . HOH H 3 .   ? -0.449  10.422  -5.408  1.00 22.75 ? 731 HOH A O    1 
HETATM 1637 O O    . HOH H 3 .   ? -2.273  6.427   -5.148  1.00 22.35 ? 732 HOH A O    1 
HETATM 1638 O O    . HOH H 3 .   ? 3.741   -15.836 2.333   1.00 19.16 ? 733 HOH A O    1 
HETATM 1639 O O    . HOH H 3 .   ? 5.109   16.024  -0.202  1.00 22.81 ? 734 HOH A O    1 
HETATM 1640 O O    . HOH H 3 .   ? -13.763 13.194  -1.688  1.00 28.63 ? 735 HOH A O    1 
HETATM 1641 O O    . HOH H 3 .   ? 0.552   15.681  -1.484  1.00 22.86 ? 736 HOH A O    1 
HETATM 1642 O O    . HOH H 3 .   ? 1.824   5.241   -15.890 1.00 25.01 ? 737 HOH A O    1 
HETATM 1643 O O    . HOH H 3 .   ? 3.221   -4.678  17.687  1.00 25.23 ? 738 HOH A O    1 
HETATM 1644 O O    . HOH H 3 .   ? 15.992  10.801  6.552   1.00 26.83 ? 739 HOH A O    1 
HETATM 1645 O O    . HOH H 3 .   ? -10.752 8.549   12.505  1.00 23.28 ? 740 HOH A O    1 
HETATM 1646 O O    . HOH H 3 .   ? -14.918 1.791   12.805  1.00 27.73 ? 741 HOH A O    1 
HETATM 1647 O O    . HOH H 3 .   ? -16.903 11.749  8.988   1.00 26.44 ? 742 HOH A O    1 
HETATM 1648 O O    . HOH H 3 .   ? -14.967 5.535   -13.331 1.00 24.44 ? 743 HOH A O    1 
HETATM 1649 O O    . HOH H 3 .   ? 15.803  -8.366  -2.471  1.00 21.50 ? 744 HOH A O    1 
HETATM 1650 O O    . HOH H 3 .   ? 14.131  9.939   10.451  1.00 27.71 ? 745 HOH A O    1 
HETATM 1651 O O    . HOH H 3 .   ? 1.023   12.573  -4.173  1.00 24.15 ? 746 HOH A O    1 
HETATM 1652 O O    . HOH H 3 .   ? -16.911 -8.565  -4.903  1.00 26.18 ? 747 HOH A O    1 
HETATM 1653 O O    . HOH H 3 .   ? -0.125  14.892  -3.929  1.00 22.43 ? 748 HOH A O    1 
HETATM 1654 O O    . HOH H 3 .   ? 4.319   13.886  -6.059  1.00 25.61 ? 749 HOH A O    1 
HETATM 1655 O O    . HOH H 3 .   ? 6.878   -19.644 5.023   1.00 28.36 ? 750 HOH A O    1 
HETATM 1656 O O    . HOH H 3 .   ? 2.558   -5.359  -12.324 1.00 31.33 ? 751 HOH A O    1 
HETATM 1657 O O    . HOH H 3 .   ? 23.493  -3.040  2.576   1.00 25.07 ? 752 HOH A O    1 
HETATM 1658 O O    . HOH H 3 .   ? -12.027 -0.593  -19.984 1.00 30.47 ? 753 HOH A O    1 
HETATM 1659 O O    . HOH H 3 .   ? 3.479   5.478   17.956  1.00 27.27 ? 754 HOH A O    1 
HETATM 1660 O O    . HOH H 3 .   ? -11.517 6.349   10.808  1.00 24.97 ? 755 HOH A O    1 
HETATM 1661 O O    . HOH H 3 .   ? -4.888  8.886   -12.577 1.00 24.34 ? 756 HOH A O    1 
HETATM 1662 O O    . HOH H 3 .   ? -8.717  18.089  -0.784  1.00 30.93 ? 757 HOH A O    1 
HETATM 1663 O O    . HOH H 3 .   ? 1.169   -1.753  18.632  1.00 26.74 ? 758 HOH A O    1 
HETATM 1664 O O    . HOH H 3 .   ? -3.062  17.187  -1.724  1.00 30.40 ? 759 HOH A O    1 
HETATM 1665 O O    . HOH H 3 .   ? 22.072  1.533   -4.964  1.00 27.35 ? 760 HOH A O    1 
HETATM 1666 O O    . HOH H 3 .   ? 13.679  -4.213  -12.451 1.00 24.63 ? 761 HOH A O    1 
HETATM 1667 O O    . HOH H 3 .   ? -12.893 -2.478  -18.332 1.00 27.66 ? 762 HOH A O    1 
HETATM 1668 O O    . HOH H 3 .   ? -5.776  5.124   15.869  1.00 28.45 ? 763 HOH A O    1 
HETATM 1669 O O    . HOH H 3 .   ? -16.016 5.519   9.268   1.00 26.65 ? 764 HOH A O    1 
HETATM 1670 O O    . HOH H 3 .   ? 16.207  -6.020  -9.748  1.00 28.04 ? 765 HOH A O    1 
HETATM 1671 O O    . HOH H 3 .   ? 15.973  -3.870  14.293  1.00 25.59 ? 766 HOH A O    1 
HETATM 1672 O O    . HOH H 3 .   ? -16.350 -6.446  -9.332  1.00 29.25 ? 767 HOH A O    1 
HETATM 1673 O O    . HOH H 3 .   ? 9.502   -16.461 -5.449  1.00 28.21 ? 768 HOH A O    1 
HETATM 1674 O O    . HOH H 3 .   ? 13.021  -7.697  13.403  1.00 28.46 ? 769 HOH A O    1 
HETATM 1675 O O    . HOH H 3 .   ? -14.083 16.388  3.989   1.00 26.95 ? 770 HOH A O    1 
HETATM 1676 O O    . HOH H 3 .   ? 1.340   -17.420 3.625   1.00 28.67 ? 771 HOH A O    1 
HETATM 1677 O O    . HOH H 3 .   ? 2.449   3.086   -14.379 1.00 26.91 ? 772 HOH A O    1 
HETATM 1678 O O    . HOH H 3 .   ? -4.099  11.944  -11.162 1.00 30.07 ? 773 HOH A O    1 
HETATM 1679 O O    . HOH H 3 .   ? 20.455  -2.846  -7.784  1.00 29.53 ? 774 HOH A O    1 
HETATM 1680 O O    . HOH H 3 .   ? 4.200   1.566   19.466  1.00 32.33 ? 775 HOH A O    1 
HETATM 1681 O O    . HOH H 3 .   ? -13.231 15.276  0.018   1.00 29.44 ? 776 HOH A O    1 
HETATM 1682 O O    . HOH H 3 .   ? 10.732  7.324   14.825  1.00 30.05 ? 777 HOH A O    1 
HETATM 1683 O O    . HOH H 3 .   ? -1.399  11.443  -7.968  1.00 30.83 ? 778 HOH A O    1 
HETATM 1684 O O    . HOH H 3 .   ? -14.635 -12.759 -5.415  1.00 33.32 ? 779 HOH A O    1 
HETATM 1685 O O    . HOH H 3 .   ? 5.947   -4.631  18.854  1.00 26.57 ? 780 HOH A O    1 
HETATM 1686 O O    . HOH H 3 .   ? 3.802   15.492  -4.062  1.00 31.17 ? 781 HOH A O    1 
HETATM 1687 O O    . HOH H 3 .   ? 3.457   -18.175 3.842   1.00 28.57 ? 782 HOH A O    1 
HETATM 1688 O O    . HOH H 3 .   ? -13.036 14.283  -4.039  1.00 31.15 ? 783 HOH A O    1 
HETATM 1689 O O    . HOH H 3 .   ? 12.990  -3.984  -15.013 1.00 37.45 ? 784 HOH A O    1 
HETATM 1690 O O    . HOH H 3 .   ? -16.258 12.919  -1.384  1.00 32.74 ? 785 HOH A O    1 
HETATM 1691 O O    . HOH H 3 .   ? 5.724   -15.901 -4.473  1.00 24.07 ? 786 HOH A O    1 
HETATM 1692 O O    . HOH H 3 .   ? -3.096  3.723   16.561  1.00 28.14 ? 787 HOH A O    1 
HETATM 1693 O O    . HOH H 3 .   ? 2.212   12.495  -7.045  1.00 31.95 ? 788 HOH A O    1 
HETATM 1694 O O    . HOH H 3 .   ? -5.048  1.724   -20.538 1.00 31.68 ? 789 HOH A O    1 
HETATM 1695 O O    . HOH H 3 .   ? 11.121  -19.747 1.947   1.00 34.26 ? 790 HOH A O    1 
HETATM 1696 O O    . HOH H 3 .   ? -1.414  17.140  -0.080  1.00 28.73 ? 791 HOH A O    1 
HETATM 1697 O O    . HOH H 3 .   ? 0.001   -17.059 0.107   1.00 31.54 ? 792 HOH A O    1 
HETATM 1698 O O    . HOH H 3 .   ? 0.991   0.910   -15.041 1.00 28.63 ? 793 HOH A O    1 
HETATM 1699 O O    . HOH H 3 .   ? 2.515   -5.449  10.890  1.00 5.42  ? 794 HOH A O    1 
HETATM 1700 O O    . HOH H 3 .   ? -2.159  -10.090 -6.479  1.00 5.66  ? 795 HOH A O    1 
HETATM 1701 O O    . HOH H 3 .   ? -18.879 11.403  3.754   1.00 30.14 ? 796 HOH A O    1 
HETATM 1702 O O    . HOH H 3 .   ? 3.381   -10.720 17.281  1.00 14.23 ? 797 HOH A O    1 
HETATM 1703 O O    . HOH H 3 .   ? 1.895   13.422  12.977  1.00 27.19 ? 798 HOH A O    1 
HETATM 1704 O O    . HOH H 3 .   ? 8.860   -6.559  15.394  1.00 27.18 ? 799 HOH A O    1 
HETATM 1705 O O    . HOH H 3 .   ? -9.239  7.041   -22.082 1.00 39.21 ? 800 HOH A O    1 
HETATM 1706 O O    . HOH H 3 .   ? 19.502  3.961   -0.908  1.00 28.20 ? 801 HOH A O    1 
HETATM 1707 O O    . HOH H 3 .   ? -13.563 6.193   10.612  1.00 31.36 ? 802 HOH A O    1 
HETATM 1708 O O    . HOH H 3 .   ? -18.672 -6.301  4.828   1.00 30.53 ? 803 HOH A O    1 
HETATM 1709 O O    . HOH H 3 .   ? 6.252   9.254   -15.204 1.00 29.53 ? 804 HOH A O    1 
HETATM 1710 O O    . HOH H 3 .   ? -9.565  -15.250 -8.509  1.00 30.40 ? 805 HOH A O    1 
HETATM 1711 O O    . HOH H 3 .   ? -0.434  6.021   -6.841  1.00 34.19 ? 806 HOH A O    1 
HETATM 1712 O O    . HOH H 3 .   ? 16.890  8.553   6.767   1.00 30.13 ? 807 HOH A O    1 
HETATM 1713 O O    . HOH H 3 .   ? 4.900   2.090   -16.305 1.00 31.60 ? 808 HOH A O    1 
HETATM 1714 O O    . HOH H 3 .   ? -2.791  7.696   -16.089 1.00 35.30 ? 809 HOH A O    1 
HETATM 1715 O O    . HOH H 3 .   ? 6.664   16.312  4.447   1.00 29.86 ? 810 HOH A O    1 
HETATM 1716 O O    . HOH H 3 .   ? 2.466   0.612   -10.361 1.00 29.06 ? 811 HOH A O    1 
HETATM 1717 O O    . HOH H 3 .   ? -17.649 -4.942  -7.453  1.00 31.02 ? 812 HOH A O    1 
HETATM 1718 O O    . HOH H 3 .   ? -8.182  15.621  -5.944  1.00 31.53 ? 813 HOH A O    1 
HETATM 1719 O O    . HOH H 3 .   ? 15.191  -7.692  14.737  1.00 31.79 ? 814 HOH A O    1 
HETATM 1720 O O    . HOH H 3 .   ? 9.047   6.279   -19.654 1.00 36.76 ? 815 HOH A O    1 
HETATM 1721 O O    . HOH H 3 .   ? -6.255  10.876  -14.223 1.00 36.39 ? 816 HOH A O    1 
HETATM 1722 O O    . HOH H 3 .   ? -1.084  10.959  -12.750 1.00 39.24 ? 817 HOH A O    1 
HETATM 1723 O O    . HOH H 3 .   ? 0.400   -18.624 7.701   1.00 29.27 ? 818 HOH A O    1 
HETATM 1724 O O    . HOH H 3 .   ? 10.970  -9.637  14.620  1.00 14.46 ? 819 HOH A O    1 
HETATM 1725 O O    . HOH H 3 .   ? -16.178 -0.684  -11.796 1.00 19.95 ? 820 HOH A O    1 
HETATM 1726 O O    . HOH H 3 .   ? 10.161  -16.071 0.215   1.00 15.98 ? 821 HOH A O    1 
HETATM 1727 O O    . HOH H 3 .   ? 10.863  -12.562 12.734  1.00 18.94 ? 822 HOH A O    1 
HETATM 1728 O O    . HOH H 3 .   ? 20.994  -10.028 0.974   1.00 19.41 ? 823 HOH A O    1 
# 
